data_6ERH
#
_entry.id   6ERH
#
_cell.length_a   111.847
_cell.length_b   118.925
_cell.length_c   128.219
_cell.angle_alpha   90.000
_cell.angle_beta   93.110
_cell.angle_gamma   90.000
#
_symmetry.space_group_name_H-M   'P 1 21 1'
#
loop_
_entity.id
_entity.type
_entity.pdbx_description
1 polymer 'X-ray repair cross-complementing protein 6'
2 polymer 'X-ray repair cross-complementing protein 5'
3 polymer 'DNA (34-MER)'
4 polymer 'DNA (21-MER)'
5 polymer 'Non-homologous end-joining factor 1'
6 non-polymer 'SULFATE ION'
7 water water
#
loop_
_entity_poly.entity_id
_entity_poly.type
_entity_poly.pdbx_seq_one_letter_code
_entity_poly.pdbx_strand_id
1 'polypeptide(L)'
;MSGWESYYKTEGDEEAEEEQEENLEASGDYKYSGRDSLIFLVDASKAMFESQSEDELTPFDMSIQCIQSVYISKIISSDR
DLLAVVFYGTEKDKNSVNFKNIYVLQELDNPGAKRILELDQFKGQQGQKRFQDMMGHGSDYSLSEVLWVCANLFSDVQFK
MSHKRIMLFTNEDNPHGNDSAKASRARTKAGDLRDTGIFLDLMHLKKPGGFDISLFYRDIISIAEDEDLRVHFEESSKLE
DLLRKVRAKETRKRALSRLKLKLNKDIVISVGIYNLVQKALKPPPIKLYRETNEPVKTKTRTFNTSTGGLLLPSDTKRSQ
IYGSRQIILEKEETEELKRFDDPGLMLMGFKPLVLLKKHHYLRPSLFVYPEESLVIGSSTLFSALLIKCLEKEVAALCRY
TPRRNIPPYFVALVPQEEELDDQKIQVTPPGFQLVFLPFADDKRKMPFTEKIMATPEQVGKMKAIVEKLRFTYRSDSFEN
PVLQQHFRNLEALALDLMEPEQAVDLTLPKVEAMNKRLGSLVDEFKELVYPPDYNPEGKVTKRK
;
A,C
2 'polypeptide(L)'
;MHHHHHHHHHHENLYFQGVRSGNKAAVVLCMDVGFTMSNSIPGIESPFEQAKKVITMFVQRQVFAENKDEIALVLFGTDG
TDNPLSGGDQYQNITVHRHLMLPDFDLLEDIESKIQPGSQQADFLDALIVSMDVIQHETIGKKFEKRHIEIFTDLSSRFS
KSQLDIIIHSLKKCDISLQFFLPFSLGKEDGSGDRGDGPFRLGGHGPSFPLKGITEQQKEGLEIVKMVMISLEGEDGLDE
IYSFSESLRKLCVFKKIERHSIHWPCRLTIGSNLSIRIAAYKSILQERVKKTWTVVDAKTLKKEDIQKETVYCLNDDDET
EVLKEDIIQGFRYGSDIVPFSKVDEEQMKYKSEGKCFSVLGFCKSSQVQRRFFMGNQVLKVFAARDDEAAAVALSSLIHA
LDDLDMVAIVRYAYDKRANPQVGVAFPHIKHNYECLVYVQLPFMEDLRQYMFSSLKNSKKYAPTEAQLNAVDALIDSMSL
AKKDEKTDTLEDLFPTTKIPNPRFQRLFQCLLHRALHPREPLPPIQQHIWNMLNPPAEVTTKSQIPLSKIKTLFPLIEAK
KKDQVTAQEIFQ
;
B,D
3 'polydeoxyribonucleotide'
;(DC)(DG)(DC)(DG)(DC)(DC)(DC)(DA)(DG)(DC)(DT)(DT)(DT)(DC)(DC)(DC)(DA)(DG)(DC)(DT)
(DA)(DA)(DT)(DA)(DA)(DA)(DC)(DT)(DA)(DA)(DA)(DA)(DA)(DC)
;
F,O
4 'polydeoxyribonucleotide'
;(DG)(DT)(DT)(DT)(DT)(DT)(DA)(DG)(DT)(DT)(DT)(DA)(DT)(DT)(DG)(DG)(DG)(DC)(DG)(DC)
(DG)
;
K,R
5 'polypeptide(L)' LQRPQLSKVKRKKPRGLFS M,T
#
# COMPACT_ATOMS: atom_id res chain seq x y z
N GLY A 34 26.73 -11.81 1.85
CA GLY A 34 27.30 -10.52 1.49
C GLY A 34 28.14 -10.55 0.23
N ARG A 35 28.53 -11.76 -0.23
CA ARG A 35 29.36 -11.98 -1.42
C ARG A 35 28.54 -12.67 -2.49
N ASP A 36 28.32 -12.00 -3.63
CA ASP A 36 27.59 -12.60 -4.73
C ASP A 36 28.50 -13.56 -5.47
N SER A 37 27.90 -14.53 -6.18
CA SER A 37 28.62 -15.54 -6.90
C SER A 37 28.25 -15.57 -8.37
N LEU A 38 29.27 -15.64 -9.23
CA LEU A 38 29.10 -15.71 -10.67
C LEU A 38 29.93 -16.83 -11.27
N ILE A 39 29.25 -17.79 -11.90
CA ILE A 39 29.89 -18.93 -12.56
C ILE A 39 29.85 -18.72 -14.07
N PHE A 40 31.01 -18.70 -14.70
CA PHE A 40 31.09 -18.56 -16.15
C PHE A 40 31.13 -19.96 -16.73
N LEU A 41 30.10 -20.31 -17.50
CA LEU A 41 29.97 -21.63 -18.12
C LEU A 41 30.21 -21.50 -19.62
N VAL A 42 31.27 -22.16 -20.12
CA VAL A 42 31.68 -22.07 -21.54
C VAL A 42 31.51 -23.37 -22.31
N ASP A 43 30.88 -23.29 -23.48
CA ASP A 43 30.68 -24.42 -24.38
C ASP A 43 31.99 -24.71 -25.10
N ALA A 44 32.38 -25.99 -25.16
CA ALA A 44 33.60 -26.40 -25.85
C ALA A 44 33.30 -27.26 -27.09
N SER A 45 32.09 -27.11 -27.65
CA SER A 45 31.66 -27.81 -28.85
C SER A 45 32.43 -27.32 -30.08
N LYS A 46 32.42 -28.13 -31.16
CA LYS A 46 33.09 -27.84 -32.44
C LYS A 46 32.84 -26.41 -32.96
N ALA A 47 31.55 -25.98 -32.96
CA ALA A 47 31.11 -24.67 -33.44
C ALA A 47 31.68 -23.47 -32.67
N MET A 48 32.09 -23.68 -31.40
CA MET A 48 32.66 -22.62 -30.56
C MET A 48 34.04 -22.19 -31.04
N PHE A 49 34.71 -23.05 -31.80
CA PHE A 49 36.05 -22.78 -32.31
C PHE A 49 36.02 -22.46 -33.81
N GLU A 50 34.86 -22.04 -34.32
CA GLU A 50 34.67 -21.71 -35.73
C GLU A 50 34.42 -20.22 -35.92
N SER A 51 35.24 -19.57 -36.79
CA SER A 51 35.15 -18.14 -37.10
C SER A 51 33.81 -17.75 -37.73
N ASP A 55 40.27 -12.03 -38.78
CA ASP A 55 38.97 -11.45 -39.09
C ASP A 55 38.19 -11.29 -37.79
N GLU A 56 37.22 -12.17 -37.51
CA GLU A 56 36.46 -12.14 -36.26
C GLU A 56 36.89 -13.31 -35.40
N LEU A 57 36.96 -13.08 -34.07
CA LEU A 57 37.35 -14.10 -33.10
C LEU A 57 36.31 -15.21 -33.04
N THR A 58 36.75 -16.41 -32.66
CA THR A 58 35.85 -17.55 -32.50
C THR A 58 34.97 -17.28 -31.27
N PRO A 59 33.71 -17.77 -31.24
CA PRO A 59 32.88 -17.53 -30.05
C PRO A 59 33.57 -17.90 -28.73
N PHE A 60 34.45 -18.92 -28.77
CA PHE A 60 35.23 -19.37 -27.60
C PHE A 60 36.23 -18.28 -27.16
N ASP A 61 37.06 -17.77 -28.11
CA ASP A 61 38.05 -16.74 -27.85
C ASP A 61 37.35 -15.50 -27.31
N MET A 62 36.20 -15.15 -27.91
CA MET A 62 35.37 -14.03 -27.51
C MET A 62 34.95 -14.21 -26.05
N SER A 63 34.51 -15.43 -25.69
CA SER A 63 34.10 -15.80 -24.34
C SER A 63 35.24 -15.69 -23.33
N ILE A 64 36.40 -16.31 -23.64
CA ILE A 64 37.60 -16.28 -22.79
C ILE A 64 38.00 -14.83 -22.50
N GLN A 65 38.15 -14.02 -23.56
CA GLN A 65 38.52 -12.61 -23.46
C GLN A 65 37.52 -11.80 -22.63
N CYS A 66 36.23 -12.10 -22.79
CA CYS A 66 35.16 -11.44 -22.05
C CYS A 66 35.26 -11.75 -20.56
N ILE A 67 35.54 -13.02 -20.22
CA ILE A 67 35.68 -13.49 -18.84
C ILE A 67 36.88 -12.82 -18.16
N GLN A 68 38.03 -12.77 -18.87
CA GLN A 68 39.24 -12.12 -18.38
C GLN A 68 38.92 -10.69 -18.00
N SER A 69 38.22 -9.98 -18.89
CA SER A 69 37.84 -8.58 -18.71
C SER A 69 37.08 -8.38 -17.41
N VAL A 70 36.05 -9.23 -17.15
CA VAL A 70 35.26 -9.18 -15.92
C VAL A 70 36.19 -9.40 -14.73
N TYR A 71 37.07 -10.42 -14.81
CA TYR A 71 38.05 -10.73 -13.77
C TYR A 71 38.90 -9.48 -13.43
N ILE A 72 39.48 -8.83 -14.46
CA ILE A 72 40.32 -7.65 -14.31
C ILE A 72 39.54 -6.46 -13.74
N SER A 73 38.34 -6.19 -14.29
CA SER A 73 37.46 -5.11 -13.83
C SER A 73 37.08 -5.30 -12.37
N LYS A 74 36.79 -6.56 -11.97
CA LYS A 74 36.46 -6.91 -10.58
C LYS A 74 37.61 -6.61 -9.65
N ILE A 75 38.85 -6.63 -10.17
CA ILE A 75 40.04 -6.32 -9.41
C ILE A 75 40.23 -4.80 -9.32
N ILE A 76 40.11 -4.10 -10.47
CA ILE A 76 40.24 -2.65 -10.56
C ILE A 76 39.29 -1.95 -9.56
N SER A 77 38.04 -2.46 -9.45
CA SER A 77 37.03 -1.90 -8.57
C SER A 77 36.99 -2.50 -7.15
N SER A 78 37.97 -3.38 -6.82
CA SER A 78 38.08 -4.06 -5.51
C SER A 78 36.76 -4.75 -5.10
N ASP A 79 36.13 -5.43 -6.08
CA ASP A 79 34.87 -6.15 -5.90
C ASP A 79 35.11 -7.42 -5.08
N ARG A 80 34.19 -7.70 -4.15
CA ARG A 80 34.29 -8.86 -3.27
C ARG A 80 33.57 -10.10 -3.79
N ASP A 81 33.02 -10.05 -5.03
CA ASP A 81 32.30 -11.19 -5.60
C ASP A 81 33.22 -12.38 -5.90
N LEU A 82 32.65 -13.59 -5.88
CA LEU A 82 33.37 -14.82 -6.15
C LEU A 82 33.11 -15.23 -7.58
N LEU A 83 34.18 -15.62 -8.29
CA LEU A 83 34.09 -16.00 -9.69
C LEU A 83 34.50 -17.44 -9.91
N ALA A 84 33.87 -18.11 -10.89
CA ALA A 84 34.17 -19.49 -11.24
C ALA A 84 34.21 -19.68 -12.75
N VAL A 85 35.00 -20.67 -13.23
CA VAL A 85 35.14 -20.96 -14.66
C VAL A 85 34.95 -22.44 -14.93
N VAL A 86 33.88 -22.78 -15.66
CA VAL A 86 33.53 -24.16 -16.01
C VAL A 86 33.38 -24.31 -17.52
N PHE A 87 33.83 -25.47 -18.04
CA PHE A 87 33.73 -25.82 -19.46
C PHE A 87 32.99 -27.14 -19.60
N TYR A 88 32.22 -27.28 -20.68
CA TYR A 88 31.49 -28.52 -20.96
C TYR A 88 31.62 -28.87 -22.42
N GLY A 89 31.61 -30.16 -22.71
CA GLY A 89 31.80 -30.66 -24.06
C GLY A 89 33.25 -31.00 -24.30
N THR A 90 34.06 -30.93 -23.22
CA THR A 90 35.48 -31.26 -23.22
C THR A 90 35.63 -32.78 -23.13
N GLU A 91 36.76 -33.32 -23.59
CA GLU A 91 37.04 -34.76 -23.50
C GLU A 91 37.38 -35.14 -22.06
N LYS A 92 38.05 -34.23 -21.33
CA LYS A 92 38.48 -34.40 -19.95
C LYS A 92 37.43 -33.83 -18.98
N ASP A 93 37.35 -34.40 -17.77
CA ASP A 93 36.42 -33.97 -16.73
C ASP A 93 37.11 -33.71 -15.38
N LYS A 94 36.80 -32.56 -14.73
CA LYS A 94 37.40 -32.16 -13.44
C LYS A 94 36.35 -31.76 -12.36
N ASN A 95 35.18 -32.37 -12.42
CA ASN A 95 34.10 -32.15 -11.46
C ASN A 95 34.19 -33.13 -10.31
N SER A 96 33.67 -32.72 -9.14
CA SER A 96 33.71 -33.52 -7.90
C SER A 96 32.97 -34.85 -7.98
N VAL A 97 31.90 -34.95 -8.78
CA VAL A 97 31.12 -36.19 -8.89
C VAL A 97 31.53 -37.02 -10.11
N ASN A 98 32.61 -36.63 -10.79
CA ASN A 98 33.17 -37.28 -11.97
C ASN A 98 32.14 -37.43 -13.11
N PHE A 99 31.27 -36.42 -13.29
CA PHE A 99 30.30 -36.38 -14.38
C PHE A 99 31.12 -36.24 -15.66
N LYS A 100 30.71 -36.94 -16.72
CA LYS A 100 31.48 -36.92 -17.97
C LYS A 100 31.37 -35.62 -18.77
N ASN A 101 32.53 -35.22 -19.34
CA ASN A 101 32.74 -34.10 -20.25
C ASN A 101 32.43 -32.71 -19.65
N ILE A 102 32.77 -32.51 -18.36
CA ILE A 102 32.60 -31.24 -17.64
C ILE A 102 33.89 -30.93 -16.88
N TYR A 103 34.49 -29.77 -17.17
CA TYR A 103 35.75 -29.35 -16.57
C TYR A 103 35.65 -28.06 -15.75
N VAL A 104 35.78 -28.19 -14.42
CA VAL A 104 35.77 -27.03 -13.54
C VAL A 104 37.21 -26.51 -13.46
N LEU A 105 37.53 -25.53 -14.32
CA LEU A 105 38.85 -24.92 -14.38
C LEU A 105 39.12 -24.15 -13.09
N GLN A 106 38.19 -23.29 -12.68
CA GLN A 106 38.31 -22.47 -11.47
C GLN A 106 37.06 -22.54 -10.62
N GLU A 107 37.23 -22.99 -9.37
CA GLU A 107 36.15 -23.07 -8.38
C GLU A 107 35.74 -21.66 -7.95
N LEU A 108 34.63 -21.52 -7.23
CA LEU A 108 34.20 -20.19 -6.77
C LEU A 108 35.17 -19.63 -5.75
N ASP A 109 35.80 -18.51 -6.10
CA ASP A 109 36.79 -17.84 -5.25
C ASP A 109 37.06 -16.42 -5.77
N ASN A 110 37.69 -15.58 -4.93
CA ASN A 110 38.07 -14.21 -5.26
C ASN A 110 39.05 -14.22 -6.43
N PRO A 111 38.89 -13.28 -7.40
CA PRO A 111 39.85 -13.26 -8.53
C PRO A 111 41.23 -12.79 -8.09
N GLY A 112 42.25 -13.23 -8.82
CA GLY A 112 43.63 -12.90 -8.54
C GLY A 112 44.50 -12.92 -9.78
N ALA A 113 45.81 -12.71 -9.60
CA ALA A 113 46.78 -12.69 -10.68
C ALA A 113 46.90 -14.02 -11.42
N LYS A 114 47.12 -15.12 -10.68
CA LYS A 114 47.29 -16.47 -11.22
C LYS A 114 46.07 -16.93 -12.01
N ARG A 115 44.85 -16.66 -11.50
CA ARG A 115 43.59 -17.02 -12.15
C ARG A 115 43.43 -16.30 -13.49
N ILE A 116 43.82 -14.99 -13.55
CA ILE A 116 43.80 -14.20 -14.77
C ILE A 116 44.82 -14.76 -15.76
N LEU A 117 46.05 -15.06 -15.27
CA LEU A 117 47.12 -15.62 -16.09
C LEU A 117 46.67 -16.93 -16.71
N GLU A 118 45.98 -17.78 -15.92
CA GLU A 118 45.46 -19.07 -16.35
C GLU A 118 44.50 -18.92 -17.53
N LEU A 119 43.58 -17.95 -17.46
CA LEU A 119 42.59 -17.68 -18.52
C LEU A 119 43.28 -17.20 -19.79
N ASP A 120 44.36 -16.41 -19.65
CA ASP A 120 45.14 -15.86 -20.77
C ASP A 120 45.78 -16.96 -21.62
N GLN A 121 45.94 -18.16 -21.05
CA GLN A 121 46.53 -19.32 -21.73
C GLN A 121 45.64 -19.90 -22.84
N PHE A 122 44.36 -19.50 -22.87
CA PHE A 122 43.39 -19.97 -23.86
C PHE A 122 42.97 -18.87 -24.83
N LYS A 123 43.62 -17.69 -24.72
CA LYS A 123 43.40 -16.51 -25.55
C LYS A 123 44.05 -16.69 -26.94
N GLY A 124 43.35 -16.24 -27.98
CA GLY A 124 43.81 -16.31 -29.35
C GLY A 124 43.86 -17.69 -29.97
N GLN A 125 44.45 -17.79 -31.18
CA GLN A 125 44.57 -19.05 -31.92
C GLN A 125 45.54 -20.02 -31.25
N GLN A 126 46.61 -19.49 -30.63
CA GLN A 126 47.62 -20.29 -29.94
C GLN A 126 46.99 -20.89 -28.68
N GLY A 127 46.17 -20.09 -27.99
CA GLY A 127 45.45 -20.51 -26.79
C GLY A 127 44.41 -21.56 -27.07
N GLN A 128 43.69 -21.42 -28.20
CA GLN A 128 42.66 -22.34 -28.67
C GLN A 128 43.27 -23.74 -28.80
N LYS A 129 44.50 -23.81 -29.35
CA LYS A 129 45.25 -25.04 -29.53
C LYS A 129 45.67 -25.61 -28.17
N ARG A 130 46.06 -24.73 -27.23
CA ARG A 130 46.45 -25.12 -25.87
C ARG A 130 45.26 -25.73 -25.12
N PHE A 131 44.06 -25.11 -25.21
CA PHE A 131 42.84 -25.60 -24.55
C PHE A 131 42.45 -26.98 -25.06
N GLN A 132 42.38 -27.15 -26.39
CA GLN A 132 41.99 -28.40 -27.04
C GLN A 132 42.95 -29.54 -26.70
N ASP A 133 44.25 -29.25 -26.55
CA ASP A 133 45.23 -30.27 -26.20
C ASP A 133 45.25 -30.58 -24.71
N MET A 134 44.83 -29.61 -23.87
CA MET A 134 44.77 -29.78 -22.41
C MET A 134 43.52 -30.52 -21.97
N MET A 135 42.39 -30.24 -22.62
CA MET A 135 41.09 -30.82 -22.21
C MET A 135 40.32 -31.54 -23.29
N GLY A 136 40.58 -31.23 -24.54
CA GLY A 136 39.82 -31.80 -25.63
C GLY A 136 38.61 -30.95 -25.91
N HIS A 137 37.84 -31.31 -26.94
CA HIS A 137 36.65 -30.58 -27.36
C HIS A 137 35.72 -31.47 -28.18
N GLY A 138 34.56 -30.92 -28.52
CA GLY A 138 33.53 -31.56 -29.34
C GLY A 138 32.95 -32.84 -28.78
N SER A 139 33.17 -33.12 -27.49
CA SER A 139 32.65 -34.32 -26.83
C SER A 139 31.17 -34.15 -26.49
N ASP A 140 30.43 -35.28 -26.38
CA ASP A 140 29.00 -35.29 -26.05
C ASP A 140 28.83 -34.97 -24.58
N TYR A 141 27.80 -34.17 -24.25
CA TYR A 141 27.51 -33.68 -22.91
C TYR A 141 26.01 -33.83 -22.59
N SER A 142 25.62 -33.44 -21.36
CA SER A 142 24.23 -33.43 -20.91
C SER A 142 24.05 -32.25 -19.97
N LEU A 143 23.44 -31.16 -20.47
CA LEU A 143 23.22 -29.90 -19.76
C LEU A 143 22.73 -30.05 -18.34
N SER A 144 21.91 -31.07 -18.07
CA SER A 144 21.40 -31.39 -16.73
C SER A 144 22.58 -31.64 -15.76
N GLU A 145 23.55 -32.48 -16.19
CA GLU A 145 24.76 -32.81 -15.44
C GLU A 145 25.63 -31.57 -15.28
N VAL A 146 25.70 -30.73 -16.34
CA VAL A 146 26.47 -29.50 -16.39
C VAL A 146 25.94 -28.51 -15.33
N LEU A 147 24.61 -28.40 -15.24
CA LEU A 147 23.97 -27.51 -14.28
C LEU A 147 24.10 -28.02 -12.85
N TRP A 148 24.18 -29.35 -12.67
CA TRP A 148 24.36 -29.94 -11.34
C TRP A 148 25.71 -29.52 -10.80
N VAL A 149 26.77 -29.65 -11.64
CA VAL A 149 28.14 -29.29 -11.27
C VAL A 149 28.21 -27.82 -10.85
N CYS A 150 27.56 -26.94 -11.62
CA CYS A 150 27.52 -25.50 -11.36
C CYS A 150 26.84 -25.20 -10.04
N ALA A 151 25.64 -25.74 -9.82
CA ALA A 151 24.87 -25.54 -8.60
C ALA A 151 25.67 -25.99 -7.37
N ASN A 152 26.40 -27.12 -7.50
CA ASN A 152 27.23 -27.70 -6.45
C ASN A 152 28.35 -26.76 -6.02
N LEU A 153 28.90 -25.94 -6.97
CA LEU A 153 29.96 -24.97 -6.67
C LEU A 153 29.48 -23.90 -5.70
N PHE A 154 28.19 -23.52 -5.81
CA PHE A 154 27.55 -22.53 -4.95
C PHE A 154 27.44 -23.08 -3.52
N SER A 155 27.05 -24.38 -3.41
CA SER A 155 26.88 -25.09 -2.15
C SER A 155 28.19 -25.26 -1.37
N ASP A 156 29.31 -25.52 -2.07
CA ASP A 156 30.62 -25.75 -1.46
C ASP A 156 31.20 -24.52 -0.78
N SER A 162 23.02 -14.25 -0.45
CA SER A 162 23.37 -13.19 -1.40
C SER A 162 22.78 -13.47 -2.81
N HIS A 163 23.61 -13.43 -3.87
CA HIS A 163 23.19 -13.64 -5.25
C HIS A 163 24.00 -14.79 -5.89
N LYS A 164 23.30 -15.74 -6.50
CA LYS A 164 23.93 -16.87 -7.17
C LYS A 164 23.56 -16.79 -8.66
N ARG A 165 24.56 -16.58 -9.53
CA ARG A 165 24.32 -16.42 -10.96
C ARG A 165 25.20 -17.30 -11.85
N ILE A 166 24.60 -17.92 -12.89
CA ILE A 166 25.27 -18.77 -13.88
C ILE A 166 25.14 -18.10 -15.25
N MET A 167 26.28 -17.82 -15.87
CA MET A 167 26.35 -17.18 -17.18
C MET A 167 26.83 -18.18 -18.23
N LEU A 168 25.95 -18.56 -19.16
CA LEU A 168 26.26 -19.54 -20.20
C LEU A 168 26.68 -18.93 -21.53
N PHE A 169 27.87 -19.31 -22.05
CA PHE A 169 28.38 -18.84 -23.32
C PHE A 169 28.33 -19.96 -24.35
N THR A 170 27.45 -19.83 -25.35
CA THR A 170 27.26 -20.82 -26.42
C THR A 170 26.67 -20.21 -27.68
N ASN A 171 27.00 -20.82 -28.82
CA ASN A 171 26.45 -20.42 -30.11
C ASN A 171 25.60 -21.57 -30.65
N GLU A 172 25.22 -22.49 -29.75
CA GLU A 172 24.40 -23.64 -30.08
C GLU A 172 23.03 -23.57 -29.43
N ASP A 173 22.00 -23.35 -30.25
CA ASP A 173 20.60 -23.33 -29.83
C ASP A 173 20.06 -24.75 -30.09
N ASN A 174 19.28 -25.31 -29.17
CA ASN A 174 18.74 -26.68 -29.22
C ASN A 174 19.88 -27.74 -29.29
N PRO A 175 20.73 -27.81 -28.25
CA PRO A 175 21.82 -28.81 -28.25
C PRO A 175 21.32 -30.24 -28.04
N HIS A 176 20.20 -30.41 -27.31
CA HIS A 176 19.59 -31.72 -27.05
C HIS A 176 18.34 -32.02 -27.87
N GLY A 177 18.29 -31.45 -29.07
CA GLY A 177 17.19 -31.67 -30.01
C GLY A 177 17.09 -33.12 -30.44
N ASN A 178 18.26 -33.80 -30.55
CA ASN A 178 18.38 -35.20 -30.93
C ASN A 178 18.00 -36.17 -29.80
N ASP A 179 18.14 -35.73 -28.53
CA ASP A 179 17.84 -36.56 -27.37
C ASP A 179 16.81 -35.93 -26.42
N SER A 180 15.53 -36.27 -26.61
CA SER A 180 14.40 -35.77 -25.81
C SER A 180 14.60 -36.04 -24.32
N ALA A 181 15.17 -37.23 -23.99
CA ALA A 181 15.46 -37.65 -22.62
C ALA A 181 16.43 -36.68 -21.92
N LYS A 182 17.38 -36.08 -22.68
CA LYS A 182 18.36 -35.13 -22.15
C LYS A 182 17.77 -33.74 -22.05
N ALA A 183 17.01 -33.31 -23.09
CA ALA A 183 16.35 -32.01 -23.16
C ALA A 183 15.37 -31.85 -22.00
N SER A 184 14.60 -32.91 -21.70
CA SER A 184 13.62 -32.93 -20.60
C SER A 184 14.30 -32.83 -19.24
N ARG A 185 15.42 -33.58 -19.03
CA ARG A 185 16.18 -33.56 -17.78
C ARG A 185 16.78 -32.17 -17.55
N ALA A 186 17.28 -31.52 -18.62
CA ALA A 186 17.87 -30.17 -18.56
C ALA A 186 16.85 -29.15 -18.12
N ARG A 187 15.60 -29.23 -18.64
CA ARG A 187 14.50 -28.32 -18.30
C ARG A 187 14.14 -28.43 -16.82
N THR A 188 14.03 -29.68 -16.32
CA THR A 188 13.71 -30.00 -14.93
C THR A 188 14.78 -29.42 -14.01
N LYS A 189 16.07 -29.70 -14.31
CA LYS A 189 17.20 -29.19 -13.55
C LYS A 189 17.24 -27.67 -13.60
N ALA A 190 17.01 -27.07 -14.78
CA ALA A 190 16.98 -25.61 -14.95
C ALA A 190 15.89 -25.02 -14.07
N GLY A 191 14.72 -25.65 -14.07
CA GLY A 191 13.57 -25.25 -13.26
C GLY A 191 13.87 -25.33 -11.77
N ASP A 192 14.59 -26.38 -11.34
CA ASP A 192 14.97 -26.59 -9.94
C ASP A 192 15.90 -25.48 -9.45
N LEU A 193 16.79 -25.00 -10.33
CA LEU A 193 17.74 -23.92 -10.04
C LEU A 193 17.01 -22.61 -9.82
N ARG A 194 16.05 -22.30 -10.70
CA ARG A 194 15.21 -21.11 -10.62
C ARG A 194 14.40 -21.09 -9.32
N ASP A 195 13.86 -22.26 -8.94
CA ASP A 195 13.10 -22.47 -7.70
C ASP A 195 14.02 -22.30 -6.47
N THR A 196 15.32 -22.69 -6.61
CA THR A 196 16.34 -22.56 -5.56
C THR A 196 16.74 -21.08 -5.34
N GLY A 197 16.68 -20.29 -6.40
CA GLY A 197 17.03 -18.88 -6.36
C GLY A 197 18.28 -18.54 -7.14
N ILE A 198 18.73 -19.48 -7.97
CA ILE A 198 19.91 -19.33 -8.83
C ILE A 198 19.46 -18.74 -10.17
N PHE A 199 20.13 -17.68 -10.60
CA PHE A 199 19.82 -16.99 -11.86
C PHE A 199 20.67 -17.58 -12.99
N LEU A 200 20.03 -18.03 -14.07
CA LEU A 200 20.70 -18.59 -15.24
C LEU A 200 20.55 -17.63 -16.41
N ASP A 201 21.64 -16.99 -16.82
CA ASP A 201 21.61 -16.03 -17.92
C ASP A 201 22.32 -16.61 -19.14
N LEU A 202 21.70 -16.45 -20.31
CA LEU A 202 22.25 -16.92 -21.56
C LEU A 202 22.95 -15.82 -22.34
N MET A 203 24.22 -16.06 -22.67
CA MET A 203 25.06 -15.18 -23.45
C MET A 203 25.24 -15.87 -24.80
N HIS A 204 24.17 -15.87 -25.58
CA HIS A 204 24.12 -16.50 -26.88
C HIS A 204 24.97 -15.77 -27.91
N LEU A 205 25.83 -16.55 -28.56
CA LEU A 205 26.78 -16.08 -29.56
C LEU A 205 26.30 -16.40 -30.98
N LYS A 206 26.80 -15.66 -31.99
CA LYS A 206 26.40 -15.80 -33.40
C LYS A 206 26.56 -17.22 -33.95
N LYS A 207 25.55 -17.65 -34.71
CA LYS A 207 25.43 -18.95 -35.36
C LYS A 207 24.88 -18.71 -36.78
N PRO A 208 25.34 -19.47 -37.80
CA PRO A 208 24.79 -19.29 -39.16
C PRO A 208 23.27 -19.47 -39.19
N GLY A 209 22.58 -18.44 -39.68
CA GLY A 209 21.13 -18.39 -39.74
C GLY A 209 20.50 -17.73 -38.53
N GLY A 210 21.34 -17.41 -37.54
CA GLY A 210 20.93 -16.78 -36.29
C GLY A 210 20.72 -17.75 -35.15
N PHE A 211 20.73 -17.21 -33.91
CA PHE A 211 20.49 -17.98 -32.69
C PHE A 211 19.02 -17.80 -32.31
N ASP A 212 18.25 -18.90 -32.30
CA ASP A 212 16.83 -18.89 -31.96
C ASP A 212 16.59 -19.33 -30.51
N ILE A 213 16.15 -18.39 -29.66
CA ILE A 213 15.86 -18.58 -28.25
C ILE A 213 14.64 -19.46 -28.03
N SER A 214 13.61 -19.35 -28.90
CA SER A 214 12.38 -20.11 -28.78
C SER A 214 12.55 -21.63 -28.93
N LEU A 215 13.56 -22.08 -29.69
CA LEU A 215 13.87 -23.51 -29.92
C LEU A 215 14.23 -24.23 -28.62
N PHE A 216 15.15 -23.64 -27.84
CA PHE A 216 15.64 -24.10 -26.53
C PHE A 216 16.26 -22.90 -25.85
N TYR A 217 16.33 -22.94 -24.52
CA TYR A 217 16.82 -21.89 -23.61
C TYR A 217 15.70 -20.95 -23.19
N ARG A 218 14.59 -20.90 -23.97
CA ARG A 218 13.40 -20.13 -23.61
C ARG A 218 12.84 -20.70 -22.29
N ASP A 219 12.97 -22.04 -22.11
CA ASP A 219 12.52 -22.75 -20.90
C ASP A 219 13.70 -23.05 -19.95
N ILE A 220 14.80 -22.28 -20.04
CA ILE A 220 15.97 -22.47 -19.19
C ILE A 220 16.32 -21.17 -18.47
N ILE A 221 16.48 -20.07 -19.24
CA ILE A 221 16.82 -18.73 -18.74
C ILE A 221 15.82 -18.25 -17.71
N SER A 222 16.30 -17.50 -16.72
CA SER A 222 15.44 -16.95 -15.68
C SER A 222 14.95 -15.58 -16.09
N ILE A 223 13.63 -15.34 -15.98
CA ILE A 223 13.02 -14.06 -16.35
C ILE A 223 12.44 -13.34 -15.12
N ALA A 224 12.96 -12.13 -14.83
CA ALA A 224 12.53 -11.29 -13.71
C ALA A 224 11.11 -10.75 -13.91
N GLU A 225 10.69 -10.63 -15.21
CA GLU A 225 9.39 -10.17 -15.70
C GLU A 225 9.10 -8.66 -15.43
N ASP A 226 8.18 -8.10 -16.23
CA ASP A 226 7.79 -6.69 -16.21
C ASP A 226 6.97 -6.30 -14.98
N ARG A 230 9.60 -7.74 -25.74
CA ARG A 230 10.64 -8.68 -26.16
C ARG A 230 11.62 -8.92 -25.02
N VAL A 231 12.21 -7.80 -24.49
CA VAL A 231 13.18 -7.56 -23.40
C VAL A 231 14.41 -8.51 -23.34
N HIS A 232 14.87 -9.11 -24.47
CA HIS A 232 16.12 -9.90 -24.46
C HIS A 232 17.12 -9.31 -25.44
N PHE A 233 18.40 -9.32 -25.05
CA PHE A 233 19.50 -8.83 -25.87
C PHE A 233 19.63 -9.66 -27.14
N GLU A 234 20.18 -9.05 -28.19
CA GLU A 234 20.43 -9.73 -29.46
C GLU A 234 21.65 -10.64 -29.32
N GLU A 235 21.92 -11.49 -30.32
CA GLU A 235 23.09 -12.36 -30.31
C GLU A 235 24.37 -11.53 -30.39
N SER A 236 25.44 -11.98 -29.72
CA SER A 236 26.70 -11.26 -29.73
C SER A 236 27.56 -11.76 -30.89
N SER A 237 28.11 -10.81 -31.65
CA SER A 237 28.97 -11.10 -32.81
C SER A 237 30.33 -10.42 -32.67
N LYS A 238 30.41 -9.43 -31.75
CA LYS A 238 31.63 -8.66 -31.45
C LYS A 238 31.91 -8.74 -29.97
N LEU A 239 33.19 -8.85 -29.58
CA LEU A 239 33.62 -8.92 -28.19
C LEU A 239 33.04 -7.78 -27.35
N GLU A 240 33.12 -6.56 -27.89
CA GLU A 240 32.64 -5.33 -27.24
C GLU A 240 31.19 -5.44 -26.77
N ASP A 241 30.32 -5.99 -27.64
CA ASP A 241 28.90 -6.20 -27.31
C ASP A 241 28.73 -7.28 -26.26
N LEU A 242 29.43 -8.42 -26.40
CA LEU A 242 29.38 -9.51 -25.42
C LEU A 242 29.80 -9.00 -24.04
N LEU A 243 30.85 -8.17 -23.98
CA LEU A 243 31.37 -7.58 -22.75
C LEU A 243 30.31 -6.76 -22.01
N ARG A 244 29.70 -5.80 -22.72
CA ARG A 244 28.67 -4.92 -22.16
C ARG A 244 27.47 -5.71 -21.68
N LYS A 245 26.97 -6.66 -22.50
CA LYS A 245 25.83 -7.51 -22.16
C LYS A 245 26.10 -8.30 -20.88
N VAL A 246 27.33 -8.84 -20.74
CA VAL A 246 27.74 -9.61 -19.57
C VAL A 246 27.82 -8.71 -18.33
N ARG A 247 28.59 -7.61 -18.44
CA ARG A 247 28.80 -6.64 -17.38
C ARG A 247 27.48 -5.97 -16.94
N ALA A 248 26.47 -5.89 -17.84
CA ALA A 248 25.16 -5.31 -17.54
C ALA A 248 24.37 -6.20 -16.58
N LYS A 249 24.36 -7.53 -16.85
CA LYS A 249 23.66 -8.51 -16.01
C LYS A 249 24.44 -8.81 -14.73
N GLU A 250 25.79 -8.76 -14.79
CA GLU A 250 26.75 -9.02 -13.70
C GLU A 250 26.48 -8.15 -12.45
N THR A 251 26.83 -6.87 -12.52
CA THR A 251 26.71 -5.92 -11.43
C THR A 251 25.28 -5.48 -11.19
N ARG A 252 24.85 -5.53 -9.93
CA ARG A 252 23.53 -5.09 -9.50
C ARG A 252 23.65 -3.63 -9.09
N LYS A 253 22.51 -2.92 -9.18
CA LYS A 253 22.39 -1.51 -8.85
C LYS A 253 22.56 -1.33 -7.35
N ARG A 254 23.17 -0.21 -6.96
CA ARG A 254 23.33 0.15 -5.56
C ARG A 254 22.87 1.59 -5.36
N ALA A 255 21.80 1.77 -4.59
CA ALA A 255 21.26 3.09 -4.26
C ALA A 255 22.20 3.82 -3.34
N LEU A 256 22.51 5.08 -3.69
CA LEU A 256 23.37 5.95 -2.90
C LEU A 256 22.58 6.41 -1.68
N SER A 257 21.25 6.55 -1.84
CA SER A 257 20.28 6.93 -0.81
C SER A 257 18.84 6.74 -1.29
N ARG A 258 17.93 6.39 -0.37
CA ARG A 258 16.50 6.23 -0.65
C ARG A 258 15.83 7.44 0.02
N LEU A 259 15.37 8.39 -0.80
CA LEU A 259 14.78 9.63 -0.29
C LEU A 259 13.36 9.87 -0.67
N LYS A 260 12.74 10.82 0.03
CA LYS A 260 11.37 11.22 -0.20
C LYS A 260 11.39 12.43 -1.13
N LEU A 261 10.54 12.41 -2.17
CA LEU A 261 10.39 13.53 -3.09
C LEU A 261 9.04 14.15 -2.73
N LYS A 262 9.09 15.29 -2.07
CA LYS A 262 7.91 16.01 -1.59
C LYS A 262 7.41 17.03 -2.58
N LEU A 263 6.21 16.80 -3.14
CA LEU A 263 5.53 17.73 -4.06
C LEU A 263 5.03 18.88 -3.18
N ASN A 264 4.64 18.51 -1.95
CA ASN A 264 4.25 19.37 -0.84
C ASN A 264 4.38 18.51 0.44
N LYS A 265 3.95 19.04 1.59
CA LYS A 265 4.03 18.33 2.87
C LYS A 265 3.24 17.02 2.89
N ASP A 266 2.10 16.97 2.18
CA ASP A 266 1.19 15.81 2.15
C ASP A 266 1.49 14.79 1.04
N ILE A 267 1.87 15.26 -0.15
CA ILE A 267 2.15 14.44 -1.34
C ILE A 267 3.64 14.10 -1.41
N VAL A 268 3.98 12.90 -0.92
CA VAL A 268 5.36 12.42 -0.86
C VAL A 268 5.53 11.08 -1.54
N ILE A 269 6.43 11.02 -2.53
CA ILE A 269 6.76 9.78 -3.24
C ILE A 269 8.17 9.34 -2.83
N SER A 270 8.48 8.06 -2.99
CA SER A 270 9.80 7.55 -2.63
C SER A 270 10.64 7.38 -3.88
N VAL A 271 11.91 7.78 -3.81
CA VAL A 271 12.85 7.69 -4.92
C VAL A 271 14.20 7.15 -4.47
N GLY A 272 14.91 6.57 -5.41
CA GLY A 272 16.25 6.06 -5.22
C GLY A 272 17.21 6.97 -5.94
N ILE A 273 18.34 7.29 -5.30
CA ILE A 273 19.38 8.15 -5.89
C ILE A 273 20.55 7.25 -6.25
N TYR A 274 20.98 7.27 -7.52
CA TYR A 274 22.07 6.42 -7.99
C TYR A 274 23.15 7.26 -8.67
N ASN A 275 24.42 6.83 -8.58
CA ASN A 275 25.51 7.64 -9.14
C ASN A 275 25.69 7.55 -10.66
N LEU A 276 25.62 6.36 -11.27
CA LEU A 276 25.79 6.10 -12.72
C LEU A 276 27.22 6.42 -13.25
N VAL A 277 27.98 7.20 -12.50
CA VAL A 277 29.37 7.58 -12.77
C VAL A 277 30.09 7.64 -11.43
N GLN A 278 31.26 7.01 -11.34
CA GLN A 278 32.03 6.97 -10.10
C GLN A 278 33.52 7.06 -10.35
N LYS A 279 34.16 8.14 -9.86
CA LYS A 279 35.59 8.44 -10.01
C LYS A 279 36.48 7.22 -9.74
N ALA A 280 37.11 6.73 -10.80
CA ALA A 280 38.01 5.60 -10.73
C ALA A 280 39.31 6.00 -10.03
N LEU A 281 39.45 5.60 -8.74
CA LEU A 281 40.62 5.97 -7.95
C LEU A 281 41.57 4.82 -7.69
N LYS A 282 42.86 5.16 -7.53
CA LYS A 282 43.95 4.25 -7.21
C LYS A 282 43.68 3.71 -5.80
N PRO A 283 43.54 2.37 -5.63
CA PRO A 283 43.28 1.83 -4.29
C PRO A 283 44.26 2.34 -3.24
N PRO A 284 43.79 2.72 -2.05
CA PRO A 284 44.73 3.23 -1.03
C PRO A 284 45.67 2.14 -0.53
N PRO A 285 46.92 2.49 -0.16
CA PRO A 285 47.84 1.47 0.35
C PRO A 285 47.36 0.80 1.64
N ILE A 286 47.89 -0.40 1.92
CA ILE A 286 47.54 -1.19 3.10
C ILE A 286 48.82 -1.50 3.87
N LYS A 287 48.76 -1.33 5.20
CA LYS A 287 49.87 -1.58 6.09
C LYS A 287 50.02 -3.07 6.38
N LEU A 288 51.24 -3.59 6.18
CA LEU A 288 51.56 -5.00 6.38
C LEU A 288 52.64 -5.19 7.43
N TYR A 289 52.76 -6.41 7.96
CA TYR A 289 53.79 -6.77 8.93
C TYR A 289 54.99 -7.31 8.15
N ARG A 290 56.11 -6.57 8.14
CA ARG A 290 57.35 -6.90 7.41
C ARG A 290 57.70 -8.40 7.34
N GLU A 291 57.73 -9.09 8.50
CA GLU A 291 58.13 -10.49 8.58
C GLU A 291 57.14 -11.52 8.00
N THR A 292 55.82 -11.20 7.96
CA THR A 292 54.80 -12.15 7.48
C THR A 292 53.94 -11.63 6.32
N ASN A 293 54.11 -10.36 5.92
CA ASN A 293 53.34 -9.67 4.86
C ASN A 293 51.83 -9.72 5.13
N GLU A 294 51.47 -9.84 6.41
CA GLU A 294 50.11 -9.95 6.89
C GLU A 294 49.51 -8.55 7.12
N PRO A 295 48.27 -8.30 6.67
CA PRO A 295 47.63 -6.99 6.90
C PRO A 295 47.47 -6.66 8.38
N VAL A 296 47.62 -5.37 8.71
CA VAL A 296 47.56 -4.90 10.09
C VAL A 296 46.35 -3.98 10.30
N LYS A 297 45.62 -4.19 11.41
CA LYS A 297 44.48 -3.39 11.84
C LYS A 297 45.02 -2.09 12.45
N THR A 298 44.28 -0.98 12.27
CA THR A 298 44.71 0.32 12.80
C THR A 298 43.60 1.00 13.62
N LYS A 299 43.93 1.35 14.87
CA LYS A 299 43.02 2.04 15.77
C LYS A 299 43.55 3.44 16.08
N THR A 300 42.72 4.46 15.83
CA THR A 300 43.08 5.86 16.10
C THR A 300 42.31 6.33 17.33
N ARG A 301 43.05 6.55 18.43
CA ARG A 301 42.48 7.01 19.69
C ARG A 301 42.89 8.46 19.98
N THR A 302 42.17 9.11 20.90
CA THR A 302 42.43 10.48 21.33
C THR A 302 42.54 10.50 22.85
N PHE A 303 43.65 11.06 23.38
CA PHE A 303 43.89 11.12 24.81
C PHE A 303 44.38 12.47 25.28
N ASN A 304 44.16 12.81 26.56
CA ASN A 304 44.66 14.05 27.13
C ASN A 304 46.18 13.90 27.22
N THR A 305 46.94 14.94 26.81
CA THR A 305 48.40 14.93 26.82
C THR A 305 48.96 14.78 28.24
N SER A 306 48.40 15.53 29.21
CA SER A 306 48.81 15.53 30.60
C SER A 306 48.43 14.23 31.34
N THR A 307 47.14 13.88 31.36
CA THR A 307 46.61 12.70 32.05
C THR A 307 46.97 11.38 31.35
N GLY A 308 46.95 11.39 30.02
CA GLY A 308 47.22 10.22 29.20
C GLY A 308 46.00 9.34 28.98
N GLY A 309 44.90 9.69 29.65
CA GLY A 309 43.64 8.95 29.59
C GLY A 309 42.83 9.22 28.34
N LEU A 310 42.08 8.20 27.90
CA LEU A 310 41.21 8.23 26.72
C LEU A 310 40.16 9.33 26.82
N LEU A 311 39.95 10.04 25.70
CA LEU A 311 38.99 11.14 25.62
C LEU A 311 37.67 10.76 24.95
N LEU A 312 36.59 10.83 25.74
CA LEU A 312 35.23 10.55 25.26
C LEU A 312 34.78 11.74 24.41
N PRO A 313 33.80 11.57 23.48
CA PRO A 313 33.33 12.73 22.68
C PRO A 313 32.74 13.85 23.54
N SER A 314 32.26 13.48 24.74
CA SER A 314 31.67 14.38 25.74
C SER A 314 32.73 15.06 26.62
N ASP A 315 34.04 14.78 26.37
CA ASP A 315 35.17 15.34 27.11
C ASP A 315 35.91 16.42 26.29
N THR A 316 35.38 16.74 25.09
CA THR A 316 35.96 17.72 24.18
C THR A 316 34.91 18.65 23.60
N LYS A 317 35.31 19.89 23.27
CA LYS A 317 34.42 20.91 22.69
C LYS A 317 35.00 21.45 21.37
N ARG A 318 34.17 22.19 20.62
CA ARG A 318 34.57 22.75 19.32
C ARG A 318 34.82 24.25 19.39
N SER A 319 35.96 24.69 18.84
CA SER A 319 36.41 26.08 18.88
C SER A 319 36.67 26.69 17.49
N GLN A 320 36.50 28.01 17.39
CA GLN A 320 36.75 28.83 16.20
C GLN A 320 37.09 30.23 16.68
N ILE A 321 38.17 30.84 16.16
CA ILE A 321 38.59 32.16 16.63
C ILE A 321 38.29 33.28 15.61
N TYR A 322 37.40 34.20 16.00
CA TYR A 322 37.02 35.36 15.19
C TYR A 322 37.19 36.64 15.99
N GLY A 323 37.62 37.69 15.28
CA GLY A 323 37.95 38.99 15.86
C GLY A 323 39.15 38.75 16.74
N SER A 324 38.94 38.78 18.00
CA SER A 324 40.01 38.51 18.96
C SER A 324 39.38 37.70 20.08
N ARG A 325 38.43 36.83 19.71
CA ARG A 325 37.70 36.03 20.67
C ARG A 325 37.57 34.57 20.26
N GLN A 326 37.59 33.68 21.26
CA GLN A 326 37.41 32.25 21.07
C GLN A 326 35.93 31.92 21.25
N ILE A 327 35.33 31.35 20.20
CA ILE A 327 33.92 30.99 20.16
C ILE A 327 33.81 29.50 20.35
N ILE A 328 33.19 29.08 21.46
CA ILE A 328 33.05 27.67 21.82
C ILE A 328 31.64 27.15 21.57
N LEU A 329 31.55 26.03 20.86
CA LEU A 329 30.30 25.32 20.61
C LEU A 329 30.47 23.86 21.00
N GLU A 330 29.36 23.19 21.31
CA GLU A 330 29.36 21.77 21.62
C GLU A 330 29.33 21.03 20.29
N LYS A 331 29.76 19.75 20.28
CA LYS A 331 29.74 18.94 19.05
C LYS A 331 28.30 18.91 18.51
N GLU A 332 27.32 18.71 19.40
CA GLU A 332 25.89 18.66 19.11
C GLU A 332 25.42 19.95 18.40
N GLU A 333 25.96 21.09 18.81
CA GLU A 333 25.61 22.41 18.25
C GLU A 333 26.21 22.65 16.88
N THR A 334 27.40 22.11 16.61
CA THR A 334 28.06 22.27 15.31
C THR A 334 27.28 21.52 14.23
N GLU A 335 26.54 20.49 14.65
CA GLU A 335 25.71 19.69 13.76
C GLU A 335 24.37 20.41 13.59
N GLU A 336 23.82 20.98 14.68
CA GLU A 336 22.55 21.68 14.70
C GLU A 336 22.52 22.89 13.75
N LEU A 337 23.62 23.67 13.72
CA LEU A 337 23.73 24.83 12.85
C LEU A 337 23.78 24.46 11.37
N LYS A 338 24.03 23.17 11.06
CA LYS A 338 24.10 22.67 9.69
C LYS A 338 22.72 22.22 9.22
N ARG A 339 21.76 22.06 10.16
CA ARG A 339 20.42 21.59 9.86
C ARG A 339 19.46 22.65 9.32
N PHE A 340 18.84 22.30 8.18
CA PHE A 340 17.82 23.01 7.42
C PHE A 340 17.00 21.88 6.83
N ASP A 341 15.68 22.05 6.73
CA ASP A 341 14.76 21.03 6.18
C ASP A 341 14.89 19.69 6.94
N ASP A 342 14.73 18.56 6.22
CA ASP A 342 14.86 17.18 6.66
C ASP A 342 15.36 16.47 5.39
N PRO A 343 16.00 15.28 5.44
CA PRO A 343 16.49 14.67 4.18
C PRO A 343 15.41 14.43 3.14
N GLY A 344 15.76 14.73 1.90
CA GLY A 344 14.87 14.55 0.77
C GLY A 344 15.00 15.57 -0.34
N LEU A 345 13.98 15.62 -1.20
CA LEU A 345 13.88 16.53 -2.32
C LEU A 345 12.57 17.27 -2.17
N MET A 346 12.64 18.58 -1.95
CA MET A 346 11.45 19.40 -1.80
C MET A 346 11.21 20.15 -3.10
N LEU A 347 10.08 19.87 -3.76
CA LEU A 347 9.74 20.49 -5.03
C LEU A 347 9.53 22.00 -4.87
N MET A 348 10.26 22.77 -5.69
CA MET A 348 10.20 24.22 -5.69
C MET A 348 9.30 24.66 -6.84
N GLY A 349 9.39 23.96 -7.96
CA GLY A 349 8.60 24.25 -9.13
C GLY A 349 9.23 23.70 -10.39
N PHE A 350 8.81 24.23 -11.54
CA PHE A 350 9.28 23.77 -12.84
C PHE A 350 9.91 24.88 -13.64
N LYS A 351 11.16 24.64 -14.06
CA LYS A 351 11.95 25.59 -14.82
C LYS A 351 12.26 25.04 -16.22
N PRO A 352 11.94 25.80 -17.28
CA PRO A 352 12.25 25.33 -18.65
C PRO A 352 13.73 25.07 -18.83
N LEU A 353 14.05 23.93 -19.48
CA LEU A 353 15.41 23.42 -19.71
C LEU A 353 16.38 24.43 -20.32
N VAL A 354 15.89 25.34 -21.18
CA VAL A 354 16.70 26.39 -21.82
C VAL A 354 17.38 27.31 -20.81
N LEU A 355 16.77 27.46 -19.63
CA LEU A 355 17.28 28.30 -18.54
C LEU A 355 18.40 27.64 -17.74
N LEU A 356 18.67 26.36 -18.01
CA LEU A 356 19.73 25.62 -17.32
C LEU A 356 20.95 25.59 -18.21
N LYS A 357 22.00 26.33 -17.79
CA LYS A 357 23.24 26.45 -18.54
C LYS A 357 24.17 25.27 -18.39
N LYS A 358 24.76 24.85 -19.51
CA LYS A 358 25.71 23.74 -19.59
C LYS A 358 26.98 24.05 -18.84
N HIS A 359 27.42 25.33 -18.88
CA HIS A 359 28.64 25.75 -18.19
C HIS A 359 28.46 25.92 -16.68
N HIS A 360 27.23 25.70 -16.16
CA HIS A 360 26.95 25.79 -14.73
C HIS A 360 27.00 24.41 -14.09
N TYR A 361 28.03 23.63 -14.46
CA TYR A 361 28.31 22.31 -13.90
C TYR A 361 29.07 22.57 -12.60
N LEU A 362 28.80 21.79 -11.55
CA LEU A 362 29.45 21.97 -10.26
C LEU A 362 30.12 20.67 -9.76
N ARG A 363 29.38 19.57 -9.86
CA ARG A 363 29.78 18.22 -9.42
C ARG A 363 28.98 17.19 -10.22
N PRO A 364 29.46 15.92 -10.36
CA PRO A 364 28.74 14.94 -11.17
C PRO A 364 27.27 14.74 -10.80
N SER A 365 26.44 14.62 -11.85
CA SER A 365 25.00 14.44 -11.73
C SER A 365 24.64 13.06 -11.18
N LEU A 366 23.49 12.99 -10.52
CA LEU A 366 22.98 11.73 -9.99
C LEU A 366 21.76 11.29 -10.79
N PHE A 367 21.23 10.10 -10.48
CA PHE A 367 20.08 9.59 -11.21
C PHE A 367 18.96 9.27 -10.24
N VAL A 368 17.74 9.73 -10.57
CA VAL A 368 16.56 9.53 -9.75
C VAL A 368 15.62 8.51 -10.39
N TYR A 369 15.28 7.47 -9.63
CA TYR A 369 14.40 6.39 -10.07
C TYR A 369 13.39 6.08 -8.96
N PRO A 370 12.11 5.77 -9.28
CA PRO A 370 11.12 5.52 -8.22
C PRO A 370 11.38 4.27 -7.38
N GLU A 371 11.07 4.36 -6.08
CA GLU A 371 11.22 3.25 -5.15
C GLU A 371 9.83 2.81 -4.68
N GLU A 372 9.23 1.86 -5.41
CA GLU A 372 7.90 1.31 -5.13
C GLU A 372 7.80 0.54 -3.81
N SER A 373 8.93 -0.04 -3.35
CA SER A 373 9.01 -0.80 -2.10
C SER A 373 8.76 0.03 -0.83
N LEU A 374 8.94 1.36 -0.88
CA LEU A 374 8.73 2.21 0.28
C LEU A 374 7.35 2.88 0.27
N VAL A 375 7.04 3.63 -0.80
CA VAL A 375 5.73 4.30 -0.95
C VAL A 375 5.03 3.71 -2.16
N ILE A 376 3.92 3.01 -1.94
CA ILE A 376 3.12 2.44 -3.02
C ILE A 376 2.43 3.60 -3.76
N GLY A 377 2.57 3.61 -5.08
CA GLY A 377 2.00 4.63 -5.94
C GLY A 377 3.02 5.62 -6.47
N SER A 378 4.29 5.50 -6.01
CA SER A 378 5.40 6.36 -6.39
C SER A 378 5.71 6.32 -7.89
N SER A 379 5.76 5.11 -8.49
CA SER A 379 6.08 4.92 -9.90
C SER A 379 5.09 5.56 -10.87
N THR A 380 3.78 5.46 -10.57
CA THR A 380 2.71 6.05 -11.40
C THR A 380 2.87 7.58 -11.47
N LEU A 381 2.99 8.25 -10.31
CA LEU A 381 3.17 9.70 -10.26
C LEU A 381 4.49 10.10 -10.90
N PHE A 382 5.56 9.31 -10.64
CA PHE A 382 6.87 9.53 -11.22
C PHE A 382 6.78 9.51 -12.74
N SER A 383 6.15 8.44 -13.30
CA SER A 383 5.97 8.26 -14.75
C SER A 383 5.23 9.43 -15.39
N ALA A 384 4.17 9.92 -14.72
CA ALA A 384 3.38 11.05 -15.17
C ALA A 384 4.22 12.32 -15.23
N LEU A 385 5.00 12.58 -14.15
CA LEU A 385 5.89 13.72 -14.05
C LEU A 385 6.93 13.68 -15.16
N LEU A 386 7.49 12.48 -15.41
CA LEU A 386 8.47 12.23 -16.45
C LEU A 386 7.91 12.50 -17.84
N ILE A 387 6.72 11.94 -18.14
CA ILE A 387 6.04 12.10 -19.43
C ILE A 387 5.78 13.58 -19.74
N LYS A 388 5.22 14.31 -18.76
CA LYS A 388 4.88 15.71 -18.92
C LYS A 388 6.07 16.65 -18.93
N CYS A 389 7.12 16.36 -18.13
CA CYS A 389 8.33 17.19 -18.11
C CYS A 389 9.02 17.12 -19.46
N LEU A 390 9.03 15.93 -20.09
CA LEU A 390 9.62 15.70 -21.40
C LEU A 390 8.87 16.47 -22.47
N GLU A 391 7.53 16.37 -22.48
CA GLU A 391 6.61 17.02 -23.41
C GLU A 391 6.74 18.54 -23.36
N LYS A 392 6.87 19.11 -22.15
CA LYS A 392 6.95 20.55 -21.96
C LYS A 392 8.38 21.10 -21.99
N GLU A 393 9.39 20.22 -22.08
CA GLU A 393 10.83 20.57 -22.09
C GLU A 393 11.15 21.41 -20.86
N VAL A 394 10.72 20.92 -19.70
CA VAL A 394 10.84 21.58 -18.40
C VAL A 394 11.53 20.66 -17.39
N ALA A 395 12.19 21.23 -16.38
CA ALA A 395 12.86 20.51 -15.31
C ALA A 395 12.22 20.82 -13.96
N ALA A 396 12.25 19.83 -13.05
CA ALA A 396 11.70 19.99 -11.71
C ALA A 396 12.78 20.52 -10.76
N LEU A 397 12.67 21.80 -10.34
CA LEU A 397 13.61 22.42 -9.41
C LEU A 397 13.30 21.95 -7.99
N CYS A 398 14.34 21.50 -7.27
CA CYS A 398 14.19 21.00 -5.90
C CYS A 398 15.25 21.50 -4.94
N ARG A 399 14.90 21.52 -3.65
CA ARG A 399 15.81 21.83 -2.56
C ARG A 399 16.20 20.47 -2.02
N TYR A 400 17.45 20.09 -2.23
CA TYR A 400 17.99 18.76 -1.95
C TYR A 400 18.84 18.66 -0.67
N THR A 401 18.45 17.73 0.21
CA THR A 401 19.11 17.43 1.47
C THR A 401 19.43 15.92 1.46
N PRO A 402 20.69 15.54 1.17
CA PRO A 402 21.06 14.11 1.07
C PRO A 402 21.00 13.31 2.36
N ARG A 403 21.31 13.92 3.50
CA ARG A 403 21.33 13.26 4.79
C ARG A 403 20.90 14.21 5.89
N ARG A 404 20.76 13.70 7.12
CA ARG A 404 20.40 14.50 8.28
C ARG A 404 21.55 15.43 8.64
N ASN A 405 21.23 16.65 9.10
CA ASN A 405 22.19 17.68 9.50
C ASN A 405 23.13 18.10 8.35
N ILE A 406 22.54 18.55 7.22
CA ILE A 406 23.30 19.01 6.06
C ILE A 406 22.55 20.17 5.37
N PRO A 407 23.26 21.26 5.04
CA PRO A 407 22.61 22.41 4.38
C PRO A 407 22.06 22.05 3.01
N PRO A 408 20.98 22.72 2.57
CA PRO A 408 20.36 22.36 1.30
C PRO A 408 21.08 22.87 0.06
N TYR A 409 20.79 22.22 -1.07
CA TYR A 409 21.35 22.57 -2.37
C TYR A 409 20.29 22.55 -3.42
N PHE A 410 20.35 23.50 -4.34
CA PHE A 410 19.35 23.53 -5.40
C PHE A 410 19.77 22.62 -6.54
N VAL A 411 18.85 21.76 -6.96
CA VAL A 411 19.09 20.79 -8.02
C VAL A 411 17.98 20.88 -9.06
N ALA A 412 18.29 20.51 -10.29
CA ALA A 412 17.32 20.49 -11.37
C ALA A 412 17.16 19.06 -11.83
N LEU A 413 15.95 18.50 -11.68
CA LEU A 413 15.70 17.13 -12.11
C LEU A 413 15.37 17.20 -13.59
N VAL A 414 16.33 16.76 -14.42
CA VAL A 414 16.20 16.80 -15.87
C VAL A 414 15.56 15.52 -16.41
N PRO A 415 14.39 15.62 -17.06
CA PRO A 415 13.73 14.43 -17.62
C PRO A 415 14.63 13.69 -18.62
N GLN A 416 14.73 12.37 -18.44
CA GLN A 416 15.58 11.50 -19.23
C GLN A 416 14.78 10.31 -19.78
N GLU A 417 14.64 10.23 -21.12
CA GLU A 417 13.91 9.16 -21.80
C GLU A 417 14.82 7.95 -22.04
N GLU A 418 14.25 6.74 -21.88
CA GLU A 418 14.94 5.46 -22.10
C GLU A 418 15.45 5.32 -23.53
N GLU A 419 16.63 4.71 -23.69
CA GLU A 419 17.23 4.46 -24.99
C GLU A 419 17.96 3.12 -25.03
N LEU A 420 17.63 2.30 -26.04
CA LEU A 420 18.26 1.00 -26.27
C LEU A 420 18.99 1.06 -27.60
N ASP A 421 20.15 0.40 -27.69
CA ASP A 421 20.92 0.37 -28.93
C ASP A 421 20.50 -0.81 -29.83
N ASP A 422 21.25 -1.01 -30.93
CA ASP A 422 21.08 -2.08 -31.91
C ASP A 422 21.07 -3.48 -31.29
N GLN A 423 21.83 -3.65 -30.19
CA GLN A 423 21.95 -4.92 -29.47
C GLN A 423 20.88 -5.10 -28.39
N LYS A 424 20.03 -4.08 -28.18
CA LYS A 424 18.95 -4.04 -27.17
C LYS A 424 19.49 -3.76 -25.76
N ILE A 425 20.70 -3.17 -25.69
CA ILE A 425 21.35 -2.80 -24.42
C ILE A 425 20.84 -1.41 -24.01
N GLN A 426 20.50 -1.23 -22.72
CA GLN A 426 20.02 0.05 -22.22
C GLN A 426 21.13 1.08 -22.10
N VAL A 427 21.24 1.94 -23.12
CA VAL A 427 22.24 3.00 -23.18
C VAL A 427 21.87 4.11 -22.19
N THR A 428 20.59 4.52 -22.20
CA THR A 428 20.08 5.59 -21.34
C THR A 428 18.88 5.10 -20.50
N PRO A 429 19.01 5.08 -19.16
CA PRO A 429 17.88 4.61 -18.34
C PRO A 429 16.77 5.67 -18.20
N PRO A 430 15.47 5.25 -18.10
CA PRO A 430 14.39 6.23 -17.95
C PRO A 430 14.29 6.78 -16.52
N GLY A 431 14.22 8.11 -16.40
CA GLY A 431 14.12 8.78 -15.10
C GLY A 431 14.50 10.24 -15.13
N PHE A 432 15.10 10.74 -14.04
CA PHE A 432 15.51 12.13 -13.95
C PHE A 432 16.97 12.28 -13.63
N GLN A 433 17.66 13.17 -14.36
CA GLN A 433 19.06 13.47 -14.14
C GLN A 433 19.10 14.55 -13.05
N LEU A 434 19.66 14.20 -11.88
CA LEU A 434 19.78 15.15 -10.78
C LEU A 434 20.98 16.02 -11.07
N VAL A 435 20.73 17.24 -11.54
CA VAL A 435 21.76 18.21 -11.90
C VAL A 435 21.94 19.21 -10.77
N PHE A 436 23.13 19.25 -10.16
CA PHE A 436 23.43 20.20 -9.10
C PHE A 436 23.60 21.61 -9.65
N LEU A 437 22.99 22.58 -8.98
CA LEU A 437 23.06 23.99 -9.37
C LEU A 437 23.94 24.77 -8.41
N PRO A 438 24.87 25.60 -8.93
CA PRO A 438 25.76 26.36 -8.04
C PRO A 438 25.09 27.55 -7.35
N PHE A 439 25.53 27.87 -6.13
CA PHE A 439 25.07 29.04 -5.38
C PHE A 439 25.95 30.18 -5.87
N ALA A 440 25.61 31.43 -5.51
CA ALA A 440 26.39 32.60 -5.91
C ALA A 440 27.87 32.50 -5.51
N ASP A 441 28.15 31.89 -4.32
CA ASP A 441 29.50 31.68 -3.79
C ASP A 441 30.33 30.77 -4.67
N ASP A 442 29.68 29.81 -5.35
CA ASP A 442 30.32 28.81 -6.21
C ASP A 442 30.79 29.34 -7.56
N LYS A 443 30.26 30.49 -7.96
CA LYS A 443 30.63 31.13 -9.21
C LYS A 443 31.85 31.98 -8.99
N ARG A 444 32.72 32.05 -10.00
CA ARG A 444 33.93 32.87 -9.90
C ARG A 444 33.95 33.89 -11.00
N LYS A 445 34.26 35.15 -10.65
CA LYS A 445 34.33 36.27 -11.59
C LYS A 445 35.58 36.10 -12.47
N MET A 446 35.44 36.39 -13.77
CA MET A 446 36.51 36.25 -14.75
C MET A 446 37.24 37.57 -15.01
N PRO A 447 38.57 37.56 -15.27
CA PRO A 447 39.27 38.82 -15.54
C PRO A 447 38.85 39.43 -16.87
N PHE A 448 38.94 40.76 -16.98
CA PHE A 448 38.55 41.50 -18.17
C PHE A 448 39.45 41.24 -19.39
N THR A 449 38.82 41.08 -20.57
CA THR A 449 39.46 40.87 -21.87
C THR A 449 38.63 41.57 -22.95
N GLU A 450 39.30 42.25 -23.89
CA GLU A 450 38.64 42.91 -25.01
C GLU A 450 38.23 41.82 -26.02
N LYS A 451 37.02 41.92 -26.59
CA LYS A 451 36.52 40.92 -27.54
C LYS A 451 37.16 41.10 -28.92
N ILE A 452 38.02 40.16 -29.32
CA ILE A 452 38.69 40.15 -30.62
C ILE A 452 38.09 39.00 -31.42
N MET A 453 37.46 39.32 -32.57
CA MET A 453 36.81 38.32 -33.42
C MET A 453 37.58 38.04 -34.72
N ALA A 454 37.54 36.78 -35.16
CA ALA A 454 38.17 36.31 -36.39
C ALA A 454 37.31 36.64 -37.61
N THR A 455 37.95 36.72 -38.78
CA THR A 455 37.29 37.03 -40.05
C THR A 455 36.60 35.77 -40.63
N PRO A 456 35.62 35.91 -41.57
CA PRO A 456 34.99 34.72 -42.15
C PRO A 456 35.98 33.77 -42.81
N GLU A 457 37.07 34.33 -43.41
CA GLU A 457 38.15 33.58 -44.06
C GLU A 457 38.88 32.70 -43.06
N GLN A 458 39.12 33.22 -41.83
CA GLN A 458 39.81 32.49 -40.77
C GLN A 458 38.92 31.41 -40.18
N VAL A 459 37.64 31.73 -39.91
CA VAL A 459 36.64 30.81 -39.39
C VAL A 459 36.46 29.65 -40.38
N GLY A 460 36.45 29.97 -41.68
CA GLY A 460 36.35 29.01 -42.76
C GLY A 460 37.51 28.02 -42.77
N LYS A 461 38.74 28.53 -42.60
CA LYS A 461 39.96 27.70 -42.53
C LYS A 461 39.90 26.76 -41.35
N MET A 462 39.45 27.27 -40.19
CA MET A 462 39.31 26.49 -38.97
C MET A 462 38.21 25.43 -39.15
N LYS A 463 37.11 25.77 -39.85
CA LYS A 463 36.01 24.83 -40.15
C LYS A 463 36.56 23.62 -40.89
N ALA A 464 37.41 23.87 -41.92
CA ALA A 464 38.07 22.84 -42.71
C ALA A 464 38.96 21.96 -41.85
N ILE A 465 39.64 22.55 -40.84
CA ILE A 465 40.50 21.83 -39.90
C ILE A 465 39.64 20.95 -38.99
N VAL A 466 38.54 21.53 -38.45
CA VAL A 466 37.60 20.83 -37.58
C VAL A 466 37.02 19.60 -38.29
N GLU A 467 36.60 19.76 -39.56
CA GLU A 467 36.05 18.68 -40.39
C GLU A 467 37.07 17.57 -40.64
N LYS A 468 38.37 17.94 -40.77
CA LYS A 468 39.45 16.98 -41.00
C LYS A 468 39.71 16.08 -39.80
N LEU A 469 39.60 16.62 -38.58
CA LEU A 469 39.86 15.86 -37.35
C LEU A 469 38.57 15.43 -36.65
N ARG A 470 37.51 15.18 -37.44
CA ARG A 470 36.23 14.74 -36.94
C ARG A 470 36.30 13.25 -36.59
N PHE A 471 35.63 12.86 -35.49
CA PHE A 471 35.60 11.47 -35.04
C PHE A 471 34.33 11.19 -34.23
N THR A 472 34.03 9.89 -34.00
CA THR A 472 32.86 9.46 -33.25
C THR A 472 33.21 9.26 -31.78
N TYR A 473 32.70 10.15 -30.92
CA TYR A 473 32.93 10.07 -29.48
C TYR A 473 31.98 9.09 -28.81
N ARG A 474 32.54 8.25 -27.94
CA ARG A 474 31.81 7.28 -27.13
C ARG A 474 32.38 7.40 -25.71
N SER A 475 31.50 7.51 -24.71
CA SER A 475 31.91 7.66 -23.31
C SER A 475 32.87 6.56 -22.78
N ASP A 476 32.91 5.38 -23.45
CA ASP A 476 33.73 4.23 -23.09
C ASP A 476 35.06 4.10 -23.84
N SER A 477 35.43 5.10 -24.66
CA SER A 477 36.62 5.08 -25.51
C SER A 477 37.96 5.19 -24.80
N PHE A 478 38.03 5.93 -23.68
CA PHE A 478 39.32 6.16 -23.01
C PHE A 478 39.48 5.44 -21.69
N GLU A 479 40.70 4.94 -21.44
CA GLU A 479 41.06 4.26 -20.20
C GLU A 479 41.94 5.19 -19.37
N ASN A 480 41.87 5.07 -18.04
CA ASN A 480 42.67 5.88 -17.12
C ASN A 480 44.12 5.40 -17.14
N PRO A 481 45.05 6.21 -17.70
CA PRO A 481 46.45 5.78 -17.82
C PRO A 481 47.08 5.41 -16.49
N VAL A 482 46.77 6.20 -15.45
CA VAL A 482 47.28 6.03 -14.09
C VAL A 482 46.83 4.69 -13.50
N LEU A 483 45.52 4.38 -13.57
CA LEU A 483 44.98 3.13 -13.04
C LEU A 483 45.53 1.93 -13.77
N GLN A 484 45.49 1.95 -15.11
CA GLN A 484 45.99 0.86 -15.95
C GLN A 484 47.42 0.48 -15.60
N GLN A 485 48.31 1.48 -15.51
CA GLN A 485 49.71 1.27 -15.15
C GLN A 485 49.88 0.69 -13.75
N HIS A 486 49.08 1.19 -12.78
CA HIS A 486 49.12 0.73 -11.38
C HIS A 486 48.87 -0.78 -11.27
N PHE A 487 47.88 -1.29 -11.99
CA PHE A 487 47.54 -2.70 -11.95
C PHE A 487 48.46 -3.56 -12.80
N ARG A 488 49.04 -2.97 -13.87
CA ARG A 488 50.01 -3.70 -14.69
C ARG A 488 51.22 -3.95 -13.80
N ASN A 489 51.57 -2.94 -12.96
CA ASN A 489 52.67 -3.00 -12.01
C ASN A 489 52.43 -4.08 -10.96
N LEU A 490 51.20 -4.13 -10.41
CA LEU A 490 50.84 -5.13 -9.41
C LEU A 490 50.89 -6.55 -9.97
N GLU A 491 50.50 -6.73 -11.26
CA GLU A 491 50.54 -8.03 -11.96
C GLU A 491 51.96 -8.59 -12.00
N ALA A 492 52.93 -7.75 -12.42
CA ALA A 492 54.34 -8.10 -12.50
C ALA A 492 54.90 -8.53 -11.14
N LEU A 493 54.46 -7.86 -10.06
CA LEU A 493 54.91 -8.16 -8.70
C LEU A 493 54.24 -9.38 -8.07
N ALA A 494 52.94 -9.59 -8.34
CA ALA A 494 52.18 -10.72 -7.79
C ALA A 494 52.54 -12.05 -8.44
N LEU A 495 52.93 -12.01 -9.72
CA LEU A 495 53.30 -13.20 -10.49
C LEU A 495 54.81 -13.41 -10.56
N ASP A 496 55.59 -12.44 -10.02
CA ASP A 496 57.06 -12.41 -10.01
C ASP A 496 57.64 -12.52 -11.43
N LEU A 497 57.06 -11.71 -12.34
CA LEU A 497 57.47 -11.63 -13.74
C LEU A 497 58.78 -10.84 -13.85
N MET A 498 58.95 -9.86 -12.94
CA MET A 498 60.08 -8.92 -12.85
C MET A 498 60.07 -7.89 -14.00
N GLU A 499 59.08 -8.01 -14.91
CA GLU A 499 58.88 -7.13 -16.05
C GLU A 499 57.45 -6.53 -16.08
N PRO A 500 57.32 -5.21 -15.82
CA PRO A 500 55.98 -4.61 -15.84
C PRO A 500 55.52 -4.27 -17.24
N GLU A 501 54.29 -4.68 -17.60
CA GLU A 501 53.69 -4.38 -18.89
C GLU A 501 53.49 -2.86 -18.93
N GLN A 502 53.78 -2.23 -20.06
CA GLN A 502 53.63 -0.77 -20.19
C GLN A 502 52.32 -0.44 -20.90
N ALA A 503 51.41 0.25 -20.19
CA ALA A 503 50.10 0.66 -20.71
C ALA A 503 50.24 1.68 -21.85
N VAL A 504 49.41 1.53 -22.90
CA VAL A 504 49.39 2.44 -24.05
C VAL A 504 48.41 3.57 -23.76
N ASP A 505 48.94 4.80 -23.65
CA ASP A 505 48.13 5.98 -23.35
C ASP A 505 47.21 6.36 -24.51
N LEU A 506 45.92 6.09 -24.32
CA LEU A 506 44.85 6.38 -25.29
C LEU A 506 44.48 7.86 -25.25
N THR A 507 44.90 8.56 -24.18
CA THR A 507 44.62 9.98 -23.99
C THR A 507 45.56 10.86 -24.80
N LEU A 508 46.72 10.33 -25.22
CA LEU A 508 47.69 11.09 -26.01
C LEU A 508 47.21 11.25 -27.45
N PRO A 509 47.28 12.47 -28.03
CA PRO A 509 46.81 12.66 -29.41
C PRO A 509 47.64 11.91 -30.43
N LYS A 510 46.97 11.42 -31.47
CA LYS A 510 47.60 10.68 -32.56
C LYS A 510 48.23 11.72 -33.51
N VAL A 511 49.23 12.46 -32.99
CA VAL A 511 49.98 13.57 -33.61
C VAL A 511 50.31 13.33 -35.09
N GLU A 512 51.13 12.30 -35.38
CA GLU A 512 51.57 11.97 -36.74
C GLU A 512 50.43 11.81 -37.72
N ALA A 513 49.40 11.04 -37.32
CA ALA A 513 48.20 10.78 -38.13
C ALA A 513 47.45 12.09 -38.40
N MET A 514 47.32 12.95 -37.36
CA MET A 514 46.64 14.24 -37.44
C MET A 514 47.35 15.16 -38.42
N ASN A 515 48.69 15.25 -38.35
CA ASN A 515 49.51 16.08 -39.23
C ASN A 515 49.31 15.69 -40.70
N LYS A 516 49.35 14.39 -41.01
CA LYS A 516 49.15 13.84 -42.35
C LYS A 516 47.75 14.16 -42.84
N ARG A 517 46.73 13.99 -41.97
CA ARG A 517 45.34 14.25 -42.28
C ARG A 517 45.04 15.75 -42.55
N LEU A 518 45.80 16.64 -41.88
CA LEU A 518 45.63 18.09 -42.05
C LEU A 518 46.36 18.67 -43.24
N GLY A 519 47.52 18.10 -43.57
CA GLY A 519 48.35 18.53 -44.69
C GLY A 519 48.81 19.97 -44.58
N SER A 520 48.46 20.80 -45.57
CA SER A 520 48.84 22.21 -45.67
C SER A 520 47.89 23.17 -44.94
N LEU A 521 46.73 22.69 -44.43
CA LEU A 521 45.75 23.50 -43.71
C LEU A 521 46.34 24.26 -42.53
N VAL A 522 47.32 23.64 -41.84
CA VAL A 522 48.02 24.20 -40.69
C VAL A 522 48.81 25.42 -41.13
N ASP A 523 49.70 25.25 -42.13
CA ASP A 523 50.53 26.32 -42.68
C ASP A 523 49.66 27.43 -43.27
N GLU A 524 48.51 27.07 -43.86
CA GLU A 524 47.53 28.00 -44.43
C GLU A 524 46.94 28.88 -43.33
N PHE A 525 46.40 28.25 -42.27
CA PHE A 525 45.81 28.95 -41.12
C PHE A 525 46.80 29.91 -40.49
N LYS A 526 48.05 29.45 -40.27
CA LYS A 526 49.15 30.22 -39.67
C LYS A 526 49.41 31.51 -40.43
N GLU A 527 49.52 31.43 -41.77
CA GLU A 527 49.77 32.57 -42.65
C GLU A 527 48.67 33.63 -42.53
N LEU A 528 47.42 33.20 -42.27
CA LEU A 528 46.28 34.08 -42.14
C LEU A 528 46.12 34.70 -40.75
N VAL A 529 46.76 34.12 -39.73
CA VAL A 529 46.61 34.58 -38.34
C VAL A 529 47.92 35.09 -37.71
N TYR A 530 48.95 34.24 -37.67
CA TYR A 530 50.22 34.54 -37.03
C TYR A 530 51.13 35.43 -37.90
N PRO A 531 51.72 36.49 -37.30
CA PRO A 531 52.61 37.37 -38.07
C PRO A 531 53.93 36.66 -38.43
N PRO A 532 54.71 37.15 -39.42
CA PRO A 532 55.99 36.48 -39.73
C PRO A 532 56.96 36.52 -38.54
N ASP A 533 56.88 37.59 -37.72
CA ASP A 533 57.69 37.77 -36.53
C ASP A 533 56.85 37.55 -35.27
N TYR A 534 57.27 36.61 -34.42
CA TYR A 534 56.58 36.24 -33.18
C TYR A 534 57.60 35.85 -32.11
N MET B 1 32.08 38.21 -15.57
CA MET B 1 33.23 39.03 -15.96
C MET B 1 33.38 40.27 -15.09
N HIS B 2 34.64 40.61 -14.79
CA HIS B 2 35.05 41.76 -13.99
C HIS B 2 34.99 43.06 -14.79
N HIS B 3 35.11 44.20 -14.07
CA HIS B 3 35.17 45.56 -14.63
C HIS B 3 36.56 45.74 -15.29
N HIS B 4 36.72 46.74 -16.17
CA HIS B 4 38.00 47.00 -16.85
C HIS B 4 39.08 47.50 -15.89
N HIS B 5 38.66 48.10 -14.74
CA HIS B 5 39.55 48.60 -13.70
C HIS B 5 40.24 47.47 -12.91
N HIS B 6 39.60 46.28 -12.83
CA HIS B 6 40.15 45.10 -12.15
C HIS B 6 41.33 44.55 -12.96
N HIS B 7 42.54 44.75 -12.44
CA HIS B 7 43.80 44.33 -13.06
C HIS B 7 43.98 42.82 -13.04
N HIS B 8 44.77 42.30 -13.99
CA HIS B 8 45.03 40.87 -14.09
C HIS B 8 46.03 40.38 -13.04
N HIS B 9 46.76 41.28 -12.34
CA HIS B 9 47.71 40.82 -11.33
C HIS B 9 46.99 40.04 -10.24
N HIS B 10 45.74 40.43 -9.93
CA HIS B 10 44.85 39.78 -8.95
C HIS B 10 44.63 38.29 -9.24
N HIS B 11 44.84 37.85 -10.51
CA HIS B 11 44.66 36.47 -10.94
C HIS B 11 45.96 35.70 -11.16
N GLU B 12 47.14 36.33 -10.99
CA GLU B 12 48.39 35.60 -11.21
C GLU B 12 49.13 35.29 -9.90
N ASN B 13 49.70 34.07 -9.84
CA ASN B 13 50.46 33.55 -8.70
C ASN B 13 51.92 34.01 -8.73
N LEU B 14 52.28 34.86 -7.77
CA LEU B 14 53.64 35.40 -7.59
C LEU B 14 54.01 35.34 -6.11
N TYR B 15 55.31 35.32 -5.78
CA TYR B 15 55.81 35.25 -4.40
C TYR B 15 55.40 36.50 -3.60
N PHE B 16 54.30 36.36 -2.82
CA PHE B 16 53.67 37.38 -1.98
C PHE B 16 53.20 38.59 -2.82
N GLN B 17 52.83 38.31 -4.08
CA GLN B 17 52.32 39.28 -5.06
C GLN B 17 51.16 38.66 -5.85
N GLY B 18 50.34 39.49 -6.47
CA GLY B 18 49.19 39.06 -7.26
C GLY B 18 48.05 38.57 -6.40
N VAL B 19 47.77 37.26 -6.46
CA VAL B 19 46.72 36.63 -5.65
C VAL B 19 47.26 36.53 -4.21
N ARG B 20 48.57 36.28 -4.08
CA ARG B 20 49.27 36.15 -2.81
C ARG B 20 49.49 37.49 -2.10
N SER B 21 49.34 38.64 -2.79
CA SER B 21 49.51 39.94 -2.13
C SER B 21 48.30 40.31 -1.29
N GLY B 22 48.55 40.94 -0.16
CA GLY B 22 47.50 41.37 0.75
C GLY B 22 46.71 42.55 0.20
N ASN B 23 45.39 42.35 0.01
CA ASN B 23 44.50 43.41 -0.47
C ASN B 23 43.96 44.18 0.76
N LYS B 24 44.90 44.62 1.62
CA LYS B 24 44.59 45.32 2.85
C LYS B 24 44.05 46.71 2.57
N ALA B 25 42.96 47.09 3.25
CA ALA B 25 42.34 48.40 3.10
C ALA B 25 42.11 49.08 4.44
N ALA B 26 42.29 50.40 4.47
CA ALA B 26 42.11 51.23 5.66
C ALA B 26 40.79 51.97 5.53
N VAL B 27 39.87 51.74 6.48
CA VAL B 27 38.54 52.36 6.44
C VAL B 27 38.26 53.16 7.71
N VAL B 28 37.91 54.45 7.54
CA VAL B 28 37.54 55.31 8.67
C VAL B 28 36.06 55.60 8.60
N LEU B 29 35.30 55.13 9.59
CA LEU B 29 33.88 55.38 9.66
C LEU B 29 33.70 56.65 10.47
N CYS B 30 33.15 57.69 9.84
CA CYS B 30 32.95 59.00 10.41
C CYS B 30 31.48 59.21 10.71
N MET B 31 31.07 58.93 11.96
CA MET B 31 29.68 59.00 12.37
C MET B 31 29.27 60.28 13.08
N ASP B 32 28.09 60.81 12.71
CA ASP B 32 27.48 61.99 13.33
C ASP B 32 26.61 61.49 14.49
N VAL B 33 26.96 61.87 15.71
CA VAL B 33 26.20 61.48 16.91
C VAL B 33 25.55 62.72 17.56
N GLY B 34 25.58 63.85 16.86
CA GLY B 34 25.03 65.13 17.31
C GLY B 34 23.56 65.09 17.70
N PHE B 35 23.14 66.09 18.48
CA PHE B 35 21.78 66.25 18.99
C PHE B 35 20.68 65.94 17.94
N THR B 36 20.77 66.55 16.75
CA THR B 36 19.79 66.39 15.66
C THR B 36 19.67 64.98 15.11
N MET B 37 20.75 64.18 15.20
CA MET B 37 20.75 62.79 14.74
C MET B 37 19.74 61.93 15.51
N SER B 38 19.32 62.40 16.69
CA SER B 38 18.37 61.71 17.54
C SER B 38 16.92 62.12 17.25
N ASN B 39 16.70 63.31 16.63
CA ASN B 39 15.37 63.81 16.27
C ASN B 39 14.83 62.97 15.12
N SER B 40 13.61 62.42 15.30
CA SER B 40 12.97 61.57 14.30
C SER B 40 11.51 61.87 14.05
N ILE B 41 11.04 61.48 12.86
CA ILE B 41 9.65 61.61 12.41
C ILE B 41 8.89 60.37 12.94
N PRO B 42 7.68 60.55 13.54
CA PRO B 42 6.95 59.41 14.12
C PRO B 42 7.04 58.04 13.44
N GLY B 43 6.87 57.99 12.11
CA GLY B 43 6.88 56.74 11.35
C GLY B 43 8.23 56.08 11.13
N ILE B 44 9.33 56.86 11.14
CA ILE B 44 10.67 56.32 10.87
C ILE B 44 11.67 56.48 12.02
N GLU B 45 12.66 55.57 12.06
CA GLU B 45 13.77 55.51 13.00
C GLU B 45 14.65 56.74 12.88
N SER B 46 15.32 57.14 13.98
CA SER B 46 16.20 58.30 13.97
C SER B 46 17.45 58.06 13.14
N PRO B 47 18.02 59.11 12.49
CA PRO B 47 19.24 58.93 11.69
C PRO B 47 20.36 58.24 12.48
N PHE B 48 20.51 58.60 13.78
CA PHE B 48 21.49 58.01 14.69
C PHE B 48 21.34 56.48 14.76
N GLU B 49 20.10 55.98 14.99
CA GLU B 49 19.82 54.55 15.07
C GLU B 49 20.00 53.85 13.73
N GLN B 50 19.63 54.54 12.63
CA GLN B 50 19.77 54.02 11.27
C GLN B 50 21.25 53.85 10.92
N ALA B 51 22.06 54.90 11.15
CA ALA B 51 23.49 54.90 10.89
C ALA B 51 24.20 53.89 11.78
N LYS B 52 23.73 53.74 13.04
CA LYS B 52 24.29 52.79 13.99
C LYS B 52 24.14 51.35 13.49
N LYS B 53 23.00 51.04 12.87
CA LYS B 53 22.70 49.72 12.32
C LYS B 53 23.55 49.43 11.09
N VAL B 54 23.77 50.45 10.24
CA VAL B 54 24.59 50.35 9.03
C VAL B 54 26.03 49.99 9.41
N ILE B 55 26.58 50.73 10.39
CA ILE B 55 27.93 50.53 10.91
C ILE B 55 28.08 49.14 11.51
N THR B 56 27.08 48.70 12.30
CA THR B 56 27.08 47.37 12.92
C THR B 56 27.12 46.32 11.81
N MET B 57 26.23 46.46 10.81
CA MET B 57 26.16 45.54 9.67
C MET B 57 27.50 45.44 8.98
N PHE B 58 28.13 46.59 8.71
CA PHE B 58 29.45 46.68 8.07
C PHE B 58 30.52 45.96 8.88
N VAL B 59 30.66 46.30 10.17
CA VAL B 59 31.67 45.70 11.05
C VAL B 59 31.44 44.17 11.18
N GLN B 60 30.19 43.72 11.37
CA GLN B 60 29.84 42.28 11.49
C GLN B 60 30.34 41.49 10.28
N ARG B 61 30.07 42.01 9.06
CA ARG B 61 30.48 41.47 7.76
C ARG B 61 31.99 41.36 7.73
N GLN B 62 32.70 42.43 8.15
CA GLN B 62 34.16 42.48 8.14
C GLN B 62 34.81 41.51 9.11
N VAL B 63 34.18 41.29 10.29
CA VAL B 63 34.72 40.40 11.32
C VAL B 63 34.83 38.94 10.80
N PHE B 64 33.79 38.45 10.11
CA PHE B 64 33.77 37.10 9.53
C PHE B 64 34.46 36.98 8.19
N ALA B 65 34.60 38.11 7.46
CA ALA B 65 35.26 38.16 6.16
C ALA B 65 36.75 37.88 6.29
N GLU B 66 37.33 37.21 5.27
CA GLU B 66 38.74 36.84 5.21
C GLU B 66 39.70 38.03 5.28
N ASN B 67 39.33 39.17 4.65
CA ASN B 67 40.13 40.40 4.55
C ASN B 67 40.75 40.88 5.85
N LYS B 68 41.99 41.39 5.75
CA LYS B 68 42.78 41.92 6.84
C LYS B 68 42.60 43.47 6.91
N ASP B 69 41.47 43.96 6.35
CA ASP B 69 41.11 45.38 6.31
C ASP B 69 40.96 45.96 7.69
N GLU B 70 41.58 47.13 7.92
CA GLU B 70 41.57 47.79 9.22
C GLU B 70 40.57 48.92 9.29
N ILE B 71 39.95 49.06 10.47
CA ILE B 71 38.87 50.02 10.69
C ILE B 71 39.07 50.94 11.89
N ALA B 72 38.78 52.25 11.69
CA ALA B 72 38.83 53.27 12.73
C ALA B 72 37.46 53.94 12.81
N LEU B 73 37.10 54.43 14.00
CA LEU B 73 35.81 55.07 14.17
C LEU B 73 35.90 56.46 14.81
N VAL B 74 35.49 57.47 14.04
CA VAL B 74 35.45 58.87 14.47
C VAL B 74 33.99 59.28 14.69
N LEU B 75 33.72 59.90 15.83
CA LEU B 75 32.38 60.36 16.20
C LEU B 75 32.36 61.87 16.33
N PHE B 76 31.32 62.52 15.81
CA PHE B 76 31.24 63.97 15.93
C PHE B 76 29.86 64.42 16.39
N GLY B 77 29.86 65.39 17.30
CA GLY B 77 28.65 65.90 17.94
C GLY B 77 28.58 65.37 19.36
N THR B 78 29.70 64.80 19.83
CA THR B 78 29.86 64.25 21.18
C THR B 78 29.99 65.36 22.20
N ASP B 79 29.69 65.08 23.48
CA ASP B 79 29.80 66.06 24.55
C ASP B 79 31.25 66.47 24.81
N GLY B 80 32.13 65.49 24.94
CA GLY B 80 33.55 65.73 25.15
C GLY B 80 34.34 65.79 23.86
N THR B 81 35.62 66.16 23.95
CA THR B 81 36.53 66.23 22.81
C THR B 81 37.80 65.42 23.06
N ASP B 82 38.11 64.49 22.14
CA ASP B 82 39.29 63.62 22.21
C ASP B 82 39.77 63.20 20.82
N ASN B 83 40.64 64.01 20.22
CA ASN B 83 41.21 63.76 18.90
C ASN B 83 42.64 64.32 18.81
N PRO B 84 43.51 63.81 17.90
CA PRO B 84 44.89 64.34 17.83
C PRO B 84 45.04 65.80 17.41
N LEU B 85 44.04 66.34 16.67
CA LEU B 85 44.07 67.73 16.19
C LEU B 85 43.39 68.73 17.15
N SER B 86 43.12 68.28 18.38
CA SER B 86 42.44 69.07 19.40
C SER B 86 43.21 70.31 19.84
N GLY B 87 42.55 71.44 19.68
CA GLY B 87 43.02 72.76 20.07
C GLY B 87 41.99 73.33 21.01
N GLY B 88 42.35 74.38 21.74
CA GLY B 88 41.47 75.06 22.69
C GLY B 88 40.16 75.55 22.10
N ASP B 89 40.21 76.02 20.84
CA ASP B 89 39.06 76.52 20.09
C ASP B 89 38.88 75.78 18.76
N GLN B 90 39.68 74.71 18.51
CA GLN B 90 39.65 73.95 17.26
C GLN B 90 39.27 72.48 17.41
N TYR B 91 38.60 71.95 16.37
CA TYR B 91 38.12 70.57 16.22
C TYR B 91 37.43 70.04 17.48
N GLN B 92 36.51 70.85 18.01
CA GLN B 92 35.75 70.55 19.21
C GLN B 92 34.58 69.64 18.94
N ASN B 93 34.20 68.83 19.95
CA ASN B 93 33.10 67.86 19.95
C ASN B 93 33.32 66.71 18.93
N ILE B 94 34.58 66.38 18.67
CA ILE B 94 34.98 65.31 17.75
C ILE B 94 35.81 64.30 18.54
N THR B 95 35.39 63.02 18.54
CA THR B 95 36.06 61.95 19.30
C THR B 95 36.52 60.79 18.42
N VAL B 96 37.77 60.36 18.59
CA VAL B 96 38.30 59.18 17.90
C VAL B 96 38.03 58.02 18.86
N HIS B 97 36.89 57.35 18.67
CA HIS B 97 36.47 56.22 19.49
C HIS B 97 37.40 55.02 19.32
N ARG B 98 37.79 54.74 18.08
CA ARG B 98 38.64 53.61 17.72
C ARG B 98 39.70 54.02 16.71
N HIS B 99 40.95 53.59 16.93
CA HIS B 99 42.04 53.86 16.00
C HIS B 99 42.15 52.69 15.03
N LEU B 100 42.82 52.90 13.88
CA LEU B 100 42.96 51.89 12.84
C LEU B 100 43.53 50.56 13.36
N MET B 101 42.63 49.56 13.52
CA MET B 101 42.89 48.22 14.04
C MET B 101 41.93 47.24 13.37
N LEU B 102 42.31 45.95 13.34
CA LEU B 102 41.45 44.90 12.80
C LEU B 102 40.14 44.87 13.60
N PRO B 103 38.97 44.73 12.94
CA PRO B 103 37.71 44.72 13.70
C PRO B 103 37.61 43.52 14.63
N ASP B 104 36.99 43.72 15.79
CA ASP B 104 36.82 42.66 16.78
C ASP B 104 35.47 42.74 17.46
N PHE B 105 35.17 41.75 18.34
CA PHE B 105 33.91 41.70 19.07
C PHE B 105 33.82 42.80 20.15
N ASP B 106 34.96 43.40 20.53
CA ASP B 106 34.98 44.52 21.47
C ASP B 106 34.46 45.78 20.78
N LEU B 107 34.75 45.93 19.47
CA LEU B 107 34.27 47.08 18.69
C LEU B 107 32.75 47.00 18.59
N LEU B 108 32.23 45.84 18.15
CA LEU B 108 30.80 45.59 18.00
C LEU B 108 30.02 45.81 19.30
N GLU B 109 30.59 45.38 20.42
CA GLU B 109 29.99 45.56 21.75
C GLU B 109 29.87 47.05 22.13
N ASP B 110 30.90 47.85 21.79
CA ASP B 110 30.89 49.30 22.03
C ASP B 110 29.83 49.98 21.19
N ILE B 111 29.77 49.63 19.89
CA ILE B 111 28.79 50.15 18.92
C ILE B 111 27.37 49.86 19.41
N GLU B 112 27.16 48.66 19.97
CA GLU B 112 25.85 48.24 20.45
C GLU B 112 25.51 48.77 21.85
N SER B 113 26.51 48.96 22.73
CA SER B 113 26.21 49.37 24.10
C SER B 113 26.90 50.65 24.59
N LYS B 114 28.23 50.77 24.42
CA LYS B 114 28.97 51.94 24.92
C LYS B 114 28.63 53.26 24.23
N ILE B 115 28.57 53.31 22.89
CA ILE B 115 28.26 54.52 22.12
C ILE B 115 26.84 55.05 22.45
N GLN B 116 26.77 56.34 22.80
CA GLN B 116 25.52 57.00 23.14
C GLN B 116 25.35 58.27 22.32
N PRO B 117 24.08 58.68 22.02
CA PRO B 117 23.90 59.93 21.25
C PRO B 117 24.36 61.16 22.02
N GLY B 118 25.04 62.05 21.33
CA GLY B 118 25.56 63.29 21.89
C GLY B 118 24.51 64.36 22.07
N SER B 119 24.86 65.40 22.83
CA SER B 119 23.98 66.53 23.12
C SER B 119 24.44 67.80 22.37
N GLN B 120 25.61 67.73 21.71
CA GLN B 120 26.19 68.84 20.98
C GLN B 120 26.09 68.68 19.45
N GLN B 121 26.81 69.53 18.70
CA GLN B 121 26.87 69.53 17.23
C GLN B 121 28.28 69.89 16.79
N ALA B 122 28.80 69.17 15.79
CA ALA B 122 30.13 69.43 15.25
C ALA B 122 30.10 69.68 13.74
N ASP B 123 31.17 70.29 13.23
CA ASP B 123 31.37 70.60 11.83
C ASP B 123 31.73 69.30 11.15
N PHE B 124 30.93 68.85 10.17
CA PHE B 124 31.19 67.57 9.49
C PHE B 124 32.46 67.60 8.64
N LEU B 125 32.82 68.78 8.10
CA LEU B 125 34.05 68.94 7.33
C LEU B 125 35.26 68.88 8.26
N ASP B 126 35.10 69.29 9.53
CA ASP B 126 36.16 69.22 10.55
C ASP B 126 36.36 67.76 10.93
N ALA B 127 35.25 67.00 11.02
CA ALA B 127 35.26 65.57 11.33
C ALA B 127 35.98 64.80 10.23
N LEU B 128 35.80 65.22 8.97
CA LEU B 128 36.46 64.64 7.80
C LEU B 128 37.96 64.91 7.88
N ILE B 129 38.36 66.11 8.34
CA ILE B 129 39.77 66.47 8.51
C ILE B 129 40.42 65.54 9.56
N VAL B 130 39.72 65.34 10.69
CA VAL B 130 40.18 64.46 11.76
C VAL B 130 40.29 63.02 11.22
N SER B 131 39.32 62.59 10.38
CA SER B 131 39.30 61.27 9.77
C SER B 131 40.48 61.10 8.82
N MET B 132 40.80 62.16 8.05
CA MET B 132 41.94 62.16 7.13
C MET B 132 43.24 62.06 7.90
N ASP B 133 43.32 62.71 9.08
CA ASP B 133 44.48 62.69 9.95
C ASP B 133 44.77 61.27 10.39
N VAL B 134 43.73 60.51 10.77
CA VAL B 134 43.79 59.12 11.20
C VAL B 134 44.46 58.27 10.13
N ILE B 135 44.02 58.40 8.86
CA ILE B 135 44.60 57.68 7.73
C ILE B 135 46.05 58.14 7.50
N GLN B 136 46.28 59.46 7.47
CA GLN B 136 47.61 60.04 7.24
C GLN B 136 48.67 59.65 8.25
N HIS B 137 48.29 59.52 9.54
CA HIS B 137 49.21 59.17 10.61
C HIS B 137 49.32 57.67 10.89
N GLU B 138 48.39 56.84 10.38
CA GLU B 138 48.39 55.41 10.69
C GLU B 138 48.66 54.48 9.49
N THR B 139 48.55 54.98 8.24
CA THR B 139 48.84 54.15 7.06
C THR B 139 50.34 54.07 6.80
N ILE B 140 51.15 54.97 7.41
CA ILE B 140 52.61 55.00 7.23
C ILE B 140 53.26 53.67 7.72
N GLY B 141 52.84 53.20 8.89
CA GLY B 141 53.37 51.98 9.50
C GLY B 141 53.11 50.69 8.77
N LYS B 142 51.91 50.54 8.18
CA LYS B 142 51.48 49.32 7.48
C LYS B 142 51.25 49.52 5.97
N LYS B 143 51.12 48.42 5.21
CA LYS B 143 50.88 48.51 3.77
C LYS B 143 49.40 48.36 3.44
N PHE B 144 48.78 49.45 2.97
CA PHE B 144 47.37 49.49 2.57
C PHE B 144 47.23 49.80 1.09
N GLU B 145 46.53 48.92 0.39
CA GLU B 145 46.25 49.03 -1.03
C GLU B 145 45.19 50.12 -1.27
N LYS B 146 44.24 50.26 -0.33
CA LYS B 146 43.14 51.23 -0.43
C LYS B 146 42.86 51.96 0.88
N ARG B 147 42.45 53.23 0.78
CA ARG B 147 42.10 54.08 1.92
C ARG B 147 40.70 54.66 1.66
N HIS B 148 39.74 54.43 2.58
CA HIS B 148 38.35 54.91 2.46
C HIS B 148 37.88 55.67 3.69
N ILE B 149 36.99 56.64 3.48
CA ILE B 149 36.33 57.40 4.55
C ILE B 149 34.83 57.42 4.27
N GLU B 150 34.03 56.84 5.19
CA GLU B 150 32.59 56.77 5.09
C GLU B 150 31.95 57.71 6.10
N ILE B 151 31.21 58.73 5.60
CA ILE B 151 30.57 59.72 6.47
C ILE B 151 29.07 59.47 6.59
N PHE B 152 28.60 59.39 7.84
CA PHE B 152 27.19 59.16 8.19
C PHE B 152 26.71 60.39 8.92
N THR B 153 25.88 61.20 8.25
CA THR B 153 25.37 62.46 8.80
C THR B 153 23.96 62.77 8.29
N ASP B 154 23.30 63.75 8.91
CA ASP B 154 21.98 64.22 8.49
C ASP B 154 22.08 65.58 7.79
N LEU B 155 23.30 66.18 7.78
CA LEU B 155 23.63 67.48 7.19
C LEU B 155 22.78 68.61 7.77
N SER B 156 22.36 68.46 9.04
CA SER B 156 21.49 69.41 9.74
C SER B 156 22.20 70.64 10.29
N SER B 157 23.48 70.50 10.66
CA SER B 157 24.27 71.55 11.31
C SER B 157 25.08 72.46 10.38
N ARG B 158 25.45 73.64 10.92
CA ARG B 158 26.28 74.64 10.24
C ARG B 158 27.71 74.12 10.19
N PHE B 159 28.43 74.52 9.15
CA PHE B 159 29.81 74.10 8.87
C PHE B 159 30.56 75.24 8.20
N SER B 160 31.89 75.23 8.31
CA SER B 160 32.79 76.20 7.70
C SER B 160 33.19 75.68 6.31
N LYS B 161 33.10 76.54 5.28
CA LYS B 161 33.44 76.19 3.90
C LYS B 161 34.90 76.58 3.56
N SER B 162 35.63 77.11 4.56
CA SER B 162 37.00 77.58 4.45
C SER B 162 38.05 76.50 4.17
N GLN B 163 37.80 75.25 4.59
CA GLN B 163 38.77 74.17 4.44
C GLN B 163 38.51 73.24 3.27
N LEU B 164 37.54 73.60 2.41
CA LEU B 164 37.19 72.79 1.24
C LEU B 164 38.39 72.42 0.37
N ASP B 165 39.21 73.41 0.01
CA ASP B 165 40.39 73.25 -0.83
C ASP B 165 41.43 72.34 -0.22
N ILE B 166 41.71 72.47 1.10
CA ILE B 166 42.69 71.58 1.72
C ILE B 166 42.14 70.16 1.80
N ILE B 167 40.83 70.02 2.07
CA ILE B 167 40.16 68.72 2.14
C ILE B 167 40.33 67.96 0.83
N ILE B 168 39.94 68.59 -0.28
CA ILE B 168 40.01 68.02 -1.62
C ILE B 168 41.45 67.70 -2.03
N HIS B 169 42.39 68.63 -1.76
CA HIS B 169 43.80 68.43 -2.08
C HIS B 169 44.41 67.25 -1.35
N SER B 170 44.10 67.07 -0.05
CA SER B 170 44.64 65.97 0.73
C SER B 170 44.04 64.62 0.35
N LEU B 171 42.76 64.60 -0.03
CA LEU B 171 42.09 63.37 -0.44
C LEU B 171 42.70 62.87 -1.75
N LYS B 172 42.95 63.80 -2.69
CA LYS B 172 43.54 63.50 -3.99
C LYS B 172 44.99 63.04 -3.87
N LYS B 173 45.81 63.79 -3.10
CA LYS B 173 47.23 63.47 -2.90
C LYS B 173 47.44 62.16 -2.13
N CYS B 174 46.59 61.89 -1.13
CA CYS B 174 46.68 60.67 -0.33
C CYS B 174 45.92 59.49 -0.92
N ASP B 175 45.21 59.71 -2.05
CA ASP B 175 44.40 58.69 -2.73
C ASP B 175 43.40 58.07 -1.74
N ILE B 176 42.57 58.94 -1.15
CA ILE B 176 41.54 58.53 -0.19
C ILE B 176 40.21 58.73 -0.88
N SER B 177 39.43 57.67 -1.01
CA SER B 177 38.11 57.77 -1.64
C SER B 177 37.04 58.04 -0.58
N LEU B 178 35.99 58.76 -0.99
CA LEU B 178 34.93 59.18 -0.09
C LEU B 178 33.56 58.62 -0.46
N GLN B 179 32.68 58.50 0.55
CA GLN B 179 31.29 58.04 0.43
C GLN B 179 30.45 58.70 1.51
N PHE B 180 29.23 59.13 1.15
CA PHE B 180 28.30 59.77 2.07
C PHE B 180 27.06 58.95 2.27
N PHE B 181 26.58 58.91 3.51
CA PHE B 181 25.39 58.15 3.92
C PHE B 181 24.47 59.09 4.67
N LEU B 182 23.30 59.32 4.09
CA LEU B 182 22.34 60.29 4.61
C LEU B 182 20.98 59.65 4.94
N PRO B 183 20.09 60.36 5.69
CA PRO B 183 18.78 59.77 6.01
C PRO B 183 17.82 59.76 4.82
N PHE B 184 18.19 60.46 3.73
CA PHE B 184 17.38 60.59 2.52
C PHE B 184 18.13 60.18 1.25
N SER B 185 17.39 59.69 0.24
CA SER B 185 17.94 59.30 -1.06
C SER B 185 18.27 60.54 -1.87
N LEU B 186 19.23 60.43 -2.81
CA LEU B 186 19.62 61.55 -3.67
C LEU B 186 18.75 61.69 -4.92
N GLY B 187 18.24 60.55 -5.43
CA GLY B 187 17.38 60.51 -6.61
C GLY B 187 16.10 59.72 -6.42
N GLY B 213 11.47 66.80 1.84
CA GLY B 213 11.13 67.81 2.84
C GLY B 213 12.28 68.18 3.76
N ILE B 214 13.51 68.25 3.21
CA ILE B 214 14.72 68.59 3.96
C ILE B 214 14.76 70.08 4.28
N THR B 215 15.45 70.44 5.38
CA THR B 215 15.61 71.83 5.82
C THR B 215 16.49 72.62 4.84
N GLU B 216 16.58 73.95 5.04
CA GLU B 216 17.40 74.80 4.20
C GLU B 216 18.89 74.53 4.46
N GLN B 217 19.24 74.24 5.73
CA GLN B 217 20.62 73.93 6.11
C GLN B 217 21.04 72.63 5.44
N GLN B 218 20.12 71.67 5.34
CA GLN B 218 20.35 70.39 4.68
C GLN B 218 20.58 70.57 3.19
N LYS B 219 19.88 71.54 2.56
CA LYS B 219 20.02 71.84 1.14
C LYS B 219 21.40 72.42 0.84
N GLU B 220 21.91 73.27 1.77
CA GLU B 220 23.21 73.91 1.68
C GLU B 220 24.31 72.85 1.80
N GLY B 221 24.23 72.05 2.87
CA GLY B 221 25.15 70.97 3.14
C GLY B 221 25.22 69.98 2.00
N LEU B 222 24.06 69.66 1.39
CA LEU B 222 23.98 68.72 0.28
C LEU B 222 24.70 69.24 -0.96
N GLU B 223 24.59 70.54 -1.25
CA GLU B 223 25.25 71.16 -2.40
C GLU B 223 26.77 71.04 -2.30
N ILE B 224 27.30 71.24 -1.07
CA ILE B 224 28.72 71.14 -0.77
C ILE B 224 29.18 69.69 -0.94
N VAL B 225 28.40 68.73 -0.40
CA VAL B 225 28.67 67.29 -0.50
C VAL B 225 28.73 66.91 -1.99
N LYS B 226 27.78 67.41 -2.79
CA LYS B 226 27.73 67.18 -4.23
C LYS B 226 28.99 67.69 -4.90
N MET B 227 29.38 68.95 -4.59
CA MET B 227 30.57 69.61 -5.12
C MET B 227 31.84 68.80 -4.79
N VAL B 228 31.98 68.38 -3.52
CA VAL B 228 33.11 67.59 -3.04
C VAL B 228 33.23 66.31 -3.86
N MET B 229 32.13 65.54 -3.96
CA MET B 229 32.09 64.29 -4.70
C MET B 229 32.41 64.44 -6.18
N ILE B 230 31.94 65.53 -6.80
CA ILE B 230 32.18 65.82 -8.22
C ILE B 230 33.65 66.18 -8.43
N SER B 231 34.24 66.94 -7.49
CA SER B 231 35.65 67.33 -7.56
C SER B 231 36.56 66.09 -7.49
N LEU B 232 36.21 65.14 -6.61
CA LEU B 232 36.97 63.91 -6.40
C LEU B 232 36.77 62.84 -7.48
N GLU B 233 35.52 62.51 -7.76
CA GLU B 233 35.16 61.41 -8.67
C GLU B 233 34.67 61.84 -10.05
N GLY B 234 34.21 63.07 -10.17
CA GLY B 234 33.66 63.59 -11.42
C GLY B 234 32.16 63.35 -11.48
N GLU B 235 31.62 63.18 -12.69
CA GLU B 235 30.19 62.94 -12.91
C GLU B 235 29.67 61.78 -12.05
N ASP B 236 30.48 60.71 -11.92
CA ASP B 236 30.18 59.50 -11.14
C ASP B 236 30.12 59.73 -9.63
N GLY B 237 30.65 60.85 -9.17
CA GLY B 237 30.67 61.22 -7.75
C GLY B 237 29.32 61.15 -7.07
N LEU B 238 28.28 61.58 -7.80
CA LEU B 238 26.88 61.61 -7.33
C LEU B 238 26.35 60.22 -6.98
N ASP B 239 26.91 59.17 -7.61
CA ASP B 239 26.56 57.78 -7.35
C ASP B 239 27.09 57.29 -5.99
N GLU B 240 28.03 58.04 -5.38
CA GLU B 240 28.62 57.68 -4.10
C GLU B 240 27.91 58.31 -2.91
N ILE B 241 26.70 58.84 -3.13
CA ILE B 241 25.86 59.45 -2.09
C ILE B 241 24.68 58.49 -1.90
N TYR B 242 24.56 57.89 -0.69
CA TYR B 242 23.53 56.91 -0.39
C TYR B 242 22.62 57.28 0.80
N SER B 243 21.48 56.58 0.89
CA SER B 243 20.53 56.71 1.99
C SER B 243 20.86 55.58 2.96
N PHE B 244 20.63 55.76 4.27
CA PHE B 244 20.88 54.69 5.23
C PHE B 244 20.01 53.50 4.86
N SER B 245 18.75 53.78 4.43
CA SER B 245 17.74 52.80 4.00
C SER B 245 18.29 51.80 2.99
N GLU B 246 18.91 52.29 1.90
CA GLU B 246 19.47 51.41 0.87
C GLU B 246 20.72 50.68 1.33
N SER B 247 21.49 51.31 2.24
CA SER B 247 22.71 50.74 2.80
C SER B 247 22.40 49.53 3.69
N LEU B 248 21.31 49.63 4.47
CA LEU B 248 20.83 48.58 5.38
C LEU B 248 20.37 47.36 4.60
N ARG B 249 19.75 47.61 3.44
CA ARG B 249 19.21 46.62 2.51
C ARG B 249 20.33 45.76 1.91
N LYS B 250 21.44 46.39 1.52
CA LYS B 250 22.58 45.72 0.89
C LYS B 250 23.44 44.94 1.88
N LEU B 251 23.64 45.48 3.09
CA LEU B 251 24.52 44.92 4.12
C LEU B 251 23.86 43.96 5.12
N CYS B 252 22.57 43.63 4.93
CA CYS B 252 21.87 42.71 5.85
C CYS B 252 22.45 41.27 5.83
N VAL B 253 22.95 40.80 4.67
CA VAL B 253 23.56 39.47 4.51
C VAL B 253 25.07 39.51 4.71
N PHE B 254 25.67 38.38 5.15
CA PHE B 254 27.12 38.23 5.31
C PHE B 254 27.78 38.19 3.95
N LYS B 255 29.08 38.51 3.92
CA LYS B 255 29.85 38.54 2.68
C LYS B 255 29.85 37.19 1.94
N LYS B 256 29.44 37.24 0.67
CA LYS B 256 29.42 36.13 -0.29
C LYS B 256 30.89 35.78 -0.53
N ILE B 257 31.25 34.50 -0.51
CA ILE B 257 32.64 34.10 -0.67
C ILE B 257 33.11 34.34 -2.12
N GLU B 258 34.09 35.24 -2.26
CA GLU B 258 34.70 35.60 -3.54
C GLU B 258 36.21 35.35 -3.42
N ARG B 259 36.76 34.58 -4.37
CA ARG B 259 38.19 34.27 -4.44
C ARG B 259 38.64 34.49 -5.88
N HIS B 260 39.88 34.92 -6.10
CA HIS B 260 40.35 35.13 -7.46
C HIS B 260 40.94 33.83 -7.99
N SER B 261 40.47 33.35 -9.15
CA SER B 261 41.01 32.12 -9.74
C SER B 261 42.40 32.38 -10.32
N ILE B 262 43.35 31.47 -10.08
CA ILE B 262 44.72 31.61 -10.60
C ILE B 262 44.67 31.41 -12.12
N HIS B 263 45.37 32.25 -12.88
CA HIS B 263 45.46 32.11 -14.33
C HIS B 263 46.36 30.93 -14.63
N TRP B 264 45.93 30.09 -15.55
CA TRP B 264 46.65 28.88 -15.89
C TRP B 264 47.20 28.98 -17.31
N PRO B 265 48.52 29.22 -17.45
CA PRO B 265 49.11 29.35 -18.78
C PRO B 265 49.38 27.99 -19.40
N CYS B 266 49.16 27.89 -20.72
CA CYS B 266 49.36 26.68 -21.50
C CYS B 266 49.16 26.94 -22.99
N ARG B 267 49.35 25.89 -23.79
CA ARG B 267 49.17 25.96 -25.24
C ARG B 267 48.18 24.91 -25.68
N LEU B 268 47.12 25.36 -26.37
CA LEU B 268 46.08 24.49 -26.94
C LEU B 268 46.71 23.97 -28.24
N THR B 269 47.00 22.67 -28.28
CA THR B 269 47.67 22.08 -29.45
C THR B 269 46.76 21.23 -30.30
N ILE B 270 46.84 21.44 -31.61
CA ILE B 270 46.11 20.70 -32.65
C ILE B 270 47.23 20.08 -33.47
N GLY B 271 47.55 18.83 -33.15
CA GLY B 271 48.66 18.11 -33.76
C GLY B 271 49.94 18.50 -33.05
N SER B 272 51.04 18.65 -33.81
CA SER B 272 52.34 19.06 -33.26
C SER B 272 52.88 20.32 -33.93
N ASN B 273 52.17 20.81 -34.95
CA ASN B 273 52.59 22.01 -35.69
C ASN B 273 51.74 23.23 -35.39
N LEU B 274 50.51 23.05 -34.88
CA LEU B 274 49.61 24.15 -34.54
C LEU B 274 49.46 24.31 -33.03
N SER B 275 49.88 25.46 -32.53
CA SER B 275 49.83 25.79 -31.11
C SER B 275 49.13 27.12 -30.90
N ILE B 276 48.29 27.20 -29.86
CA ILE B 276 47.56 28.42 -29.50
C ILE B 276 47.79 28.74 -28.03
N ARG B 277 48.45 29.87 -27.75
CA ARG B 277 48.72 30.31 -26.39
C ARG B 277 47.40 30.66 -25.69
N ILE B 278 47.12 29.99 -24.56
CA ILE B 278 45.87 30.17 -23.83
C ILE B 278 46.10 30.43 -22.34
N ALA B 279 45.09 31.00 -21.67
CA ALA B 279 45.10 31.24 -20.23
C ALA B 279 43.74 30.77 -19.71
N ALA B 280 43.76 29.77 -18.84
CA ALA B 280 42.56 29.17 -18.29
C ALA B 280 42.30 29.60 -16.85
N TYR B 281 41.03 29.71 -16.46
CA TYR B 281 40.64 30.12 -15.10
C TYR B 281 39.45 29.31 -14.62
N LYS B 282 39.37 29.00 -13.32
CA LYS B 282 38.23 28.28 -12.74
C LYS B 282 36.97 29.16 -12.69
N SER B 283 35.90 28.73 -13.36
CA SER B 283 34.65 29.51 -13.35
C SER B 283 33.68 29.00 -12.30
N ILE B 284 33.59 27.67 -12.11
CA ILE B 284 32.70 27.06 -11.10
C ILE B 284 33.51 26.15 -10.17
N LEU B 285 33.17 26.21 -8.86
CA LEU B 285 33.80 25.43 -7.79
C LEU B 285 32.82 25.17 -6.68
N GLN B 286 33.05 24.14 -5.87
CA GLN B 286 32.25 23.94 -4.68
C GLN B 286 33.02 24.71 -3.61
N GLU B 287 32.65 26.00 -3.42
CA GLU B 287 33.32 26.93 -2.50
C GLU B 287 33.08 26.58 -1.05
N ARG B 288 34.13 26.72 -0.22
CA ARG B 288 34.07 26.42 1.21
C ARG B 288 34.83 27.48 2.02
N VAL B 289 34.47 27.59 3.32
CA VAL B 289 35.15 28.45 4.27
C VAL B 289 36.41 27.67 4.71
N LYS B 290 37.58 28.33 4.70
CA LYS B 290 38.86 27.73 5.09
C LYS B 290 38.95 27.42 6.57
N LYS B 291 38.46 28.33 7.43
CA LYS B 291 38.46 28.16 8.88
C LYS B 291 37.38 27.14 9.30
N THR B 292 37.80 26.11 10.05
CA THR B 292 36.89 25.04 10.52
C THR B 292 36.97 24.91 12.03
N TRP B 293 36.29 23.89 12.56
CA TRP B 293 36.24 23.62 13.99
C TRP B 293 37.50 22.95 14.52
N THR B 294 38.11 23.55 15.55
CA THR B 294 39.27 23.02 16.23
C THR B 294 38.75 22.28 17.46
N VAL B 295 39.12 21.01 17.61
CA VAL B 295 38.72 20.18 18.74
C VAL B 295 39.61 20.58 19.91
N VAL B 296 38.99 21.02 21.02
CA VAL B 296 39.72 21.46 22.22
C VAL B 296 39.18 20.81 23.49
N ASP B 297 40.02 20.77 24.55
CA ASP B 297 39.63 20.20 25.85
C ASP B 297 38.49 21.02 26.45
N ALA B 298 37.44 20.34 26.93
CA ALA B 298 36.26 20.97 27.52
C ALA B 298 36.56 21.84 28.75
N LYS B 299 37.75 21.66 29.36
CA LYS B 299 38.14 22.41 30.54
C LYS B 299 39.10 23.55 30.24
N THR B 300 40.27 23.24 29.65
CA THR B 300 41.30 24.24 29.32
C THR B 300 40.90 25.06 28.11
N LEU B 301 40.06 24.47 27.24
CA LEU B 301 39.61 25.06 25.97
C LEU B 301 40.81 25.29 25.04
N LYS B 302 41.87 24.47 25.23
CA LYS B 302 43.10 24.54 24.46
C LYS B 302 43.27 23.33 23.56
N LYS B 303 43.95 23.53 22.43
CA LYS B 303 44.21 22.51 21.41
C LYS B 303 45.33 21.56 21.83
N GLU B 304 46.40 22.11 22.42
CA GLU B 304 47.60 21.40 22.88
C GLU B 304 47.32 20.24 23.84
N ASP B 305 46.22 20.34 24.62
CA ASP B 305 45.79 19.32 25.57
C ASP B 305 45.26 18.05 24.91
N ILE B 306 45.00 18.10 23.59
CA ILE B 306 44.47 16.97 22.81
C ILE B 306 45.53 16.39 21.89
N GLN B 307 45.63 15.04 21.86
CA GLN B 307 46.59 14.31 21.04
C GLN B 307 46.00 12.99 20.54
N LYS B 308 46.22 12.69 19.25
CA LYS B 308 45.75 11.46 18.62
C LYS B 308 46.91 10.51 18.32
N GLU B 309 46.79 9.24 18.75
CA GLU B 309 47.81 8.24 18.50
C GLU B 309 47.22 7.05 17.78
N THR B 310 47.67 6.80 16.55
CA THR B 310 47.22 5.69 15.72
C THR B 310 48.12 4.46 15.98
N VAL B 311 47.55 3.43 16.61
CA VAL B 311 48.22 2.19 16.99
C VAL B 311 47.94 1.09 15.95
N TYR B 312 48.85 0.11 15.82
CA TYR B 312 48.73 -1.00 14.86
C TYR B 312 48.76 -2.35 15.55
N CYS B 313 47.82 -3.22 15.18
CA CYS B 313 47.64 -4.56 15.73
C CYS B 313 47.30 -5.59 14.66
N LEU B 314 47.67 -6.85 14.89
CA LEU B 314 47.44 -7.94 13.94
C LEU B 314 46.00 -8.43 13.86
N ASN B 315 45.58 -8.83 12.64
CA ASN B 315 44.29 -9.39 12.27
C ASN B 315 43.95 -10.61 13.15
N ASP B 316 44.98 -11.41 13.51
CA ASP B 316 44.86 -12.60 14.34
C ASP B 316 44.49 -12.20 15.77
N ASP B 317 43.90 -13.16 16.52
CA ASP B 317 43.42 -13.01 17.89
C ASP B 317 44.46 -12.46 18.88
N ASP B 318 43.96 -11.98 20.05
CA ASP B 318 44.69 -11.42 21.20
C ASP B 318 45.25 -10.00 20.96
N GLU B 319 44.95 -9.39 19.78
CA GLU B 319 45.34 -8.02 19.41
C GLU B 319 46.84 -7.74 19.63
N THR B 320 47.71 -8.36 18.80
CA THR B 320 49.16 -8.21 18.91
C THR B 320 49.63 -6.91 18.26
N GLU B 321 50.12 -5.96 19.09
CA GLU B 321 50.61 -4.65 18.64
C GLU B 321 51.87 -4.79 17.78
N VAL B 322 52.10 -3.81 16.89
CA VAL B 322 53.26 -3.77 16.00
C VAL B 322 53.88 -2.37 16.06
N LEU B 323 55.23 -2.31 16.04
CA LEU B 323 55.98 -1.06 16.04
C LEU B 323 56.18 -0.57 14.61
N LYS B 324 56.17 0.75 14.42
CA LYS B 324 56.33 1.43 13.12
C LYS B 324 57.55 0.95 12.32
N GLU B 325 58.56 0.42 13.03
CA GLU B 325 59.79 -0.12 12.44
C GLU B 325 59.61 -1.55 11.90
N ASP B 326 58.36 -2.04 11.84
CA ASP B 326 58.03 -3.38 11.35
C ASP B 326 56.89 -3.40 10.33
N ILE B 327 56.44 -2.22 9.87
CA ILE B 327 55.35 -2.12 8.90
C ILE B 327 55.84 -1.65 7.53
N ILE B 328 55.40 -2.36 6.48
CA ILE B 328 55.72 -2.04 5.08
C ILE B 328 54.45 -1.70 4.30
N GLN B 329 54.62 -1.07 3.13
CA GLN B 329 53.50 -0.72 2.25
C GLN B 329 53.17 -1.88 1.31
N GLY B 330 51.88 -2.04 1.05
CA GLY B 330 51.38 -3.06 0.15
C GLY B 330 50.07 -2.66 -0.51
N PHE B 331 49.64 -3.46 -1.49
CA PHE B 331 48.40 -3.23 -2.21
C PHE B 331 47.69 -4.53 -2.44
N ARG B 332 46.37 -4.48 -2.60
CA ARG B 332 45.62 -5.68 -2.88
C ARG B 332 45.38 -5.78 -4.36
N TYR B 333 45.54 -6.99 -4.90
CA TYR B 333 45.25 -7.33 -6.29
C TYR B 333 44.31 -8.51 -6.14
N GLY B 334 43.04 -8.20 -5.92
CA GLY B 334 42.01 -9.19 -5.66
C GLY B 334 42.30 -9.89 -4.34
N SER B 335 42.53 -11.21 -4.39
CA SER B 335 42.87 -12.03 -3.23
C SER B 335 44.35 -11.92 -2.86
N ASP B 336 45.17 -11.48 -3.82
CA ASP B 336 46.61 -11.32 -3.62
C ASP B 336 46.95 -10.07 -2.84
N ILE B 337 47.99 -10.18 -2.00
CA ILE B 337 48.52 -9.07 -1.21
C ILE B 337 49.91 -8.85 -1.77
N VAL B 338 50.14 -7.65 -2.33
CA VAL B 338 51.37 -7.31 -3.02
C VAL B 338 52.19 -6.24 -2.29
N PRO B 339 53.31 -6.62 -1.63
CA PRO B 339 54.15 -5.59 -0.99
C PRO B 339 54.78 -4.71 -2.08
N PHE B 340 54.64 -3.40 -1.92
CA PHE B 340 55.12 -2.42 -2.89
C PHE B 340 55.48 -1.15 -2.14
N SER B 341 56.79 -0.91 -1.91
CA SER B 341 57.28 0.26 -1.19
C SER B 341 57.00 1.55 -1.96
N LYS B 342 57.00 2.70 -1.25
CA LYS B 342 56.77 4.02 -1.86
C LYS B 342 57.90 4.40 -2.81
N VAL B 343 59.09 3.82 -2.60
CA VAL B 343 60.28 4.02 -3.42
C VAL B 343 60.09 3.34 -4.78
N ASP B 344 59.71 2.04 -4.78
CA ASP B 344 59.48 1.26 -5.99
C ASP B 344 58.29 1.80 -6.76
N GLU B 345 57.22 2.17 -6.03
CA GLU B 345 55.98 2.73 -6.57
C GLU B 345 56.26 4.06 -7.25
N GLU B 346 57.22 4.84 -6.73
CA GLU B 346 57.63 6.15 -7.25
C GLU B 346 58.23 6.06 -8.66
N GLN B 347 58.99 4.98 -8.92
CA GLN B 347 59.69 4.75 -10.18
C GLN B 347 58.85 4.04 -11.23
N MET B 348 58.02 3.07 -10.82
CA MET B 348 57.16 2.31 -11.73
C MET B 348 55.87 3.08 -12.05
N LYS B 349 55.57 4.11 -11.21
CA LYS B 349 54.42 5.00 -11.31
C LYS B 349 54.28 5.60 -12.70
N TYR B 350 53.03 5.75 -13.19
CA TYR B 350 52.80 6.40 -14.48
C TYR B 350 53.21 7.86 -14.33
N LYS B 351 54.03 8.33 -15.26
CA LYS B 351 54.56 9.68 -15.25
C LYS B 351 54.10 10.47 -16.47
N SER B 352 53.35 11.55 -16.21
CA SER B 352 52.82 12.43 -17.25
C SER B 352 53.91 13.34 -17.78
N GLU B 353 53.82 13.67 -19.08
CA GLU B 353 54.77 14.56 -19.77
C GLU B 353 54.80 15.94 -19.10
N GLY B 354 53.64 16.38 -18.61
CA GLY B 354 53.48 17.65 -17.92
C GLY B 354 52.22 18.38 -18.33
N LYS B 355 52.18 19.69 -18.07
CA LYS B 355 51.07 20.59 -18.40
C LYS B 355 50.70 20.43 -19.87
N CYS B 356 49.40 20.31 -20.19
CA CYS B 356 48.93 20.15 -21.57
C CYS B 356 47.44 20.43 -21.73
N PHE B 357 47.04 20.74 -22.96
CA PHE B 357 45.68 20.98 -23.38
C PHE B 357 45.67 20.64 -24.86
N SER B 358 45.78 19.33 -25.14
CA SER B 358 45.90 18.78 -26.48
C SER B 358 44.60 18.26 -27.05
N VAL B 359 44.23 18.75 -28.23
CA VAL B 359 43.01 18.33 -28.95
C VAL B 359 43.25 16.93 -29.51
N LEU B 360 42.29 16.05 -29.24
CA LEU B 360 42.35 14.66 -29.70
C LEU B 360 41.52 14.52 -30.97
N GLY B 361 40.49 15.36 -31.05
CA GLY B 361 39.56 15.41 -32.16
C GLY B 361 38.35 16.25 -31.85
N PHE B 362 37.41 16.29 -32.79
CA PHE B 362 36.17 17.04 -32.65
C PHE B 362 35.00 16.14 -32.99
N CYS B 363 33.85 16.38 -32.35
CA CYS B 363 32.66 15.58 -32.57
C CYS B 363 31.41 16.43 -32.42
N LYS B 364 30.25 15.89 -32.83
CA LYS B 364 28.95 16.54 -32.67
C LYS B 364 28.72 16.76 -31.19
N SER B 365 28.15 17.93 -30.82
CA SER B 365 27.86 18.25 -29.41
C SER B 365 26.86 17.24 -28.81
N SER B 366 25.97 16.70 -29.67
CA SER B 366 24.98 15.69 -29.30
C SER B 366 25.61 14.41 -28.77
N GLN B 367 26.83 14.07 -29.24
CA GLN B 367 27.59 12.88 -28.82
C GLN B 367 28.16 13.05 -27.40
N VAL B 368 28.12 14.27 -26.86
CA VAL B 368 28.60 14.58 -25.53
C VAL B 368 27.41 15.00 -24.66
N GLN B 369 26.92 14.07 -23.85
CA GLN B 369 25.75 14.28 -22.98
C GLN B 369 26.16 14.88 -21.66
N ARG B 370 25.38 15.86 -21.16
CA ARG B 370 25.71 16.56 -19.92
C ARG B 370 25.68 15.64 -18.68
N ARG B 371 25.00 14.48 -18.77
CA ARG B 371 24.95 13.51 -17.67
C ARG B 371 26.30 12.84 -17.43
N PHE B 372 27.23 12.97 -18.40
CA PHE B 372 28.55 12.38 -18.31
C PHE B 372 29.62 13.35 -17.80
N PHE B 373 29.25 14.61 -17.54
CA PHE B 373 30.16 15.63 -17.02
C PHE B 373 30.77 15.18 -15.69
N MET B 374 32.10 15.28 -15.58
CA MET B 374 32.86 14.82 -14.41
C MET B 374 33.70 15.93 -13.78
N GLY B 375 34.26 15.66 -12.60
CA GLY B 375 35.14 16.58 -11.90
C GLY B 375 34.47 17.50 -10.90
N ASN B 376 35.27 18.41 -10.33
CA ASN B 376 34.84 19.35 -9.31
C ASN B 376 35.01 20.84 -9.74
N GLN B 377 35.34 21.06 -11.03
CA GLN B 377 35.57 22.40 -11.57
C GLN B 377 35.13 22.55 -13.03
N VAL B 378 34.95 23.79 -13.43
CA VAL B 378 34.65 24.21 -14.80
C VAL B 378 35.74 25.22 -15.14
N LEU B 379 36.37 25.06 -16.29
CA LEU B 379 37.45 25.92 -16.73
C LEU B 379 37.02 26.79 -17.89
N LYS B 380 37.23 28.08 -17.79
CA LYS B 380 36.98 28.95 -18.91
C LYS B 380 38.36 29.23 -19.52
N VAL B 381 38.48 28.98 -20.82
CA VAL B 381 39.73 29.12 -21.55
C VAL B 381 39.69 30.31 -22.49
N PHE B 382 40.58 31.28 -22.26
CA PHE B 382 40.72 32.46 -23.09
C PHE B 382 42.10 32.42 -23.72
N ALA B 383 42.35 33.31 -24.69
CA ALA B 383 43.66 33.41 -25.31
C ALA B 383 44.60 34.08 -24.30
N ALA B 384 45.92 33.79 -24.38
CA ALA B 384 46.93 34.38 -23.49
C ALA B 384 46.75 35.89 -23.41
N ARG B 385 46.93 36.45 -22.20
CA ARG B 385 46.77 37.88 -21.93
C ARG B 385 47.53 38.77 -22.93
N ASP B 386 46.79 39.74 -23.51
CA ASP B 386 47.26 40.77 -24.45
C ASP B 386 47.85 40.20 -25.76
N ASP B 387 47.49 38.95 -26.12
CA ASP B 387 47.96 38.32 -27.35
C ASP B 387 46.84 38.30 -28.39
N GLU B 388 46.89 39.27 -29.33
CA GLU B 388 45.90 39.40 -30.40
C GLU B 388 45.91 38.19 -31.34
N ALA B 389 47.12 37.72 -31.74
CA ALA B 389 47.30 36.57 -32.62
C ALA B 389 46.60 35.34 -32.05
N ALA B 390 46.82 35.07 -30.74
CA ALA B 390 46.20 33.96 -30.04
C ALA B 390 44.69 34.16 -29.97
N ALA B 391 44.24 35.41 -29.72
CA ALA B 391 42.82 35.76 -29.62
C ALA B 391 42.07 35.47 -30.91
N VAL B 392 42.64 35.87 -32.07
CA VAL B 392 42.07 35.65 -33.41
C VAL B 392 42.01 34.14 -33.68
N ALA B 393 43.12 33.43 -33.41
CA ALA B 393 43.26 31.99 -33.60
C ALA B 393 42.20 31.24 -32.79
N LEU B 394 42.05 31.58 -31.49
CA LEU B 394 41.05 30.95 -30.64
C LEU B 394 39.64 31.30 -31.08
N SER B 395 39.39 32.57 -31.47
CA SER B 395 38.08 33.01 -31.94
C SER B 395 37.65 32.22 -33.16
N SER B 396 38.62 31.80 -34.01
CA SER B 396 38.35 31.00 -35.19
C SER B 396 37.80 29.64 -34.75
N LEU B 397 38.46 29.00 -33.77
CA LEU B 397 38.07 27.71 -33.22
C LEU B 397 36.66 27.76 -32.62
N ILE B 398 36.44 28.73 -31.73
CA ILE B 398 35.16 28.97 -31.04
C ILE B 398 33.99 29.05 -32.03
N HIS B 399 34.08 29.97 -32.99
CA HIS B 399 33.03 30.18 -33.99
C HIS B 399 32.84 29.00 -34.94
N ALA B 400 33.93 28.30 -35.32
CA ALA B 400 33.85 27.14 -36.21
C ALA B 400 33.07 26.03 -35.52
N LEU B 401 33.37 25.76 -34.24
CA LEU B 401 32.70 24.73 -33.46
C LEU B 401 31.22 25.08 -33.25
N ASP B 402 30.94 26.36 -32.98
CA ASP B 402 29.59 26.87 -32.79
C ASP B 402 28.78 26.74 -34.09
N ASP B 403 29.35 27.18 -35.21
CA ASP B 403 28.72 27.13 -36.53
C ASP B 403 28.57 25.71 -37.07
N LEU B 404 29.33 24.75 -36.53
CA LEU B 404 29.27 23.35 -36.94
C LEU B 404 28.52 22.51 -35.91
N ASP B 405 28.08 23.14 -34.79
CA ASP B 405 27.39 22.48 -33.68
C ASP B 405 28.25 21.28 -33.22
N MET B 406 29.53 21.58 -32.98
CA MET B 406 30.52 20.58 -32.58
C MET B 406 31.30 21.02 -31.35
N VAL B 407 32.05 20.07 -30.76
CA VAL B 407 32.87 20.28 -29.56
C VAL B 407 34.23 19.60 -29.74
N ALA B 408 35.21 20.01 -28.93
CA ALA B 408 36.54 19.44 -28.95
C ALA B 408 36.71 18.46 -27.80
N ILE B 409 37.36 17.33 -28.05
CA ILE B 409 37.67 16.32 -27.03
C ILE B 409 39.16 16.47 -26.79
N VAL B 410 39.53 16.87 -25.57
CA VAL B 410 40.93 17.16 -25.26
C VAL B 410 41.52 16.36 -24.09
N ARG B 411 42.86 16.33 -24.03
CA ARG B 411 43.63 15.75 -22.95
C ARG B 411 44.09 16.94 -22.11
N TYR B 412 43.68 16.98 -20.84
CA TYR B 412 44.01 18.06 -19.92
C TYR B 412 44.81 17.55 -18.74
N ALA B 413 45.94 18.21 -18.46
CA ALA B 413 46.79 17.89 -17.32
C ALA B 413 47.25 19.19 -16.71
N TYR B 414 46.83 19.43 -15.45
CA TYR B 414 47.15 20.64 -14.70
C TYR B 414 48.65 20.91 -14.70
N ASP B 415 49.44 19.91 -14.25
CA ASP B 415 50.90 19.97 -14.22
C ASP B 415 51.50 18.57 -14.38
N LYS B 416 52.84 18.46 -14.26
CA LYS B 416 53.58 17.19 -14.37
C LYS B 416 53.20 16.16 -13.30
N ARG B 417 52.60 16.63 -12.19
CA ARG B 417 52.19 15.78 -11.07
C ARG B 417 50.76 15.27 -11.22
N ALA B 418 49.80 16.17 -11.55
CA ALA B 418 48.38 15.86 -11.69
C ALA B 418 48.08 14.73 -12.68
N ASN B 419 47.05 13.92 -12.36
CA ASN B 419 46.60 12.81 -13.19
C ASN B 419 45.97 13.38 -14.46
N PRO B 420 46.40 12.92 -15.67
CA PRO B 420 45.80 13.45 -16.90
C PRO B 420 44.32 13.12 -17.04
N GLN B 421 43.56 14.05 -17.64
CA GLN B 421 42.12 13.92 -17.83
C GLN B 421 41.76 13.99 -19.30
N VAL B 422 40.61 13.42 -19.64
CA VAL B 422 40.02 13.51 -20.96
C VAL B 422 38.81 14.37 -20.70
N GLY B 423 38.57 15.35 -21.55
CA GLY B 423 37.44 16.24 -21.34
C GLY B 423 36.92 16.90 -22.60
N VAL B 424 35.86 17.69 -22.43
CA VAL B 424 35.20 18.44 -23.50
C VAL B 424 35.52 19.92 -23.39
N ALA B 425 35.74 20.56 -24.54
CA ALA B 425 35.97 22.00 -24.63
C ALA B 425 34.93 22.49 -25.62
N PHE B 426 33.90 23.20 -25.12
CA PHE B 426 32.83 23.66 -26.00
C PHE B 426 32.75 25.18 -26.13
N PRO B 427 32.26 25.69 -27.30
CA PRO B 427 32.19 27.14 -27.50
C PRO B 427 31.23 27.89 -26.58
N HIS B 428 31.64 29.10 -26.18
CA HIS B 428 30.88 29.99 -25.31
C HIS B 428 30.99 31.41 -25.86
N ILE B 429 30.00 31.83 -26.67
CA ILE B 429 29.96 33.16 -27.27
C ILE B 429 28.92 34.03 -26.61
N LYS B 430 29.37 35.08 -25.93
CA LYS B 430 28.48 36.03 -25.26
C LYS B 430 28.86 37.44 -25.70
N HIS B 431 28.10 38.45 -25.25
CA HIS B 431 28.41 39.85 -25.55
C HIS B 431 29.55 40.25 -24.63
N ASN B 432 30.60 40.87 -25.22
CA ASN B 432 31.86 41.39 -24.65
C ASN B 432 32.92 40.28 -24.39
N TYR B 433 32.59 38.98 -24.53
CA TYR B 433 33.59 37.91 -24.34
C TYR B 433 33.24 36.60 -25.05
N GLU B 434 34.27 35.92 -25.56
CA GLU B 434 34.19 34.61 -26.20
C GLU B 434 35.25 33.72 -25.58
N CYS B 435 34.91 32.45 -25.35
CA CYS B 435 35.84 31.47 -24.75
C CYS B 435 35.39 30.04 -24.98
N LEU B 436 36.25 29.09 -24.60
CA LEU B 436 35.94 27.67 -24.62
C LEU B 436 35.69 27.29 -23.18
N VAL B 437 34.70 26.44 -22.95
CA VAL B 437 34.41 25.97 -21.59
C VAL B 437 34.93 24.54 -21.51
N TYR B 438 35.79 24.27 -20.53
CA TYR B 438 36.33 22.94 -20.31
C TYR B 438 35.68 22.27 -19.13
N VAL B 439 35.29 21.00 -19.32
CA VAL B 439 34.74 20.13 -18.29
C VAL B 439 35.24 18.71 -18.55
N GLN B 440 35.70 18.03 -17.49
CA GLN B 440 36.22 16.66 -17.57
C GLN B 440 35.12 15.68 -17.97
N LEU B 441 35.50 14.69 -18.79
CA LEU B 441 34.63 13.62 -19.23
C LEU B 441 35.05 12.33 -18.50
N PRO B 442 34.24 11.25 -18.50
CA PRO B 442 34.64 10.05 -17.75
C PRO B 442 35.54 9.07 -18.50
N PHE B 443 36.22 8.20 -17.73
CA PHE B 443 37.04 7.10 -18.26
C PHE B 443 36.15 5.86 -18.22
N MET B 444 36.48 4.85 -19.01
CA MET B 444 35.72 3.59 -19.07
C MET B 444 35.54 3.00 -17.66
N GLU B 445 36.59 3.11 -16.82
CA GLU B 445 36.64 2.55 -15.48
C GLU B 445 35.69 3.21 -14.48
N ASP B 446 35.10 4.36 -14.83
CA ASP B 446 34.18 5.04 -13.92
C ASP B 446 32.71 4.96 -14.40
N LEU B 447 32.39 4.04 -15.32
CA LEU B 447 31.04 4.09 -15.87
C LEU B 447 30.18 2.84 -15.59
N ARG B 448 29.30 2.99 -14.62
CA ARG B 448 28.35 1.98 -14.14
C ARG B 448 27.00 2.27 -14.81
N GLN B 449 26.61 1.50 -15.85
CA GLN B 449 25.34 1.82 -16.52
C GLN B 449 24.11 1.15 -15.84
N TYR B 450 24.37 0.20 -14.89
CA TYR B 450 23.46 -0.53 -14.00
C TYR B 450 22.23 -1.24 -14.61
N MET B 451 21.68 -0.78 -15.75
CA MET B 451 20.51 -1.35 -16.45
C MET B 451 19.23 -1.29 -15.57
N PHE B 452 18.47 -0.18 -15.70
CA PHE B 452 17.24 0.08 -14.95
C PHE B 452 16.01 -0.43 -15.66
N SER B 453 14.98 -0.81 -14.90
CA SER B 453 13.72 -1.32 -15.44
C SER B 453 13.01 -0.25 -16.28
N SER B 454 12.40 -0.63 -17.42
CA SER B 454 11.68 0.36 -18.24
C SER B 454 10.38 0.73 -17.56
N LEU B 455 9.93 1.99 -17.74
CA LEU B 455 8.68 2.43 -17.14
C LEU B 455 7.61 2.65 -18.21
N LYS B 456 8.03 2.82 -19.47
CA LYS B 456 7.12 3.02 -20.59
C LYS B 456 6.40 1.72 -20.91
N ASN B 457 7.16 0.60 -20.96
CA ASN B 457 6.63 -0.74 -21.23
C ASN B 457 5.67 -1.18 -20.10
N SER B 458 5.93 -0.72 -18.86
CA SER B 458 5.16 -0.98 -17.66
C SER B 458 3.66 -0.78 -17.84
N LYS B 459 2.99 -1.91 -17.83
CA LYS B 459 1.56 -2.01 -17.98
C LYS B 459 0.89 -1.71 -16.64
N LYS B 460 1.63 -1.83 -15.51
CA LYS B 460 1.09 -1.60 -14.15
C LYS B 460 1.11 -0.15 -13.71
N TYR B 461 2.17 0.60 -14.07
CA TYR B 461 2.34 2.00 -13.63
C TYR B 461 2.01 3.07 -14.68
N ALA B 462 1.29 2.71 -15.75
CA ALA B 462 0.87 3.68 -16.76
C ALA B 462 -0.17 4.68 -16.17
N PRO B 463 0.07 6.00 -16.23
CA PRO B 463 -0.92 6.94 -15.67
C PRO B 463 -2.15 7.09 -16.56
N THR B 464 -3.30 7.38 -15.94
CA THR B 464 -4.56 7.59 -16.68
C THR B 464 -4.53 8.96 -17.35
N GLU B 465 -5.53 9.25 -18.21
CA GLU B 465 -5.68 10.53 -18.90
C GLU B 465 -5.82 11.67 -17.88
N ALA B 466 -6.65 11.46 -16.85
CA ALA B 466 -6.94 12.42 -15.78
C ALA B 466 -5.70 12.74 -14.95
N GLN B 467 -4.91 11.70 -14.64
CA GLN B 467 -3.68 11.81 -13.87
C GLN B 467 -2.66 12.66 -14.63
N LEU B 468 -2.54 12.42 -15.95
CA LEU B 468 -1.64 13.17 -16.83
C LEU B 468 -2.04 14.63 -16.94
N ASN B 469 -3.35 14.91 -17.00
CA ASN B 469 -3.87 16.27 -17.08
C ASN B 469 -3.65 17.04 -15.77
N ALA B 470 -3.70 16.33 -14.62
CA ALA B 470 -3.48 16.91 -13.31
C ALA B 470 -2.03 17.36 -13.16
N VAL B 471 -1.09 16.55 -13.67
CA VAL B 471 0.35 16.84 -13.64
C VAL B 471 0.62 18.00 -14.61
N ASP B 472 -0.08 17.99 -15.77
CA ASP B 472 0.03 19.03 -16.78
C ASP B 472 -0.37 20.39 -16.17
N ALA B 473 -1.48 20.41 -15.39
CA ALA B 473 -1.98 21.61 -14.73
C ALA B 473 -1.03 22.05 -13.62
N LEU B 474 -0.43 21.09 -12.90
CA LEU B 474 0.53 21.35 -11.82
C LEU B 474 1.77 22.05 -12.36
N ILE B 475 2.32 21.54 -13.48
CA ILE B 475 3.52 22.09 -14.11
C ILE B 475 3.29 23.52 -14.59
N ASP B 476 2.11 23.82 -15.13
CA ASP B 476 1.77 25.17 -15.59
C ASP B 476 1.61 26.15 -14.44
N SER B 477 0.94 25.72 -13.34
CA SER B 477 0.74 26.56 -12.16
C SER B 477 2.06 26.86 -11.45
N MET B 478 2.93 25.84 -11.33
CA MET B 478 4.23 25.92 -10.67
C MET B 478 5.36 26.41 -11.58
N SER B 479 5.05 27.11 -12.69
CA SER B 479 6.09 27.62 -13.58
C SER B 479 6.95 28.67 -12.89
N LEU B 480 8.27 28.49 -12.99
CA LEU B 480 9.25 29.39 -12.39
C LEU B 480 9.80 30.37 -13.43
N ALA B 481 9.09 30.55 -14.55
CA ALA B 481 9.48 31.45 -15.63
C ALA B 481 8.29 32.24 -16.18
N LYS B 482 8.57 33.38 -16.82
CA LYS B 482 7.56 34.27 -17.42
C LYS B 482 8.00 34.74 -18.80
N LYS B 483 7.14 34.53 -19.80
CA LYS B 483 7.35 34.92 -21.19
C LYS B 483 6.86 36.37 -21.43
N ASP B 484 6.59 36.72 -22.72
CA ASP B 484 6.09 38.00 -23.26
C ASP B 484 6.74 39.24 -22.58
N GLU B 485 8.09 39.29 -22.60
CA GLU B 485 8.87 40.42 -22.09
C GLU B 485 9.10 41.45 -23.25
N LYS B 486 8.55 41.14 -24.46
CA LYS B 486 8.63 41.90 -25.73
C LYS B 486 10.04 41.87 -26.36
N THR B 487 10.94 41.05 -25.81
CA THR B 487 12.31 40.85 -26.31
C THR B 487 12.49 39.37 -26.70
N ASP B 488 11.38 38.59 -26.63
CA ASP B 488 11.30 37.15 -26.91
C ASP B 488 12.22 36.36 -25.96
N THR B 489 12.52 36.97 -24.80
CA THR B 489 13.37 36.44 -23.74
C THR B 489 12.51 36.06 -22.54
N LEU B 490 12.80 34.88 -21.97
CA LEU B 490 12.13 34.31 -20.81
C LEU B 490 12.75 34.90 -19.54
N GLU B 491 11.88 35.33 -18.61
CA GLU B 491 12.33 35.90 -17.35
C GLU B 491 12.21 34.87 -16.23
N ASP B 492 13.35 34.52 -15.62
CA ASP B 492 13.40 33.54 -14.54
C ASP B 492 12.89 34.18 -13.24
N LEU B 493 11.84 33.58 -12.67
CA LEU B 493 11.20 34.04 -11.43
C LEU B 493 11.95 33.57 -10.17
N PHE B 494 12.80 32.53 -10.31
CA PHE B 494 13.54 31.99 -9.18
C PHE B 494 15.01 31.66 -9.55
N PRO B 495 15.90 32.69 -9.56
CA PRO B 495 17.29 32.46 -9.96
C PRO B 495 18.16 31.99 -8.80
N THR B 496 18.35 30.68 -8.69
CA THR B 496 19.12 30.00 -7.64
C THR B 496 20.61 30.38 -7.59
N THR B 497 21.23 30.59 -8.76
CA THR B 497 22.66 30.91 -8.88
C THR B 497 23.03 32.30 -8.33
N LYS B 498 22.04 33.12 -8.00
CA LYS B 498 22.24 34.46 -7.45
C LYS B 498 22.20 34.42 -5.92
N ILE B 499 21.60 33.36 -5.36
CA ILE B 499 21.46 33.16 -3.92
C ILE B 499 22.78 32.70 -3.30
N PRO B 500 23.24 33.30 -2.19
CA PRO B 500 24.45 32.79 -1.53
C PRO B 500 24.14 31.53 -0.71
N ASN B 501 25.11 30.60 -0.64
CA ASN B 501 24.99 29.34 0.11
C ASN B 501 24.60 29.63 1.57
N PRO B 502 23.39 29.17 1.96
CA PRO B 502 22.90 29.46 3.32
C PRO B 502 23.73 28.93 4.47
N ARG B 503 24.58 27.91 4.27
CA ARG B 503 25.38 27.36 5.35
C ARG B 503 26.36 28.36 5.96
N PHE B 504 26.93 29.23 5.12
CA PHE B 504 27.90 30.24 5.56
C PHE B 504 27.20 31.32 6.36
N GLN B 505 26.08 31.83 5.81
CA GLN B 505 25.20 32.84 6.39
C GLN B 505 24.74 32.38 7.78
N ARG B 506 24.38 31.10 7.86
CA ARG B 506 23.91 30.47 9.07
C ARG B 506 25.01 30.30 10.07
N LEU B 507 26.17 29.80 9.62
CA LEU B 507 27.34 29.60 10.48
C LEU B 507 27.76 30.92 11.12
N PHE B 508 27.87 31.97 10.31
CA PHE B 508 28.29 33.28 10.79
C PHE B 508 27.30 33.87 11.77
N GLN B 509 25.98 33.72 11.51
CA GLN B 509 24.93 34.19 12.41
C GLN B 509 25.14 33.56 13.81
N CYS B 510 25.40 32.24 13.83
CA CYS B 510 25.62 31.47 15.04
C CYS B 510 26.92 31.84 15.74
N LEU B 511 28.03 31.91 14.98
CA LEU B 511 29.35 32.31 15.50
C LEU B 511 29.28 33.68 16.17
N LEU B 512 28.54 34.62 15.56
CA LEU B 512 28.32 35.96 16.09
C LEU B 512 27.49 35.88 17.36
N HIS B 513 26.39 35.11 17.32
CA HIS B 513 25.51 34.95 18.47
C HIS B 513 26.24 34.41 19.68
N ARG B 514 27.08 33.37 19.49
CA ARG B 514 27.86 32.79 20.59
C ARG B 514 28.91 33.78 21.13
N ALA B 515 29.44 34.66 20.28
CA ALA B 515 30.45 35.64 20.68
C ALA B 515 29.87 36.74 21.54
N LEU B 516 28.71 37.30 21.14
CA LEU B 516 28.07 38.38 21.88
C LEU B 516 27.22 37.88 23.06
N HIS B 517 26.75 36.61 23.00
CA HIS B 517 25.90 36.01 24.04
C HIS B 517 26.35 34.56 24.35
N PRO B 518 27.45 34.40 25.12
CA PRO B 518 27.96 33.04 25.40
C PRO B 518 27.06 32.11 26.20
N ARG B 519 26.22 32.66 27.09
CA ARG B 519 25.32 31.85 27.92
C ARG B 519 24.08 31.38 27.17
N GLU B 520 23.64 32.16 26.17
CA GLU B 520 22.44 31.87 25.38
C GLU B 520 22.61 30.72 24.38
N PRO B 521 21.56 29.89 24.17
CA PRO B 521 21.65 28.83 23.15
C PRO B 521 21.64 29.43 21.75
N LEU B 522 21.87 28.59 20.73
CA LEU B 522 21.92 29.06 19.34
C LEU B 522 20.58 29.63 18.84
N PRO B 523 20.63 30.71 18.03
CA PRO B 523 19.38 31.31 17.56
C PRO B 523 18.75 30.51 16.42
N PRO B 524 17.44 30.67 16.15
CA PRO B 524 16.86 29.94 15.01
C PRO B 524 17.23 30.61 13.70
N ILE B 525 17.08 29.89 12.58
CA ILE B 525 17.40 30.40 11.25
C ILE B 525 16.61 31.69 10.98
N GLN B 526 17.32 32.74 10.50
CA GLN B 526 16.72 34.03 10.18
C GLN B 526 15.70 33.87 9.05
N GLN B 527 14.57 34.57 9.16
CA GLN B 527 13.47 34.51 8.19
C GLN B 527 13.88 34.86 6.77
N HIS B 528 14.70 35.91 6.57
CA HIS B 528 15.14 36.30 5.23
C HIS B 528 15.87 35.17 4.52
N ILE B 529 16.62 34.33 5.28
CA ILE B 529 17.32 33.16 4.74
C ILE B 529 16.29 32.19 4.18
N TRP B 530 15.26 31.85 4.98
CA TRP B 530 14.19 30.97 4.52
C TRP B 530 13.47 31.59 3.34
N ASN B 531 13.24 32.92 3.38
CA ASN B 531 12.59 33.66 2.31
C ASN B 531 13.33 33.58 0.98
N MET B 532 14.67 33.57 1.00
CA MET B 532 15.46 33.49 -0.22
C MET B 532 15.58 32.06 -0.77
N LEU B 533 15.34 31.05 0.10
CA LEU B 533 15.40 29.63 -0.30
C LEU B 533 14.07 29.11 -0.83
N ASN B 534 12.98 29.88 -0.64
CA ASN B 534 11.64 29.50 -1.09
C ASN B 534 11.22 30.23 -2.37
N PRO B 535 10.42 29.55 -3.23
CA PRO B 535 9.96 30.20 -4.48
C PRO B 535 8.99 31.35 -4.25
N PRO B 536 8.71 32.22 -5.26
CA PRO B 536 7.76 33.33 -5.05
C PRO B 536 6.44 32.86 -4.49
N ALA B 537 5.85 33.67 -3.58
CA ALA B 537 4.56 33.36 -2.95
C ALA B 537 3.46 33.13 -3.99
N GLU B 538 3.62 33.72 -5.18
CA GLU B 538 2.72 33.59 -6.31
C GLU B 538 2.67 32.13 -6.77
N VAL B 539 3.86 31.51 -6.94
CA VAL B 539 4.02 30.12 -7.35
C VAL B 539 3.30 29.17 -6.37
N THR B 540 3.55 29.36 -5.06
CA THR B 540 2.96 28.56 -3.98
C THR B 540 1.43 28.66 -3.97
N THR B 541 0.88 29.88 -4.16
CA THR B 541 -0.57 30.12 -4.19
C THR B 541 -1.24 29.40 -5.37
N LYS B 542 -0.69 29.59 -6.59
CA LYS B 542 -1.21 29.00 -7.83
C LYS B 542 -1.34 27.48 -7.78
N SER B 543 -0.33 26.81 -7.20
CA SER B 543 -0.21 25.36 -7.13
C SER B 543 -1.20 24.64 -6.20
N GLN B 544 -1.75 25.34 -5.19
CA GLN B 544 -2.66 24.77 -4.19
C GLN B 544 -3.77 23.90 -4.78
N ILE B 545 -4.62 24.48 -5.65
CA ILE B 545 -5.72 23.75 -6.32
C ILE B 545 -5.14 22.55 -7.11
N PRO B 546 -4.19 22.75 -8.06
CA PRO B 546 -3.61 21.59 -8.77
C PRO B 546 -3.03 20.51 -7.88
N LEU B 547 -2.34 20.90 -6.78
CA LEU B 547 -1.77 19.95 -5.82
C LEU B 547 -2.88 19.13 -5.18
N SER B 548 -4.01 19.79 -4.82
CA SER B 548 -5.17 19.12 -4.23
C SER B 548 -5.72 18.05 -5.17
N LYS B 549 -5.82 18.36 -6.48
CA LYS B 549 -6.30 17.43 -7.50
C LYS B 549 -5.38 16.21 -7.64
N ILE B 550 -4.07 16.43 -7.49
CA ILE B 550 -3.06 15.38 -7.57
C ILE B 550 -3.16 14.42 -6.39
N LYS B 551 -3.40 14.95 -5.17
CA LYS B 551 -3.51 14.15 -3.96
C LYS B 551 -4.65 13.13 -4.03
N THR B 552 -5.74 13.50 -4.71
CA THR B 552 -6.92 12.64 -4.88
C THR B 552 -6.75 11.64 -6.02
N LEU B 553 -6.10 12.08 -7.12
CA LEU B 553 -5.89 11.25 -8.31
C LEU B 553 -4.79 10.22 -8.16
N PHE B 554 -3.74 10.53 -7.38
CA PHE B 554 -2.61 9.63 -7.17
C PHE B 554 -2.58 9.01 -5.78
N PRO B 555 -3.05 7.75 -5.63
CA PRO B 555 -3.01 7.10 -4.30
C PRO B 555 -1.57 6.87 -3.85
N LEU B 556 -1.25 7.31 -2.63
CA LEU B 556 0.08 7.22 -2.03
C LEU B 556 -0.05 6.64 -0.61
N ILE B 557 0.70 5.56 -0.31
CA ILE B 557 0.68 4.90 1.00
C ILE B 557 2.00 4.17 1.27
N GLU B 558 2.53 4.29 2.49
CA GLU B 558 3.79 3.64 2.89
C GLU B 558 3.61 2.13 3.09
N ALA B 559 4.56 1.34 2.56
CA ALA B 559 4.56 -0.12 2.68
C ALA B 559 4.85 -0.58 4.11
N GLY C 34 -18.56 7.79 21.82
CA GLY C 34 -19.38 6.61 21.50
C GLY C 34 -20.80 6.92 21.08
N ARG C 35 -21.25 8.17 21.31
CA ARG C 35 -22.60 8.63 20.96
C ARG C 35 -22.53 9.67 19.86
N ASP C 36 -23.09 9.37 18.67
CA ASP C 36 -23.10 10.32 17.56
C ASP C 36 -24.18 11.35 17.82
N SER C 37 -24.03 12.52 17.22
CA SER C 37 -24.96 13.64 17.38
C SER C 37 -25.53 14.12 16.06
N LEU C 38 -26.85 14.33 16.03
CA LEU C 38 -27.56 14.82 14.85
C LEU C 38 -28.48 15.96 15.21
N ILE C 39 -28.24 17.12 14.59
CA ILE C 39 -29.05 18.33 14.79
C ILE C 39 -29.90 18.55 13.58
N PHE C 40 -31.22 18.59 13.78
CA PHE C 40 -32.15 18.86 12.69
C PHE C 40 -32.40 20.35 12.68
N LEU C 41 -32.00 21.00 11.60
CA LEU C 41 -32.14 22.44 11.41
C LEU C 41 -33.23 22.71 10.39
N VAL C 42 -34.33 23.40 10.82
CA VAL C 42 -35.49 23.64 9.98
C VAL C 42 -35.70 25.12 9.67
N ASP C 43 -35.89 25.44 8.38
CA ASP C 43 -36.17 26.79 7.91
C ASP C 43 -37.63 27.14 8.23
N ALA C 44 -37.87 28.33 8.79
CA ALA C 44 -39.22 28.79 9.11
C ALA C 44 -39.63 29.98 8.23
N SER C 45 -39.00 30.11 7.05
CA SER C 45 -39.31 31.17 6.08
C SER C 45 -40.70 30.96 5.47
N LYS C 46 -41.26 32.03 4.88
CA LYS C 46 -42.57 32.07 4.23
C LYS C 46 -42.81 30.88 3.29
N ALA C 47 -41.83 30.59 2.40
CA ALA C 47 -41.88 29.51 1.40
C ALA C 47 -41.98 28.11 1.98
N MET C 48 -41.54 27.90 3.25
CA MET C 48 -41.59 26.60 3.92
C MET C 48 -43.01 26.17 4.25
N PHE C 49 -43.93 27.14 4.33
CA PHE C 49 -45.33 26.88 4.66
C PHE C 49 -46.22 27.02 3.42
N GLU C 50 -45.63 26.88 2.22
CA GLU C 50 -46.35 26.99 0.97
C GLU C 50 -46.40 25.65 0.23
N SER C 51 -47.61 25.21 -0.12
CA SER C 51 -47.86 23.95 -0.82
C SER C 51 -47.18 23.88 -2.19
N GLN C 52 -46.81 22.67 -2.58
CA GLN C 52 -46.13 22.39 -3.85
C GLN C 52 -47.14 21.94 -4.91
N ASP C 55 -53.35 18.65 -1.28
CA ASP C 55 -52.52 18.10 -2.37
C ASP C 55 -51.22 17.52 -1.78
N GLU C 56 -50.12 18.30 -1.81
CA GLU C 56 -48.85 17.89 -1.25
C GLU C 56 -48.59 18.68 0.03
N LEU C 57 -47.95 18.05 1.02
CA LEU C 57 -47.61 18.70 2.30
C LEU C 57 -46.63 19.84 2.07
N THR C 58 -46.65 20.84 2.96
CA THR C 58 -45.74 21.98 2.89
C THR C 58 -44.34 21.47 3.23
N PRO C 59 -43.25 22.05 2.65
CA PRO C 59 -41.90 21.57 2.98
C PRO C 59 -41.64 21.49 4.49
N PHE C 60 -42.28 22.38 5.28
CA PHE C 60 -42.18 22.40 6.75
C PHE C 60 -42.82 21.14 7.35
N ASP C 61 -44.08 20.83 6.98
CA ASP C 61 -44.82 19.67 7.46
C ASP C 61 -44.06 18.40 7.11
N MET C 62 -43.53 18.35 5.87
CA MET C 62 -42.71 17.26 5.35
C MET C 62 -41.50 17.07 6.27
N SER C 63 -40.82 18.18 6.64
CA SER C 63 -39.64 18.19 7.51
C SER C 63 -39.98 17.69 8.91
N ILE C 64 -41.04 18.24 9.54
CA ILE C 64 -41.50 17.86 10.89
C ILE C 64 -41.79 16.35 10.93
N GLN C 65 -42.60 15.85 9.99
CA GLN C 65 -42.96 14.44 9.89
C GLN C 65 -41.75 13.55 9.69
N CYS C 66 -40.78 14.01 8.89
CA CYS C 66 -39.53 13.30 8.62
C CYS C 66 -38.71 13.16 9.91
N ILE C 67 -38.61 14.25 10.69
CA ILE C 67 -37.88 14.29 11.95
C ILE C 67 -38.50 13.34 12.99
N GLN C 68 -39.84 13.37 13.11
CA GLN C 68 -40.58 12.49 14.02
C GLN C 68 -40.22 11.06 13.71
N SER C 69 -40.25 10.70 12.41
CA SER C 69 -39.96 9.35 11.93
C SER C 69 -38.61 8.87 12.42
N VAL C 70 -37.56 9.71 12.24
CA VAL C 70 -36.20 9.40 12.69
C VAL C 70 -36.21 9.19 14.20
N TYR C 71 -36.87 10.10 14.95
CA TYR C 71 -37.01 9.99 16.40
C TYR C 71 -37.61 8.64 16.82
N ILE C 72 -38.74 8.24 16.19
CA ILE C 72 -39.43 6.98 16.48
C ILE C 72 -38.57 5.77 16.11
N SER C 73 -37.95 5.79 14.91
CA SER C 73 -37.08 4.71 14.44
C SER C 73 -35.89 4.53 15.37
N LYS C 74 -35.31 5.65 15.86
CA LYS C 74 -34.19 5.64 16.81
C LYS C 74 -34.58 4.98 18.12
N ILE C 75 -35.88 5.01 18.46
CA ILE C 75 -36.41 4.39 19.66
C ILE C 75 -36.65 2.89 19.40
N ILE C 76 -37.30 2.56 18.27
CA ILE C 76 -37.58 1.18 17.87
C ILE C 76 -36.30 0.34 17.87
N SER C 77 -35.18 0.91 17.36
CA SER C 77 -33.90 0.24 17.26
C SER C 77 -32.98 0.41 18.48
N SER C 78 -33.49 1.06 19.56
CA SER C 78 -32.75 1.34 20.80
C SER C 78 -31.38 2.02 20.54
N ASP C 79 -31.38 2.99 19.61
CA ASP C 79 -30.21 3.75 19.21
C ASP C 79 -29.78 4.71 20.31
N ARG C 80 -28.46 4.81 20.55
CA ARG C 80 -27.91 5.67 21.60
C ARG C 80 -27.54 7.08 21.12
N ASP C 81 -27.84 7.42 19.85
CA ASP C 81 -27.52 8.74 19.30
C ASP C 81 -28.32 9.86 19.95
N LEU C 82 -27.74 11.07 19.97
CA LEU C 82 -28.37 12.26 20.53
C LEU C 82 -28.99 13.07 19.42
N LEU C 83 -30.22 13.53 19.63
CA LEU C 83 -30.95 14.29 18.62
C LEU C 83 -31.28 15.69 19.12
N ALA C 84 -31.31 16.67 18.19
CA ALA C 84 -31.63 18.06 18.48
C ALA C 84 -32.55 18.65 17.43
N VAL C 85 -33.37 19.64 17.81
CA VAL C 85 -34.30 20.31 16.89
C VAL C 85 -34.19 21.82 17.00
N VAL C 86 -33.71 22.45 15.91
CA VAL C 86 -33.52 23.91 15.84
C VAL C 86 -34.29 24.49 14.66
N PHE C 87 -34.85 25.69 14.86
CA PHE C 87 -35.58 26.44 13.84
C PHE C 87 -34.96 27.82 13.66
N TYR C 88 -34.96 28.33 12.42
CA TYR C 88 -34.43 29.66 12.13
C TYR C 88 -35.39 30.39 11.21
N GLY C 89 -35.43 31.71 11.36
CA GLY C 89 -36.34 32.55 10.59
C GLY C 89 -37.62 32.79 11.37
N THR C 90 -37.63 32.33 12.64
CA THR C 90 -38.74 32.51 13.57
C THR C 90 -38.68 33.93 14.16
N GLU C 91 -39.81 34.47 14.63
CA GLU C 91 -39.84 35.78 15.26
C GLU C 91 -39.22 35.72 16.67
N LYS C 92 -39.40 34.57 17.35
CA LYS C 92 -38.90 34.30 18.70
C LYS C 92 -37.55 33.58 18.66
N ASP C 93 -36.72 33.80 19.69
CA ASP C 93 -35.40 33.18 19.81
C ASP C 93 -35.16 32.48 21.15
N LYS C 94 -34.63 31.24 21.13
CA LYS C 94 -34.39 30.43 22.34
C LYS C 94 -32.95 29.86 22.42
N ASN C 95 -31.99 30.58 21.86
CA ASN C 95 -30.59 30.20 21.87
C ASN C 95 -29.88 30.80 23.07
N SER C 96 -28.81 30.14 23.53
CA SER C 96 -28.03 30.54 24.71
C SER C 96 -27.36 31.90 24.59
N VAL C 97 -26.97 32.33 23.38
CA VAL C 97 -26.29 33.63 23.21
C VAL C 97 -27.27 34.73 22.76
N ASN C 98 -28.58 34.43 22.79
CA ASN C 98 -29.67 35.33 22.41
C ASN C 98 -29.52 35.91 20.99
N PHE C 99 -29.02 35.07 20.04
CA PHE C 99 -28.90 35.45 18.63
C PHE C 99 -30.32 35.59 18.10
N LYS C 100 -30.57 36.60 17.27
CA LYS C 100 -31.91 36.85 16.77
C LYS C 100 -32.43 35.85 15.74
N ASN C 101 -33.72 35.51 15.88
CA ASN C 101 -34.54 34.67 15.00
C ASN C 101 -34.05 33.21 14.88
N ILE C 102 -33.57 32.63 15.99
CA ILE C 102 -33.12 31.23 16.07
C ILE C 102 -33.74 30.58 17.32
N TYR C 103 -34.49 29.50 17.13
CA TYR C 103 -35.19 28.80 18.20
C TYR C 103 -34.72 27.35 18.40
N VAL C 104 -34.04 27.09 19.52
CA VAL C 104 -33.61 25.73 19.85
C VAL C 104 -34.75 25.06 20.60
N LEU C 105 -35.61 24.35 19.87
CA LEU C 105 -36.76 23.64 20.43
C LEU C 105 -36.28 22.52 21.36
N GLN C 106 -35.36 21.66 20.86
CA GLN C 106 -34.81 20.54 21.61
C GLN C 106 -33.31 20.51 21.54
N GLU C 107 -32.65 20.57 22.70
CA GLU C 107 -31.20 20.47 22.83
C GLU C 107 -30.74 19.04 22.51
N LEU C 108 -29.43 18.82 22.35
CA LEU C 108 -28.93 17.47 22.07
C LEU C 108 -29.14 16.55 23.26
N ASP C 109 -29.97 15.52 23.06
CA ASP C 109 -30.31 14.53 24.08
C ASP C 109 -30.97 13.30 23.45
N ASN C 110 -31.04 12.19 24.23
CA ASN C 110 -31.66 10.95 23.82
C ASN C 110 -33.15 11.17 23.51
N PRO C 111 -33.69 10.57 22.43
CA PRO C 111 -35.12 10.76 22.14
C PRO C 111 -36.01 10.06 23.16
N GLY C 112 -37.21 10.59 23.35
CA GLY C 112 -38.18 10.05 24.29
C GLY C 112 -39.61 10.34 23.88
N ALA C 113 -40.57 9.97 24.74
CA ALA C 113 -42.00 10.16 24.50
C ALA C 113 -42.39 11.61 24.37
N LYS C 114 -42.04 12.45 25.38
CA LYS C 114 -42.36 13.88 25.43
C LYS C 114 -41.83 14.64 24.23
N ARG C 115 -40.57 14.36 23.82
CA ARG C 115 -39.92 15.00 22.68
C ARG C 115 -40.65 14.69 21.37
N ILE C 116 -41.13 13.44 21.20
CA ILE C 116 -41.90 13.02 20.04
C ILE C 116 -43.26 13.73 20.05
N LEU C 117 -43.92 13.75 21.24
CA LEU C 117 -45.21 14.41 21.43
C LEU C 117 -45.11 15.88 21.04
N GLU C 118 -44.02 16.54 21.47
CA GLU C 118 -43.73 17.94 21.21
C GLU C 118 -43.67 18.23 19.70
N LEU C 119 -42.98 17.36 18.93
CA LEU C 119 -42.86 17.50 17.48
C LEU C 119 -44.19 17.32 16.78
N ASP C 120 -45.05 16.42 17.30
CA ASP C 120 -46.39 16.13 16.77
C ASP C 120 -47.31 17.35 16.81
N GLN C 121 -47.00 18.34 17.68
CA GLN C 121 -47.78 19.57 17.84
C GLN C 121 -47.67 20.53 16.66
N PHE C 122 -46.69 20.28 15.76
CA PHE C 122 -46.43 21.10 14.57
C PHE C 122 -46.78 20.36 13.27
N LYS C 123 -47.33 19.15 13.40
CA LYS C 123 -47.75 18.27 12.32
C LYS C 123 -49.07 18.77 11.70
N GLY C 124 -49.16 18.71 10.38
CA GLY C 124 -50.35 19.10 9.63
C GLY C 124 -50.63 20.59 9.59
N GLN C 125 -51.81 20.97 9.06
CA GLN C 125 -52.24 22.37 8.94
C GLN C 125 -52.53 23.00 10.29
N GLN C 126 -53.07 22.21 11.24
CA GLN C 126 -53.39 22.65 12.59
C GLN C 126 -52.10 22.95 13.36
N GLY C 127 -51.11 22.08 13.15
CA GLY C 127 -49.79 22.22 13.75
C GLY C 127 -49.02 23.42 13.22
N GLN C 128 -49.12 23.66 11.91
CA GLN C 128 -48.49 24.77 11.19
C GLN C 128 -48.94 26.09 11.84
N LYS C 129 -50.24 26.19 12.18
CA LYS C 129 -50.84 27.33 12.82
C LYS C 129 -50.32 27.46 14.26
N ARG C 130 -50.14 26.32 14.97
CA ARG C 130 -49.61 26.28 16.34
C ARG C 130 -48.16 26.79 16.36
N PHE C 131 -47.31 26.33 15.40
CA PHE C 131 -45.90 26.74 15.30
C PHE C 131 -45.77 28.24 15.08
N GLN C 132 -46.49 28.78 14.08
CA GLN C 132 -46.46 30.19 13.71
C GLN C 132 -46.92 31.09 14.84
N ASP C 133 -47.89 30.65 15.64
CA ASP C 133 -48.39 31.43 16.77
C ASP C 133 -47.49 31.33 18.00
N MET C 134 -46.74 30.22 18.12
CA MET C 134 -45.82 29.98 19.24
C MET C 134 -44.50 30.71 19.04
N MET C 135 -43.98 30.71 17.81
CA MET C 135 -42.67 31.25 17.51
C MET C 135 -42.62 32.33 16.45
N GLY C 136 -43.59 32.34 15.56
CA GLY C 136 -43.59 33.28 14.45
C GLY C 136 -42.86 32.65 13.28
N HIS C 137 -42.82 33.37 12.16
CA HIS C 137 -42.19 32.90 10.92
C HIS C 137 -41.86 34.07 10.01
N GLY C 138 -41.17 33.76 8.91
CA GLY C 138 -40.78 34.71 7.88
C GLY C 138 -39.86 35.83 8.31
N SER C 139 -39.26 35.72 9.50
CA SER C 139 -38.34 36.73 10.03
C SER C 139 -36.96 36.62 9.36
N ASP C 140 -36.22 37.74 9.32
CA ASP C 140 -34.88 37.81 8.72
C ASP C 140 -33.89 37.11 9.65
N TYR C 141 -32.96 36.35 9.05
CA TYR C 141 -31.96 35.54 9.76
C TYR C 141 -30.57 35.73 9.16
N SER C 142 -29.56 35.05 9.75
CA SER C 142 -28.17 35.07 9.27
C SER C 142 -27.57 33.70 9.55
N LEU C 143 -27.49 32.85 8.51
CA LEU C 143 -27.01 31.47 8.54
C LEU C 143 -25.75 31.26 9.37
N SER C 144 -24.84 32.24 9.38
CA SER C 144 -23.62 32.23 10.18
C SER C 144 -23.96 32.08 11.68
N GLU C 145 -24.92 32.91 12.16
CA GLU C 145 -25.41 32.88 13.54
C GLU C 145 -26.13 31.57 13.83
N VAL C 146 -26.89 31.06 12.83
CA VAL C 146 -27.64 29.82 12.89
C VAL C 146 -26.69 28.65 13.11
N LEU C 147 -25.58 28.63 12.36
CA LEU C 147 -24.57 27.59 12.45
C LEU C 147 -23.78 27.65 13.74
N TRP C 148 -23.61 28.87 14.31
CA TRP C 148 -22.92 29.05 15.59
C TRP C 148 -23.72 28.36 16.68
N VAL C 149 -25.04 28.61 16.71
CA VAL C 149 -25.95 28.03 17.70
C VAL C 149 -25.89 26.50 17.64
N CYS C 150 -25.91 25.94 16.41
CA CYS C 150 -25.85 24.50 16.17
C CYS C 150 -24.55 23.89 16.68
N ALA C 151 -23.40 24.47 16.29
CA ALA C 151 -22.08 24.03 16.71
C ALA C 151 -21.95 24.03 18.23
N ASN C 152 -22.51 25.07 18.88
CA ASN C 152 -22.52 25.25 20.33
C ASN C 152 -23.22 24.10 21.05
N LEU C 153 -24.29 23.53 20.44
CA LEU C 153 -25.05 22.42 21.02
C LEU C 153 -24.18 21.18 21.15
N PHE C 154 -23.25 20.97 20.19
CA PHE C 154 -22.32 19.85 20.18
C PHE C 154 -21.33 20.00 21.36
N SER C 155 -20.84 21.24 21.56
CA SER C 155 -19.87 21.58 22.61
C SER C 155 -20.42 21.40 24.01
N ASP C 156 -21.70 21.74 24.23
CA ASP C 156 -22.37 21.66 25.54
C ASP C 156 -22.52 20.27 26.12
N VAL C 157 -22.68 19.23 25.27
CA VAL C 157 -22.85 17.87 25.77
C VAL C 157 -21.55 17.33 26.42
N GLN C 158 -21.72 16.70 27.60
CA GLN C 158 -20.66 16.10 28.41
C GLN C 158 -20.14 14.81 27.77
N MET C 161 -15.50 12.03 21.15
CA MET C 161 -15.52 12.77 19.88
C MET C 161 -16.72 12.33 19.03
N SER C 162 -16.71 11.06 18.59
CA SER C 162 -17.69 10.36 17.77
C SER C 162 -18.03 11.10 16.46
N HIS C 163 -19.32 11.27 16.15
CA HIS C 163 -19.80 11.91 14.94
C HIS C 163 -20.72 13.06 15.20
N LYS C 164 -20.43 14.23 14.60
CA LYS C 164 -21.24 15.44 14.77
C LYS C 164 -21.83 15.82 13.41
N ARG C 165 -23.16 15.75 13.29
CA ARG C 165 -23.84 16.04 12.01
C ARG C 165 -25.00 17.06 12.12
N ILE C 166 -25.07 18.01 11.15
CA ILE C 166 -26.11 19.03 11.03
C ILE C 166 -26.87 18.80 9.74
N MET C 167 -28.18 18.59 9.85
CA MET C 167 -29.08 18.32 8.73
C MET C 167 -29.99 19.51 8.50
N LEU C 168 -29.81 20.22 7.38
CA LEU C 168 -30.58 21.42 7.07
C LEU C 168 -31.76 21.17 6.13
N PHE C 169 -32.98 21.56 6.56
CA PHE C 169 -34.20 21.41 5.76
C PHE C 169 -34.66 22.77 5.28
N THR C 170 -34.55 23.01 3.96
CA THR C 170 -34.95 24.27 3.33
C THR C 170 -35.29 24.11 1.86
N ASN C 171 -36.18 24.97 1.36
CA ASN C 171 -36.55 25.01 -0.04
C ASN C 171 -36.08 26.36 -0.62
N GLU C 172 -35.16 27.02 0.10
CA GLU C 172 -34.60 28.30 -0.31
C GLU C 172 -33.12 28.19 -0.65
N ASP C 173 -32.81 28.31 -1.95
CA ASP C 173 -31.44 28.33 -2.46
C ASP C 173 -31.05 29.81 -2.57
N ASN C 174 -29.81 30.15 -2.18
CA ASN C 174 -29.30 31.53 -2.15
C ASN C 174 -30.15 32.46 -1.22
N PRO C 175 -30.21 32.14 0.10
CA PRO C 175 -30.99 32.99 1.02
C PRO C 175 -30.34 34.34 1.28
N HIS C 176 -29.00 34.41 1.21
CA HIS C 176 -28.24 35.64 1.44
C HIS C 176 -27.71 36.29 0.15
N GLY C 177 -28.43 36.09 -0.95
CA GLY C 177 -28.08 36.68 -2.24
C GLY C 177 -28.13 38.20 -2.22
N ASN C 178 -29.06 38.75 -1.41
CA ASN C 178 -29.25 40.19 -1.22
C ASN C 178 -28.18 40.83 -0.33
N ASP C 179 -27.59 40.04 0.59
CA ASP C 179 -26.57 40.54 1.53
C ASP C 179 -25.26 39.74 1.44
N SER C 180 -24.30 40.25 0.64
CA SER C 180 -22.98 39.66 0.43
C SER C 180 -22.22 39.48 1.75
N ALA C 181 -22.37 40.45 2.68
CA ALA C 181 -21.75 40.44 4.01
C ALA C 181 -22.21 39.22 4.84
N LYS C 182 -23.48 38.79 4.67
CA LYS C 182 -24.04 37.64 5.37
C LYS C 182 -23.62 36.33 4.70
N ALA C 183 -23.68 36.29 3.35
CA ALA C 183 -23.31 35.13 2.53
C ALA C 183 -21.84 34.75 2.78
N SER C 184 -20.95 35.77 2.86
CA SER C 184 -19.52 35.58 3.12
C SER C 184 -19.27 35.03 4.52
N ARG C 185 -19.97 35.57 5.55
CA ARG C 185 -19.85 35.12 6.94
C ARG C 185 -20.31 33.67 7.07
N ALA C 186 -21.41 33.29 6.37
CA ALA C 186 -21.96 31.94 6.38
C ALA C 186 -20.96 30.94 5.81
N ARG C 187 -20.26 31.30 4.71
CA ARG C 187 -19.24 30.44 4.07
C ARG C 187 -18.06 30.20 5.01
N THR C 188 -17.58 31.26 5.68
CA THR C 188 -16.48 31.22 6.64
C THR C 188 -16.85 30.29 7.81
N LYS C 189 -18.04 30.49 8.40
CA LYS C 189 -18.54 29.67 9.50
C LYS C 189 -18.73 28.24 9.06
N ALA C 190 -19.30 28.02 7.85
CA ALA C 190 -19.49 26.68 7.29
C ALA C 190 -18.15 25.97 7.13
N GLY C 191 -17.14 26.71 6.64
CA GLY C 191 -15.78 26.23 6.47
C GLY C 191 -15.13 25.85 7.78
N ASP C 192 -15.37 26.66 8.83
CA ASP C 192 -14.84 26.43 10.19
C ASP C 192 -15.39 25.14 10.79
N LEU C 193 -16.66 24.82 10.50
CA LEU C 193 -17.35 23.62 10.96
C LEU C 193 -16.75 22.38 10.34
N ARG C 194 -16.52 22.42 9.01
CA ARG C 194 -15.91 21.35 8.24
C ARG C 194 -14.49 21.05 8.75
N ASP C 195 -13.73 22.11 9.06
CA ASP C 195 -12.38 22.05 9.61
C ASP C 195 -12.40 21.46 11.04
N THR C 196 -13.48 21.74 11.81
CA THR C 196 -13.71 21.23 13.17
C THR C 196 -14.01 19.70 13.14
N GLY C 197 -14.67 19.25 12.07
CA GLY C 197 -15.03 17.84 11.87
C GLY C 197 -16.53 17.62 11.93
N ILE C 198 -17.30 18.70 11.86
CA ILE C 198 -18.77 18.67 11.88
C ILE C 198 -19.26 18.53 10.43
N PHE C 199 -20.15 17.58 10.19
CA PHE C 199 -20.70 17.32 8.86
C PHE C 199 -21.99 18.11 8.67
N LEU C 200 -22.07 18.91 7.60
CA LEU C 200 -23.25 19.71 7.26
C LEU C 200 -23.90 19.14 6.00
N ASP C 201 -25.08 18.53 6.16
CA ASP C 201 -25.80 17.92 5.06
C ASP C 201 -27.04 18.73 4.71
N LEU C 202 -27.25 18.97 3.41
CA LEU C 202 -28.41 19.72 2.93
C LEU C 202 -29.51 18.81 2.43
N MET C 203 -30.69 19.00 3.01
CA MET C 203 -31.92 18.29 2.66
C MET C 203 -32.81 19.30 1.95
N HIS C 204 -32.40 19.62 0.72
CA HIS C 204 -33.09 20.60 -0.12
C HIS C 204 -34.44 20.12 -0.60
N LEU C 205 -35.46 20.94 -0.35
CA LEU C 205 -36.85 20.67 -0.67
C LEU C 205 -37.28 21.43 -1.93
N LYS C 206 -38.36 20.95 -2.60
CA LYS C 206 -38.87 21.53 -3.85
C LYS C 206 -39.20 23.03 -3.76
N LYS C 207 -38.80 23.75 -4.81
CA LYS C 207 -38.97 25.19 -4.98
C LYS C 207 -39.41 25.41 -6.44
N PRO C 208 -40.33 26.37 -6.72
CA PRO C 208 -40.73 26.61 -8.12
C PRO C 208 -39.53 26.97 -9.00
N GLY C 209 -39.34 26.20 -10.07
CA GLY C 209 -38.22 26.35 -10.99
C GLY C 209 -37.06 25.44 -10.65
N GLY C 210 -37.17 24.76 -9.51
CA GLY C 210 -36.15 23.85 -9.00
C GLY C 210 -35.21 24.48 -8.00
N PHE C 211 -34.52 23.62 -7.22
CA PHE C 211 -33.53 24.04 -6.22
C PHE C 211 -32.14 23.92 -6.87
N ASP C 212 -31.42 25.04 -7.00
CA ASP C 212 -30.10 25.09 -7.58
C ASP C 212 -28.99 25.13 -6.51
N ILE C 213 -28.23 24.02 -6.42
CA ILE C 213 -27.13 23.83 -5.45
C ILE C 213 -25.95 24.75 -5.77
N SER C 214 -25.67 24.99 -7.06
CA SER C 214 -24.53 25.82 -7.48
C SER C 214 -24.61 27.29 -7.04
N LEU C 215 -25.85 27.84 -6.89
CA LEU C 215 -26.09 29.22 -6.47
C LEU C 215 -25.55 29.50 -5.06
N PHE C 216 -25.88 28.61 -4.11
CA PHE C 216 -25.45 28.64 -2.71
C PHE C 216 -25.65 27.24 -2.16
N TYR C 217 -24.90 26.89 -1.10
CA TYR C 217 -24.84 25.58 -0.42
C TYR C 217 -23.78 24.69 -1.04
N ARG C 218 -23.37 24.97 -2.29
CA ARG C 218 -22.26 24.27 -2.96
C ARG C 218 -20.99 24.51 -2.12
N ASP C 219 -20.85 25.72 -1.55
CA ASP C 219 -19.73 26.11 -0.72
C ASP C 219 -20.07 26.04 0.79
N ILE C 220 -21.06 25.19 1.16
CA ILE C 220 -21.51 25.02 2.56
C ILE C 220 -21.46 23.55 2.96
N ILE C 221 -22.12 22.68 2.15
CA ILE C 221 -22.20 21.23 2.34
C ILE C 221 -20.82 20.60 2.41
N SER C 222 -20.70 19.56 3.23
CA SER C 222 -19.43 18.84 3.37
C SER C 222 -19.34 17.72 2.37
N ILE C 223 -18.20 17.68 1.63
CA ILE C 223 -17.92 16.69 0.59
C ILE C 223 -16.73 15.82 1.00
N ALA C 224 -16.93 14.49 1.00
CA ALA C 224 -15.91 13.47 1.32
C ALA C 224 -14.77 13.44 0.28
N GLU C 225 -15.09 13.83 -0.97
CA GLU C 225 -14.20 13.96 -2.15
C GLU C 225 -13.64 12.63 -2.66
N ARG C 230 -19.09 13.81 -6.13
CA ARG C 230 -19.69 14.82 -6.99
C ARG C 230 -21.25 14.64 -7.13
N VAL C 231 -21.71 13.37 -7.18
CA VAL C 231 -23.10 13.02 -7.37
C VAL C 231 -23.94 13.20 -6.03
N HIS C 232 -24.91 14.13 -6.09
CA HIS C 232 -25.79 14.50 -4.99
C HIS C 232 -27.24 14.11 -5.28
N PHE C 233 -28.03 13.86 -4.21
CA PHE C 233 -29.46 13.52 -4.32
C PHE C 233 -30.25 14.65 -4.95
N GLU C 234 -31.37 14.30 -5.58
CA GLU C 234 -32.27 15.27 -6.21
C GLU C 234 -33.08 15.96 -5.11
N GLU C 235 -33.83 17.02 -5.45
CA GLU C 235 -34.68 17.73 -4.49
C GLU C 235 -35.82 16.82 -4.04
N SER C 236 -36.22 16.95 -2.76
CA SER C 236 -37.32 16.15 -2.23
C SER C 236 -38.63 16.85 -2.45
N SER C 237 -39.62 16.12 -2.97
CA SER C 237 -40.96 16.62 -3.25
C SER C 237 -42.02 15.78 -2.54
N LYS C 238 -41.64 14.58 -2.09
CA LYS C 238 -42.49 13.63 -1.37
C LYS C 238 -41.83 13.28 -0.06
N LEU C 239 -42.63 13.14 1.01
CA LEU C 239 -42.15 12.77 2.35
C LEU C 239 -41.28 11.50 2.32
N GLU C 240 -41.75 10.47 1.61
CA GLU C 240 -41.09 9.17 1.47
C GLU C 240 -39.65 9.31 0.99
N ASP C 241 -39.40 10.17 -0.01
CA ASP C 241 -38.07 10.42 -0.56
C ASP C 241 -37.21 11.17 0.45
N LEU C 242 -37.76 12.23 1.08
CA LEU C 242 -37.05 13.00 2.10
C LEU C 242 -36.60 12.09 3.25
N LEU C 243 -37.48 11.17 3.68
CA LEU C 243 -37.22 10.21 4.75
C LEU C 243 -36.03 9.33 4.45
N ARG C 244 -36.02 8.68 3.27
CA ARG C 244 -34.94 7.79 2.84
C ARG C 244 -33.62 8.54 2.73
N LYS C 245 -33.63 9.72 2.09
CA LYS C 245 -32.44 10.56 1.93
C LYS C 245 -31.83 10.92 3.28
N VAL C 246 -32.68 11.27 4.26
CA VAL C 246 -32.27 11.63 5.62
C VAL C 246 -31.69 10.42 6.34
N ARG C 247 -32.47 9.32 6.40
CA ARG C 247 -32.09 8.08 7.05
C ARG C 247 -30.83 7.44 6.43
N ALA C 248 -30.55 7.72 5.13
CA ALA C 248 -29.36 7.22 4.41
C ALA C 248 -28.10 7.88 4.94
N LYS C 249 -28.13 9.21 5.10
CA LYS C 249 -27.00 9.98 5.61
C LYS C 249 -26.85 9.83 7.12
N GLU C 250 -27.97 9.67 7.86
CA GLU C 250 -28.08 9.51 9.31
C GLU C 250 -27.19 8.36 9.87
N THR C 251 -27.64 7.12 9.64
CA THR C 251 -26.99 5.92 10.16
C THR C 251 -25.73 5.58 9.38
N ARG C 252 -24.64 5.33 10.12
CA ARG C 252 -23.38 4.91 9.52
C ARG C 252 -23.35 3.40 9.46
N LYS C 253 -22.55 2.88 8.52
CA LYS C 253 -22.36 1.46 8.28
C LYS C 253 -21.64 0.84 9.48
N ARG C 254 -22.00 -0.40 9.82
CA ARG C 254 -21.35 -1.15 10.88
C ARG C 254 -21.01 -2.53 10.35
N ALA C 255 -19.71 -2.84 10.26
CA ALA C 255 -19.22 -4.13 9.80
C ALA C 255 -19.52 -5.18 10.85
N LEU C 256 -20.10 -6.30 10.42
CA LEU C 256 -20.44 -7.43 11.25
C LEU C 256 -19.15 -8.16 11.60
N SER C 257 -18.17 -8.15 10.65
CA SER C 257 -16.84 -8.72 10.76
C SER C 257 -15.94 -8.27 9.60
N ARG C 258 -14.64 -8.12 9.88
CA ARG C 258 -13.61 -7.77 8.89
C ARG C 258 -12.81 -9.04 8.66
N LEU C 259 -13.01 -9.67 7.49
CA LEU C 259 -12.38 -10.95 7.17
C LEU C 259 -11.47 -10.93 5.97
N LYS C 260 -10.66 -11.99 5.88
CA LYS C 260 -9.72 -12.19 4.80
C LYS C 260 -10.40 -13.07 3.75
N LEU C 261 -10.32 -12.67 2.47
CA LEU C 261 -10.85 -13.46 1.36
C LEU C 261 -9.61 -14.03 0.68
N LYS C 262 -9.38 -15.33 0.88
CA LYS C 262 -8.22 -16.03 0.35
C LYS C 262 -8.49 -16.68 -0.99
N LEU C 263 -7.83 -16.18 -2.06
CA LEU C 263 -7.92 -16.74 -3.40
C LEU C 263 -7.12 -18.04 -3.37
N ASN C 264 -6.04 -18.01 -2.58
CA ASN C 264 -5.15 -19.11 -2.23
C ASN C 264 -4.43 -18.68 -0.94
N LYS C 265 -3.46 -19.48 -0.48
CA LYS C 265 -2.70 -19.21 0.74
C LYS C 265 -1.93 -17.88 0.69
N ASP C 266 -1.42 -17.51 -0.49
CA ASP C 266 -0.61 -16.31 -0.71
C ASP C 266 -1.39 -15.04 -1.06
N ILE C 267 -2.44 -15.17 -1.88
CA ILE C 267 -3.28 -14.07 -2.38
C ILE C 267 -4.49 -13.87 -1.46
N VAL C 268 -4.37 -12.90 -0.54
CA VAL C 268 -5.38 -12.60 0.47
C VAL C 268 -5.77 -11.14 0.44
N ILE C 269 -7.07 -10.87 0.21
CA ILE C 269 -7.62 -9.51 0.22
C ILE C 269 -8.47 -9.34 1.48
N SER C 270 -8.68 -8.10 1.91
CA SER C 270 -9.49 -7.84 3.09
C SER C 270 -10.88 -7.38 2.67
N VAL C 271 -11.90 -7.91 3.35
CA VAL C 271 -13.31 -7.58 3.08
C VAL C 271 -14.07 -7.32 4.37
N GLY C 272 -15.13 -6.55 4.24
CA GLY C 272 -16.05 -6.24 5.31
C GLY C 272 -17.34 -6.98 5.05
N ILE C 273 -17.91 -7.57 6.10
CA ILE C 273 -19.18 -8.32 6.03
C ILE C 273 -20.24 -7.45 6.68
N TYR C 274 -21.33 -7.14 5.96
CA TYR C 274 -22.40 -6.28 6.49
C TYR C 274 -23.74 -6.98 6.36
N ASN C 275 -24.68 -6.73 7.29
CA ASN C 275 -25.96 -7.43 7.27
C ASN C 275 -26.98 -6.91 6.23
N LEU C 276 -27.15 -5.57 6.09
CA LEU C 276 -28.08 -4.91 5.16
C LEU C 276 -29.58 -5.17 5.48
N VAL C 277 -29.86 -6.23 6.25
CA VAL C 277 -31.19 -6.64 6.69
C VAL C 277 -31.04 -7.17 8.11
N GLN C 278 -31.90 -6.73 9.04
CA GLN C 278 -31.80 -7.14 10.44
C GLN C 278 -33.17 -7.30 11.10
N LYS C 279 -33.48 -8.54 11.53
CA LYS C 279 -34.72 -8.93 12.20
C LYS C 279 -35.15 -7.95 13.30
N ALA C 280 -36.24 -7.23 13.04
CA ALA C 280 -36.80 -6.26 13.98
C ALA C 280 -37.45 -7.00 15.14
N LEU C 281 -36.77 -7.04 16.31
CA LEU C 281 -37.29 -7.74 17.49
C LEU C 281 -37.77 -6.84 18.61
N LYS C 282 -38.74 -7.34 19.39
CA LYS C 282 -39.32 -6.68 20.55
C LYS C 282 -38.20 -6.54 21.61
N PRO C 283 -37.86 -5.31 22.04
CA PRO C 283 -36.81 -5.14 23.05
C PRO C 283 -37.02 -6.03 24.28
N PRO C 284 -35.96 -6.68 24.81
CA PRO C 284 -36.14 -7.55 25.97
C PRO C 284 -36.51 -6.75 27.22
N PRO C 285 -37.32 -7.31 28.15
CA PRO C 285 -37.66 -6.56 29.37
C PRO C 285 -36.47 -6.20 30.23
N ILE C 286 -36.63 -5.17 31.09
CA ILE C 286 -35.60 -4.67 31.98
C ILE C 286 -36.10 -4.73 33.42
N LYS C 287 -35.25 -5.22 34.31
CA LYS C 287 -35.55 -5.38 35.73
C LYS C 287 -35.36 -4.05 36.46
N LEU C 288 -36.40 -3.64 37.20
CA LEU C 288 -36.41 -2.38 37.95
C LEU C 288 -36.61 -2.60 39.44
N TYR C 289 -36.27 -1.59 40.25
CA TYR C 289 -36.45 -1.63 41.70
C TYR C 289 -37.83 -1.04 42.01
N ARG C 290 -38.78 -1.87 42.49
CA ARG C 290 -40.17 -1.50 42.79
C ARG C 290 -40.37 -0.09 43.38
N GLU C 291 -39.62 0.25 44.44
CA GLU C 291 -39.76 1.54 45.15
C GLU C 291 -39.26 2.77 44.39
N THR C 292 -38.28 2.63 43.48
CA THR C 292 -37.70 3.78 42.77
C THR C 292 -37.79 3.72 41.23
N ASN C 293 -38.27 2.58 40.68
CA ASN C 293 -38.37 2.29 39.24
C ASN C 293 -37.02 2.45 38.52
N GLU C 294 -35.94 2.26 39.28
CA GLU C 294 -34.57 2.37 38.82
C GLU C 294 -34.06 1.05 38.26
N PRO C 295 -33.38 1.07 37.08
CA PRO C 295 -32.84 -0.17 36.50
C PRO C 295 -31.85 -0.88 37.42
N VAL C 296 -31.86 -2.21 37.40
CA VAL C 296 -31.01 -3.04 38.25
C VAL C 296 -30.01 -3.85 37.40
N LYS C 297 -28.74 -3.89 37.84
CA LYS C 297 -27.66 -4.66 37.23
C LYS C 297 -27.83 -6.13 37.65
N THR C 298 -27.49 -7.07 36.75
CA THR C 298 -27.64 -8.50 37.03
C THR C 298 -26.34 -9.27 36.80
N LYS C 299 -25.90 -10.00 37.84
CA LYS C 299 -24.71 -10.85 37.81
C LYS C 299 -25.11 -12.30 37.98
N THR C 300 -24.71 -13.16 37.02
CA THR C 300 -25.01 -14.59 37.06
C THR C 300 -23.74 -15.36 37.43
N ARG C 301 -23.73 -15.93 38.64
CA ARG C 301 -22.60 -16.69 39.17
C ARG C 301 -22.93 -18.18 39.25
N THR C 302 -21.88 -19.01 39.33
CA THR C 302 -21.98 -20.46 39.44
C THR C 302 -21.18 -20.92 40.65
N PHE C 303 -21.82 -21.69 41.55
CA PHE C 303 -21.16 -22.17 42.76
C PHE C 303 -21.45 -23.64 43.03
N ASN C 304 -20.55 -24.32 43.77
CA ASN C 304 -20.77 -25.71 44.16
C ASN C 304 -21.90 -25.71 45.19
N THR C 305 -22.88 -26.62 45.05
CA THR C 305 -24.04 -26.72 45.96
C THR C 305 -23.60 -27.04 47.39
N SER C 306 -22.67 -28.01 47.55
CA SER C 306 -22.15 -28.45 48.84
C SER C 306 -21.25 -27.41 49.52
N THR C 307 -20.17 -26.97 48.84
CA THR C 307 -19.19 -26.01 49.37
C THR C 307 -19.75 -24.58 49.44
N GLY C 308 -20.52 -24.19 48.44
CA GLY C 308 -21.10 -22.85 48.33
C GLY C 308 -20.15 -21.86 47.67
N GLY C 309 -18.93 -22.30 47.41
CA GLY C 309 -17.88 -21.48 46.81
C GLY C 309 -18.02 -21.30 45.31
N LEU C 310 -17.57 -20.13 44.82
CA LEU C 310 -17.59 -19.75 43.40
C LEU C 310 -16.81 -20.74 42.54
N LEU C 311 -17.37 -21.10 41.38
CA LEU C 311 -16.79 -22.05 40.43
C LEU C 311 -16.08 -21.39 39.27
N LEU C 312 -14.76 -21.59 39.18
CA LEU C 312 -13.93 -21.08 38.09
C LEU C 312 -14.20 -21.94 36.84
N PRO C 313 -13.97 -21.44 35.60
CA PRO C 313 -14.21 -22.29 34.41
C PRO C 313 -13.34 -23.55 34.40
N SER C 314 -12.19 -23.49 35.11
CA SER C 314 -11.23 -24.59 35.25
C SER C 314 -11.61 -25.58 36.38
N ASP C 315 -12.77 -25.34 37.04
CA ASP C 315 -13.29 -26.18 38.13
C ASP C 315 -14.48 -27.04 37.66
N THR C 316 -14.81 -26.96 36.37
CA THR C 316 -15.93 -27.69 35.77
C THR C 316 -15.54 -28.33 34.43
N LYS C 317 -16.21 -29.45 34.08
CA LYS C 317 -15.95 -30.19 32.82
C LYS C 317 -17.23 -30.35 32.00
N ARG C 318 -17.08 -30.76 30.73
CA ARG C 318 -18.20 -30.95 29.81
C ARG C 318 -18.52 -32.41 29.57
N SER C 319 -19.81 -32.76 29.69
CA SER C 319 -20.30 -34.14 29.57
C SER C 319 -21.38 -34.30 28.51
N GLN C 320 -21.44 -35.51 27.93
CA GLN C 320 -22.43 -35.94 26.93
C GLN C 320 -22.58 -37.44 27.09
N ILE C 321 -23.84 -37.93 27.14
CA ILE C 321 -24.07 -39.35 27.36
C ILE C 321 -24.55 -40.06 26.08
N TYR C 322 -23.72 -41.00 25.60
CA TYR C 322 -24.01 -41.82 24.43
C TYR C 322 -23.84 -43.29 24.75
N GLY C 323 -24.70 -44.12 24.15
CA GLY C 323 -24.73 -45.57 24.29
C GLY C 323 -24.24 -46.15 25.60
N SER C 324 -24.92 -45.77 26.73
CA SER C 324 -24.80 -46.12 28.15
C SER C 324 -23.47 -45.71 28.81
N ARG C 325 -22.81 -44.69 28.26
CA ARG C 325 -21.53 -44.20 28.80
C ARG C 325 -21.48 -42.68 28.84
N GLN C 326 -20.80 -42.15 29.88
CA GLN C 326 -20.59 -40.71 30.04
C GLN C 326 -19.25 -40.35 29.40
N ILE C 327 -19.29 -39.45 28.42
CA ILE C 327 -18.12 -38.98 27.67
C ILE C 327 -17.74 -37.60 28.18
N ILE C 328 -16.54 -37.49 28.79
CA ILE C 328 -16.07 -36.25 29.38
C ILE C 328 -15.01 -35.56 28.53
N LEU C 329 -15.22 -34.26 28.26
CA LEU C 329 -14.28 -33.39 27.56
C LEU C 329 -14.05 -32.14 28.39
N GLU C 330 -12.89 -31.49 28.17
CA GLU C 330 -12.57 -30.21 28.82
C GLU C 330 -13.25 -29.11 28.01
N LYS C 331 -13.48 -27.93 28.61
CA LYS C 331 -14.09 -26.80 27.90
C LYS C 331 -13.26 -26.48 26.66
N GLU C 332 -11.92 -26.45 26.83
CA GLU C 332 -10.92 -26.18 25.79
C GLU C 332 -11.08 -27.15 24.60
N GLU C 333 -11.39 -28.42 24.90
CA GLU C 333 -11.55 -29.48 23.90
C GLU C 333 -12.85 -29.37 23.13
N THR C 334 -13.93 -28.90 23.78
CA THR C 334 -15.22 -28.74 23.12
C THR C 334 -15.16 -27.66 22.07
N GLU C 335 -14.22 -26.70 22.25
CA GLU C 335 -13.98 -25.61 21.33
C GLU C 335 -13.07 -26.10 20.21
N GLU C 336 -12.06 -26.91 20.56
CA GLU C 336 -11.07 -27.47 19.62
C GLU C 336 -11.73 -28.34 18.54
N LEU C 337 -12.70 -29.19 18.92
CA LEU C 337 -13.40 -30.05 17.98
C LEU C 337 -14.29 -29.27 17.00
N LYS C 338 -14.56 -27.97 17.30
CA LYS C 338 -15.37 -27.10 16.45
C LYS C 338 -14.49 -26.41 15.41
N ARG C 339 -13.16 -26.44 15.61
CA ARG C 339 -12.21 -25.76 14.72
C ARG C 339 -11.85 -26.54 13.45
N PHE C 340 -12.00 -25.84 12.32
CA PHE C 340 -11.69 -26.21 10.95
C PHE C 340 -11.27 -24.88 10.34
N ASP C 341 -10.26 -24.88 9.44
CA ASP C 341 -9.73 -23.67 8.80
C ASP C 341 -9.27 -22.62 9.83
N ASP C 342 -9.45 -21.33 9.51
CA ASP C 342 -9.16 -20.15 10.33
C ASP C 342 -10.23 -19.15 9.86
N PRO C 343 -10.59 -18.08 10.62
CA PRO C 343 -11.65 -17.18 10.11
C PRO C 343 -11.38 -16.55 8.76
N GLY C 344 -12.41 -16.51 7.93
CA GLY C 344 -12.32 -15.94 6.60
C GLY C 344 -13.18 -16.61 5.56
N LEU C 345 -12.87 -16.32 4.30
CA LEU C 345 -13.53 -16.85 3.12
C LEU C 345 -12.46 -17.48 2.25
N MET C 346 -12.52 -18.80 2.09
CA MET C 346 -11.56 -19.52 1.28
C MET C 346 -12.18 -19.84 -0.05
N LEU C 347 -11.63 -19.27 -1.14
CA LEU C 347 -12.15 -19.47 -2.48
C LEU C 347 -12.04 -20.93 -2.92
N MET C 348 -13.18 -21.49 -3.33
CA MET C 348 -13.30 -22.86 -3.79
C MET C 348 -13.27 -22.87 -5.31
N GLY C 349 -13.94 -21.89 -5.90
CA GLY C 349 -14.01 -21.76 -7.35
C GLY C 349 -15.18 -20.93 -7.78
N PHE C 350 -15.56 -21.06 -9.05
CA PHE C 350 -16.65 -20.29 -9.62
C PHE C 350 -17.74 -21.16 -10.19
N LYS C 351 -18.97 -20.93 -9.71
CA LYS C 351 -20.14 -21.67 -10.10
C LYS C 351 -21.15 -20.77 -10.81
N PRO C 352 -21.60 -21.15 -12.02
CA PRO C 352 -22.59 -20.33 -12.75
C PRO C 352 -23.88 -20.15 -11.94
N LEU C 353 -24.38 -18.91 -11.92
CA LEU C 353 -25.55 -18.48 -11.16
C LEU C 353 -26.80 -19.35 -11.33
N VAL C 354 -27.01 -19.92 -12.54
CA VAL C 354 -28.15 -20.80 -12.85
C VAL C 354 -28.20 -22.04 -11.95
N LEU C 355 -27.03 -22.49 -11.45
CA LEU C 355 -26.90 -23.64 -10.57
C LEU C 355 -27.26 -23.33 -9.11
N LEU C 356 -27.51 -22.06 -8.80
CA LEU C 356 -27.89 -21.64 -7.45
C LEU C 356 -29.40 -21.48 -7.39
N LYS C 357 -30.07 -22.39 -6.70
CA LYS C 357 -31.53 -22.43 -6.59
C LYS C 357 -32.08 -21.44 -5.58
N LYS C 358 -33.19 -20.77 -5.97
CA LYS C 358 -33.89 -19.78 -5.16
C LYS C 358 -34.51 -20.43 -3.93
N HIS C 359 -35.00 -21.67 -4.06
CA HIS C 359 -35.61 -22.40 -2.95
C HIS C 359 -34.59 -22.97 -1.96
N HIS C 360 -33.29 -22.79 -2.23
CA HIS C 360 -32.23 -23.24 -1.34
C HIS C 360 -31.76 -22.10 -0.42
N TYR C 361 -32.74 -21.36 0.12
CA TYR C 361 -32.50 -20.29 1.10
C TYR C 361 -32.37 -20.99 2.45
N LEU C 362 -31.47 -20.51 3.31
CA LEU C 362 -31.24 -21.13 4.61
C LEU C 362 -31.35 -20.10 5.75
N ARG C 363 -30.70 -18.95 5.57
CA ARG C 363 -30.63 -17.84 6.53
C ARG C 363 -30.35 -16.54 5.77
N PRO C 364 -30.68 -15.34 6.31
CA PRO C 364 -30.49 -14.10 5.54
C PRO C 364 -29.08 -13.88 5.00
N SER C 365 -29.02 -13.37 3.76
CA SER C 365 -27.76 -13.12 3.06
C SER C 365 -27.01 -11.93 3.65
N LEU C 366 -25.69 -11.95 3.50
CA LEU C 366 -24.83 -10.86 3.97
C LEU C 366 -24.27 -10.09 2.78
N PHE C 367 -23.54 -9.00 3.04
CA PHE C 367 -22.98 -8.20 1.97
C PHE C 367 -21.48 -8.06 2.15
N VAL C 368 -20.74 -8.30 1.06
CA VAL C 368 -19.29 -8.25 1.05
C VAL C 368 -18.81 -7.01 0.31
N TYR C 369 -17.98 -6.20 0.99
CA TYR C 369 -17.42 -4.97 0.45
C TYR C 369 -15.93 -4.90 0.79
N PRO C 370 -15.05 -4.40 -0.11
CA PRO C 370 -13.60 -4.38 0.20
C PRO C 370 -13.21 -3.47 1.35
N GLU C 371 -12.20 -3.90 2.13
CA GLU C 371 -11.65 -3.14 3.25
C GLU C 371 -10.23 -2.73 2.93
N GLU C 372 -10.07 -1.55 2.29
CA GLU C 372 -8.77 -0.99 1.88
C GLU C 372 -7.84 -0.64 3.05
N SER C 373 -8.42 -0.32 4.23
CA SER C 373 -7.70 0.03 5.45
C SER C 373 -6.84 -1.11 6.03
N LEU C 374 -7.16 -2.38 5.71
CA LEU C 374 -6.40 -3.51 6.23
C LEU C 374 -5.36 -4.02 5.23
N VAL C 375 -5.79 -4.40 4.01
CA VAL C 375 -4.89 -4.88 2.95
C VAL C 375 -4.96 -3.90 1.79
N ILE C 376 -3.86 -3.20 1.51
CA ILE C 376 -3.79 -2.27 0.39
C ILE C 376 -3.77 -3.09 -0.91
N GLY C 377 -4.66 -2.74 -1.84
CA GLY C 377 -4.81 -3.42 -3.12
C GLY C 377 -6.03 -4.29 -3.21
N SER C 378 -6.77 -4.43 -2.09
CA SER C 378 -7.99 -5.24 -1.97
C SER C 378 -9.11 -4.78 -2.92
N SER C 379 -9.38 -3.48 -3.00
CA SER C 379 -10.44 -2.90 -3.83
C SER C 379 -10.25 -3.15 -5.33
N THR C 380 -9.01 -3.02 -5.84
CA THR C 380 -8.68 -3.25 -7.25
C THR C 380 -9.01 -4.69 -7.66
N LEU C 381 -8.50 -5.68 -6.90
CA LEU C 381 -8.78 -7.09 -7.17
C LEU C 381 -10.26 -7.40 -7.00
N PHE C 382 -10.88 -6.82 -5.96
CA PHE C 382 -12.32 -6.98 -5.70
C PHE C 382 -13.12 -6.50 -6.90
N SER C 383 -12.83 -5.28 -7.40
CA SER C 383 -13.49 -4.66 -8.55
C SER C 383 -13.38 -5.53 -9.80
N ALA C 384 -12.19 -6.10 -10.05
CA ALA C 384 -11.92 -6.97 -11.18
C ALA C 384 -12.77 -8.23 -11.09
N LEU C 385 -12.81 -8.86 -9.89
CA LEU C 385 -13.60 -10.06 -9.62
C LEU C 385 -15.06 -9.78 -9.85
N LEU C 386 -15.54 -8.62 -9.37
CA LEU C 386 -16.92 -8.17 -9.52
C LEU C 386 -17.29 -7.97 -10.99
N ILE C 387 -16.45 -7.24 -11.75
CA ILE C 387 -16.66 -6.95 -13.17
C ILE C 387 -16.76 -8.25 -13.98
N LYS C 388 -15.82 -9.19 -13.77
CA LYS C 388 -15.78 -10.44 -14.50
C LYS C 388 -16.85 -11.45 -14.08
N CYS C 389 -17.21 -11.49 -12.78
CA CYS C 389 -18.26 -12.39 -12.30
C CYS C 389 -19.60 -11.99 -12.91
N LEU C 390 -19.85 -10.67 -13.04
CA LEU C 390 -21.06 -10.13 -13.63
C LEU C 390 -21.16 -10.49 -15.11
N GLU C 391 -20.05 -10.27 -15.85
CA GLU C 391 -19.90 -10.54 -17.29
C GLU C 391 -20.13 -12.02 -17.61
N LYS C 392 -19.61 -12.92 -16.77
CA LYS C 392 -19.72 -14.35 -16.99
C LYS C 392 -20.94 -15.00 -16.35
N GLU C 393 -21.74 -14.22 -15.57
CA GLU C 393 -22.94 -14.68 -14.86
C GLU C 393 -22.58 -15.87 -13.97
N VAL C 394 -21.50 -15.70 -13.19
CA VAL C 394 -20.93 -16.71 -12.31
C VAL C 394 -20.78 -16.18 -10.87
N ALA C 395 -20.80 -17.08 -9.89
CA ALA C 395 -20.64 -16.76 -8.48
C ALA C 395 -19.37 -17.39 -7.91
N ALA C 396 -18.76 -16.72 -6.93
CA ALA C 396 -17.55 -17.21 -6.27
C ALA C 396 -17.94 -18.09 -5.07
N LEU C 397 -17.73 -19.41 -5.19
CA LEU C 397 -18.02 -20.36 -4.11
C LEU C 397 -16.91 -20.31 -3.08
N CYS C 398 -17.27 -20.19 -1.79
CA CYS C 398 -16.31 -20.09 -0.70
C CYS C 398 -16.65 -20.95 0.51
N ARG C 399 -15.62 -21.30 1.28
CA ARG C 399 -15.76 -22.00 2.55
C ARG C 399 -15.62 -20.89 3.59
N TYR C 400 -16.73 -20.58 4.26
CA TYR C 400 -16.86 -19.44 5.16
C TYR C 400 -16.79 -19.80 6.65
N THR C 401 -15.85 -19.13 7.36
CA THR C 401 -15.62 -19.27 8.79
C THR C 401 -15.74 -17.86 9.41
N PRO C 402 -16.90 -17.53 10.02
CA PRO C 402 -17.10 -16.17 10.57
C PRO C 402 -16.21 -15.76 11.74
N ARG C 403 -15.87 -16.71 12.61
CA ARG C 403 -15.07 -16.45 13.81
C ARG C 403 -14.18 -17.64 14.12
N ARG C 404 -13.31 -17.49 15.13
CA ARG C 404 -12.40 -18.56 15.57
C ARG C 404 -13.23 -19.65 16.25
N ASN C 405 -12.82 -20.92 16.06
CA ASN C 405 -13.45 -22.11 16.62
C ASN C 405 -14.92 -22.27 16.19
N ILE C 406 -15.14 -22.32 14.86
CA ILE C 406 -16.48 -22.49 14.28
C ILE C 406 -16.39 -23.32 12.98
N PRO C 407 -17.30 -24.33 12.84
CA PRO C 407 -17.26 -25.17 11.63
C PRO C 407 -17.58 -24.38 10.36
N PRO C 408 -17.03 -24.80 9.21
CA PRO C 408 -17.25 -24.02 7.99
C PRO C 408 -18.60 -24.21 7.32
N TYR C 409 -18.96 -23.25 6.48
CA TYR C 409 -20.20 -23.24 5.72
C TYR C 409 -19.94 -22.83 4.30
N PHE C 410 -20.63 -23.48 3.36
CA PHE C 410 -20.46 -23.11 1.97
C PHE C 410 -21.36 -21.96 1.60
N VAL C 411 -20.76 -20.94 1.00
CA VAL C 411 -21.47 -19.72 0.60
C VAL C 411 -21.18 -19.39 -0.85
N ALA C 412 -22.11 -18.71 -1.51
CA ALA C 412 -21.95 -18.29 -2.89
C ALA C 412 -21.94 -16.78 -2.92
N LEU C 413 -20.82 -16.19 -3.35
CA LEU C 413 -20.73 -14.73 -3.43
C LEU C 413 -21.33 -14.33 -4.76
N VAL C 414 -22.54 -13.77 -4.71
CA VAL C 414 -23.29 -13.37 -5.89
C VAL C 414 -22.95 -11.95 -6.31
N PRO C 415 -22.39 -11.75 -7.53
CA PRO C 415 -22.05 -10.39 -7.99
C PRO C 415 -23.28 -9.48 -8.02
N GLN C 416 -23.13 -8.28 -7.45
CA GLN C 416 -24.19 -7.30 -7.31
C GLN C 416 -23.73 -5.93 -7.85
N GLU C 417 -24.38 -5.47 -8.93
CA GLU C 417 -24.08 -4.19 -9.57
C GLU C 417 -24.84 -3.06 -8.88
N GLU C 418 -24.19 -1.89 -8.76
CA GLU C 418 -24.75 -0.68 -8.15
C GLU C 418 -25.99 -0.19 -8.91
N GLU C 419 -26.99 0.33 -8.16
CA GLU C 419 -28.22 0.86 -8.74
C GLU C 419 -28.71 2.07 -7.96
N LEU C 420 -28.97 3.17 -8.69
CA LEU C 420 -29.51 4.41 -8.14
C LEU C 420 -30.89 4.64 -8.73
N ASP C 421 -31.82 5.17 -7.92
CA ASP C 421 -33.19 5.45 -8.40
C ASP C 421 -33.29 6.86 -8.98
N ASP C 422 -34.54 7.28 -9.30
CA ASP C 422 -34.89 8.59 -9.85
C ASP C 422 -34.41 9.77 -8.98
N GLN C 423 -34.33 9.53 -7.65
CA GLN C 423 -33.89 10.54 -6.67
C GLN C 423 -32.39 10.53 -6.45
N LYS C 424 -31.66 9.58 -7.09
CA LYS C 424 -30.21 9.38 -6.98
C LYS C 424 -29.82 8.67 -5.68
N ILE C 425 -30.78 7.95 -5.07
CA ILE C 425 -30.57 7.18 -3.84
C ILE C 425 -30.05 5.80 -4.22
N GLN C 426 -29.05 5.29 -3.48
CA GLN C 426 -28.46 3.99 -3.75
C GLN C 426 -29.39 2.86 -3.30
N VAL C 427 -30.15 2.32 -4.26
CA VAL C 427 -31.08 1.21 -4.03
C VAL C 427 -30.31 -0.07 -3.81
N THR C 428 -29.31 -0.34 -4.68
CA THR C 428 -28.48 -1.55 -4.63
C THR C 428 -26.99 -1.20 -4.54
N PRO C 429 -26.30 -1.55 -3.44
CA PRO C 429 -24.86 -1.23 -3.34
C PRO C 429 -23.98 -2.16 -4.17
N PRO C 430 -22.84 -1.67 -4.72
CA PRO C 430 -21.97 -2.55 -5.52
C PRO C 430 -21.12 -3.47 -4.65
N GLY C 431 -21.10 -4.76 -4.96
CA GLY C 431 -20.34 -5.77 -4.22
C GLY C 431 -20.81 -7.18 -4.44
N PHE C 432 -20.71 -8.03 -3.41
CA PHE C 432 -21.14 -9.43 -3.50
C PHE C 432 -22.14 -9.78 -2.44
N GLN C 433 -23.20 -10.48 -2.85
CA GLN C 433 -24.25 -10.96 -1.96
C GLN C 433 -23.77 -12.30 -1.42
N LEU C 434 -23.50 -12.37 -0.11
CA LEU C 434 -23.05 -13.59 0.54
C LEU C 434 -24.29 -14.45 0.77
N VAL C 435 -24.48 -15.46 -0.09
CA VAL C 435 -25.62 -16.37 -0.04
C VAL C 435 -25.20 -17.67 0.63
N PHE C 436 -25.83 -18.00 1.77
CA PHE C 436 -25.54 -19.23 2.49
C PHE C 436 -26.15 -20.43 1.76
N LEU C 437 -25.36 -21.50 1.63
CA LEU C 437 -25.79 -22.73 0.97
C LEU C 437 -26.02 -23.84 1.99
N PRO C 438 -27.16 -24.56 1.90
CA PRO C 438 -27.43 -25.63 2.88
C PRO C 438 -26.61 -26.90 2.67
N PHE C 439 -26.30 -27.60 3.77
CA PHE C 439 -25.63 -28.89 3.75
C PHE C 439 -26.74 -29.92 3.57
N ALA C 440 -26.38 -31.18 3.30
CA ALA C 440 -27.36 -32.26 3.10
C ALA C 440 -28.32 -32.41 4.29
N ASP C 441 -27.81 -32.20 5.52
CA ASP C 441 -28.56 -32.27 6.78
C ASP C 441 -29.67 -31.21 6.84
N ASP C 442 -29.43 -30.04 6.23
CA ASP C 442 -30.34 -28.88 6.23
C ASP C 442 -31.54 -29.04 5.31
N LYS C 443 -31.46 -29.97 4.37
CA LYS C 443 -32.54 -30.24 3.44
C LYS C 443 -33.49 -31.23 4.06
N ARG C 444 -34.79 -31.09 3.76
CA ARG C 444 -35.80 -31.99 4.30
C ARG C 444 -36.55 -32.65 3.16
N LYS C 445 -36.69 -33.98 3.25
CA LYS C 445 -37.42 -34.77 2.25
C LYS C 445 -38.93 -34.50 2.38
N MET C 446 -39.61 -34.35 1.24
CA MET C 446 -41.04 -34.05 1.20
C MET C 446 -41.89 -35.30 1.01
N PRO C 447 -43.11 -35.40 1.59
CA PRO C 447 -43.94 -36.60 1.36
C PRO C 447 -44.41 -36.70 -0.08
N PHE C 448 -44.64 -37.93 -0.55
CA PHE C 448 -45.07 -38.21 -1.93
C PHE C 448 -46.48 -37.68 -2.25
N THR C 449 -46.62 -37.11 -3.48
CA THR C 449 -47.87 -36.57 -4.03
C THR C 449 -47.91 -36.84 -5.53
N GLU C 450 -49.07 -37.26 -6.05
CA GLU C 450 -49.25 -37.50 -7.48
C GLU C 450 -49.38 -36.14 -8.17
N LYS C 451 -48.74 -35.98 -9.34
CA LYS C 451 -48.77 -34.71 -10.08
C LYS C 451 -50.11 -34.50 -10.79
N ILE C 452 -50.90 -33.52 -10.30
CA ILE C 452 -52.19 -33.14 -10.86
C ILE C 452 -52.02 -31.76 -11.49
N MET C 453 -52.23 -31.68 -12.81
CA MET C 453 -52.09 -30.42 -13.55
C MET C 453 -53.44 -29.85 -14.00
N ALA C 454 -53.54 -28.51 -13.98
CA ALA C 454 -54.73 -27.76 -14.37
C ALA C 454 -54.79 -27.63 -15.90
N THR C 455 -56.01 -27.44 -16.44
CA THR C 455 -56.25 -27.28 -17.87
C THR C 455 -55.90 -25.85 -18.34
N PRO C 456 -55.68 -25.61 -19.66
CA PRO C 456 -55.40 -24.23 -20.13
C PRO C 456 -56.49 -23.23 -19.75
N GLU C 457 -57.77 -23.69 -19.72
CA GLU C 457 -58.94 -22.89 -19.35
C GLU C 457 -58.84 -22.42 -17.91
N GLN C 458 -58.36 -23.30 -17.00
CA GLN C 458 -58.21 -23.01 -15.57
C GLN C 458 -57.04 -22.06 -15.33
N VAL C 459 -55.89 -22.32 -15.98
CA VAL C 459 -54.68 -21.50 -15.91
C VAL C 459 -55.00 -20.08 -16.41
N GLY C 460 -55.79 -20.01 -17.49
CA GLY C 460 -56.26 -18.77 -18.08
C GLY C 460 -57.10 -17.94 -17.12
N LYS C 461 -58.04 -18.59 -16.42
CA LYS C 461 -58.91 -17.95 -15.43
C LYS C 461 -58.08 -17.40 -14.28
N MET C 462 -57.09 -18.18 -13.82
CA MET C 462 -56.20 -17.77 -12.74
C MET C 462 -55.32 -16.60 -13.19
N LYS C 463 -54.86 -16.62 -14.47
CA LYS C 463 -54.06 -15.53 -15.05
C LYS C 463 -54.82 -14.21 -14.96
N ALA C 464 -56.13 -14.23 -15.31
CA ALA C 464 -57.04 -13.09 -15.23
C ALA C 464 -57.17 -12.59 -13.80
N ILE C 465 -57.18 -13.51 -12.82
CA ILE C 465 -57.27 -13.19 -11.39
C ILE C 465 -55.96 -12.53 -10.95
N VAL C 466 -54.82 -13.12 -11.34
CA VAL C 466 -53.48 -12.62 -11.02
C VAL C 466 -53.32 -11.18 -11.54
N GLU C 467 -53.73 -10.93 -12.79
CA GLU C 467 -53.67 -9.61 -13.43
C GLU C 467 -54.53 -8.56 -12.71
N LYS C 468 -55.68 -9.00 -12.16
CA LYS C 468 -56.61 -8.15 -11.43
C LYS C 468 -56.05 -7.66 -10.10
N LEU C 469 -55.29 -8.52 -9.40
CA LEU C 469 -54.71 -8.19 -8.10
C LEU C 469 -53.22 -7.86 -8.18
N ARG C 470 -52.80 -7.28 -9.32
CA ARG C 470 -51.42 -6.88 -9.56
C ARG C 470 -51.14 -5.59 -8.81
N PHE C 471 -49.92 -5.48 -8.23
CA PHE C 471 -49.47 -4.30 -7.50
C PHE C 471 -47.95 -4.18 -7.52
N THR C 472 -47.42 -3.01 -7.14
CA THR C 472 -45.98 -2.74 -7.11
C THR C 472 -45.41 -3.03 -5.72
N TYR C 473 -44.62 -4.12 -5.61
CA TYR C 473 -43.99 -4.50 -4.36
C TYR C 473 -42.71 -3.71 -4.12
N ARG C 474 -42.58 -3.21 -2.89
CA ARG C 474 -41.42 -2.48 -2.39
C ARG C 474 -41.09 -3.06 -1.01
N SER C 475 -39.83 -3.41 -0.77
CA SER C 475 -39.40 -4.00 0.51
C SER C 475 -39.79 -3.19 1.77
N ASP C 476 -40.05 -1.87 1.62
CA ASP C 476 -40.38 -0.95 2.71
C ASP C 476 -41.89 -0.70 2.92
N SER C 477 -42.76 -1.44 2.20
CA SER C 477 -44.22 -1.27 2.22
C SER C 477 -44.92 -1.70 3.52
N PHE C 478 -44.42 -2.74 4.19
CA PHE C 478 -45.11 -3.27 5.38
C PHE C 478 -44.40 -3.02 6.69
N GLU C 479 -45.17 -2.73 7.73
CA GLU C 479 -44.67 -2.49 9.08
C GLU C 479 -44.98 -3.71 9.94
N ASN C 480 -44.12 -4.01 10.94
CA ASN C 480 -44.30 -5.15 11.85
C ASN C 480 -45.43 -4.83 12.83
N PRO C 481 -46.59 -5.52 12.71
CA PRO C 481 -47.74 -5.21 13.58
C PRO C 481 -47.43 -5.33 15.07
N VAL C 482 -46.65 -6.36 15.43
CA VAL C 482 -46.24 -6.66 16.79
C VAL C 482 -45.40 -5.52 17.37
N LEU C 483 -44.36 -5.07 16.64
CA LEU C 483 -43.49 -3.99 17.09
C LEU C 483 -44.24 -2.69 17.23
N GLN C 484 -45.00 -2.30 16.19
CA GLN C 484 -45.78 -1.06 16.18
C GLN C 484 -46.68 -0.94 17.39
N GLN C 485 -47.44 -2.02 17.69
CA GLN C 485 -48.33 -2.07 18.85
C GLN C 485 -47.56 -1.95 20.17
N HIS C 486 -46.41 -2.63 20.29
CA HIS C 486 -45.57 -2.61 21.50
C HIS C 486 -45.14 -1.18 21.87
N PHE C 487 -44.73 -0.38 20.90
CA PHE C 487 -44.28 0.98 21.14
C PHE C 487 -45.44 1.95 21.29
N ARG C 488 -46.60 1.66 20.65
CA ARG C 488 -47.79 2.49 20.85
C ARG C 488 -48.21 2.34 22.30
N ASN C 489 -48.09 1.10 22.84
CA ASN C 489 -48.38 0.78 24.23
C ASN C 489 -47.46 1.51 25.18
N LEU C 490 -46.15 1.53 24.88
CA LEU C 490 -45.17 2.22 25.70
C LEU C 490 -45.40 3.74 25.73
N GLU C 491 -45.84 4.33 24.60
CA GLU C 491 -46.17 5.76 24.46
C GLU C 491 -47.27 6.16 25.44
N ALA C 492 -48.37 5.38 25.46
CA ALA C 492 -49.52 5.59 26.34
C ALA C 492 -49.11 5.54 27.82
N LEU C 493 -48.18 4.64 28.17
CA LEU C 493 -47.71 4.48 29.54
C LEU C 493 -46.69 5.53 29.97
N ALA C 494 -45.79 5.94 29.06
CA ALA C 494 -44.75 6.94 29.35
C ALA C 494 -45.29 8.35 29.47
N LEU C 495 -46.38 8.66 28.74
CA LEU C 495 -47.02 9.97 28.73
C LEU C 495 -48.25 10.02 29.64
N ASP C 496 -48.64 8.86 30.22
CA ASP C 496 -49.80 8.67 31.10
C ASP C 496 -51.11 9.12 30.41
N LEU C 497 -51.27 8.69 29.15
CA LEU C 497 -52.45 8.96 28.33
C LEU C 497 -53.61 8.10 28.79
N MET C 498 -53.29 6.88 29.27
CA MET C 498 -54.22 5.84 29.75
C MET C 498 -55.00 5.19 28.58
N GLU C 499 -54.75 5.68 27.34
CA GLU C 499 -55.36 5.20 26.11
C GLU C 499 -54.29 4.80 25.07
N PRO C 500 -54.16 3.49 24.78
CA PRO C 500 -53.15 3.07 23.79
C PRO C 500 -53.65 3.22 22.36
N GLU C 501 -52.84 3.83 21.50
CA GLU C 501 -53.15 3.99 20.08
C GLU C 501 -53.16 2.58 19.48
N GLN C 502 -54.15 2.29 18.62
CA GLN C 502 -54.25 0.96 18.00
C GLN C 502 -53.68 0.99 16.59
N ALA C 503 -52.58 0.23 16.37
CA ALA C 503 -51.88 0.15 15.09
C ALA C 503 -52.76 -0.46 14.00
N VAL C 504 -52.68 0.09 12.78
CA VAL C 504 -53.43 -0.40 11.61
C VAL C 504 -52.57 -1.45 10.91
N ASP C 505 -53.05 -2.71 10.92
CA ASP C 505 -52.35 -3.83 10.32
C ASP C 505 -52.34 -3.75 8.80
N LEU C 506 -51.15 -3.44 8.25
CA LEU C 506 -50.89 -3.32 6.82
C LEU C 506 -50.72 -4.70 6.19
N THR C 507 -50.51 -5.72 7.03
CA THR C 507 -50.31 -7.10 6.60
C THR C 507 -51.64 -7.78 6.27
N LEU C 508 -52.77 -7.25 6.78
CA LEU C 508 -54.09 -7.82 6.53
C LEU C 508 -54.55 -7.50 5.10
N PRO C 509 -55.07 -8.48 4.35
CA PRO C 509 -55.50 -8.21 2.97
C PRO C 509 -56.67 -7.26 2.88
N LYS C 510 -56.68 -6.43 1.84
CA LYS C 510 -57.74 -5.47 1.58
C LYS C 510 -58.90 -6.23 0.91
N VAL C 511 -59.50 -7.17 1.67
CA VAL C 511 -60.58 -8.10 1.31
C VAL C 511 -61.67 -7.45 0.44
N GLU C 512 -62.39 -6.45 0.98
CA GLU C 512 -63.50 -5.77 0.29
C GLU C 512 -63.11 -5.22 -1.07
N ALA C 513 -61.96 -4.53 -1.14
CA ALA C 513 -61.42 -3.95 -2.38
C ALA C 513 -61.10 -5.04 -3.39
N MET C 514 -60.49 -6.15 -2.92
CA MET C 514 -60.12 -7.32 -3.74
C MET C 514 -61.35 -7.96 -4.36
N ASN C 515 -62.41 -8.18 -3.54
CA ASN C 515 -63.67 -8.78 -3.99
C ASN C 515 -64.31 -7.98 -5.12
N LYS C 516 -64.40 -6.64 -4.95
CA LYS C 516 -64.94 -5.69 -5.93
C LYS C 516 -64.12 -5.72 -7.21
N ARG C 517 -62.77 -5.73 -7.07
CA ARG C 517 -61.85 -5.77 -8.20
C ARG C 517 -61.91 -7.07 -8.99
N LEU C 518 -62.23 -8.20 -8.33
CA LEU C 518 -62.31 -9.50 -8.97
C LEU C 518 -63.66 -9.77 -9.63
N GLY C 519 -64.73 -9.26 -9.04
CA GLY C 519 -66.09 -9.41 -9.55
C GLY C 519 -66.54 -10.85 -9.61
N SER C 520 -66.92 -11.31 -10.81
CA SER C 520 -67.41 -12.67 -11.08
C SER C 520 -66.32 -13.71 -11.35
N LEU C 521 -65.04 -13.29 -11.49
CA LEU C 521 -63.90 -14.19 -11.75
C LEU C 521 -63.76 -15.30 -10.72
N VAL C 522 -64.09 -15.00 -9.45
CA VAL C 522 -64.05 -15.94 -8.33
C VAL C 522 -65.06 -17.05 -8.57
N ASP C 523 -66.35 -16.68 -8.77
CA ASP C 523 -67.44 -17.62 -9.03
C ASP C 523 -67.19 -18.42 -10.29
N GLU C 524 -66.55 -17.79 -11.30
CA GLU C 524 -66.19 -18.41 -12.57
C GLU C 524 -65.16 -19.52 -12.34
N PHE C 525 -64.04 -19.18 -11.66
CA PHE C 525 -62.96 -20.12 -11.34
C PHE C 525 -63.49 -21.32 -10.56
N LYS C 526 -64.34 -21.07 -9.53
CA LYS C 526 -64.96 -22.08 -8.68
C LYS C 526 -65.74 -23.11 -9.48
N GLU C 527 -66.59 -22.65 -10.41
CA GLU C 527 -67.42 -23.49 -11.28
C GLU C 527 -66.57 -24.43 -12.14
N LEU C 528 -65.37 -23.97 -12.54
CA LEU C 528 -64.44 -24.75 -13.37
C LEU C 528 -63.56 -25.73 -12.58
N VAL C 529 -63.43 -25.56 -11.25
CA VAL C 529 -62.56 -26.39 -10.42
C VAL C 529 -63.31 -27.19 -9.34
N TYR C 530 -64.04 -26.49 -8.46
CA TYR C 530 -64.74 -27.10 -7.33
C TYR C 530 -66.05 -27.76 -7.74
N PRO C 531 -66.32 -29.00 -7.27
CA PRO C 531 -67.58 -29.67 -7.62
C PRO C 531 -68.78 -28.99 -6.93
N PRO C 532 -70.04 -29.18 -7.41
CA PRO C 532 -71.18 -28.55 -6.72
C PRO C 532 -71.33 -29.04 -5.28
N ASP C 533 -70.94 -30.31 -5.04
CA ASP C 533 -70.97 -30.93 -3.72
C ASP C 533 -69.56 -31.09 -3.16
N TYR C 534 -69.33 -30.50 -1.99
CA TYR C 534 -68.04 -30.49 -1.28
C TYR C 534 -68.32 -30.41 0.21
N MET D 1 -38.12 -35.32 -2.60
CA MET D 1 -39.37 -36.03 -2.39
C MET D 1 -39.15 -37.50 -2.05
N HIS D 2 -40.01 -38.04 -1.17
CA HIS D 2 -40.03 -39.41 -0.69
C HIS D 2 -40.61 -40.38 -1.71
N HIS D 3 -40.40 -41.68 -1.45
CA HIS D 3 -40.89 -42.82 -2.22
C HIS D 3 -42.41 -42.94 -1.95
N HIS D 4 -43.15 -43.68 -2.81
CA HIS D 4 -44.59 -43.87 -2.64
C HIS D 4 -44.93 -44.74 -1.42
N HIS D 5 -43.98 -45.57 -0.96
CA HIS D 5 -44.11 -46.44 0.21
C HIS D 5 -44.11 -45.66 1.52
N HIS D 6 -43.45 -44.48 1.55
CA HIS D 6 -43.38 -43.60 2.72
C HIS D 6 -44.74 -42.96 2.96
N HIS D 7 -45.44 -43.42 4.01
CA HIS D 7 -46.78 -42.97 4.39
C HIS D 7 -46.76 -41.55 4.94
N HIS D 8 -47.88 -40.82 4.78
CA HIS D 8 -47.99 -39.44 5.26
C HIS D 8 -48.15 -39.35 6.79
N HIS D 9 -48.43 -40.49 7.49
CA HIS D 9 -48.58 -40.48 8.95
C HIS D 9 -47.29 -39.97 9.60
N HIS D 10 -46.13 -40.32 8.99
CA HIS D 10 -44.78 -39.91 9.41
C HIS D 10 -44.62 -38.39 9.50
N HIS D 11 -45.46 -37.62 8.77
CA HIS D 11 -45.43 -36.16 8.73
C HIS D 11 -46.54 -35.47 9.55
N GLU D 12 -47.46 -36.23 10.16
CA GLU D 12 -48.52 -35.58 10.93
C GLU D 12 -48.34 -35.72 12.45
N ASN D 13 -48.66 -34.63 13.16
CA ASN D 13 -48.57 -34.51 14.62
C ASN D 13 -49.82 -35.05 15.30
N LEU D 14 -49.65 -36.17 16.01
CA LEU D 14 -50.70 -36.85 16.76
C LEU D 14 -50.14 -37.24 18.13
N TYR D 15 -51.01 -37.40 19.13
CA TYR D 15 -50.63 -37.77 20.50
C TYR D 15 -49.97 -39.16 20.54
N PHE D 16 -48.61 -39.16 20.55
CA PHE D 16 -47.72 -40.33 20.55
C PHE D 16 -47.94 -41.22 19.30
N GLN D 17 -48.33 -40.56 18.19
CA GLN D 17 -48.57 -41.17 16.87
C GLN D 17 -48.02 -40.26 15.77
N GLY D 18 -47.80 -40.82 14.59
CA GLY D 18 -47.28 -40.09 13.44
C GLY D 18 -45.80 -39.78 13.57
N VAL D 19 -45.46 -38.49 13.74
CA VAL D 19 -44.07 -38.04 13.93
C VAL D 19 -43.69 -38.40 15.36
N ARG D 20 -44.65 -38.30 16.29
CA ARG D 20 -44.48 -38.61 17.71
C ARG D 20 -44.39 -40.11 18.01
N SER D 21 -44.77 -40.99 17.07
CA SER D 21 -44.67 -42.44 17.32
C SER D 21 -43.23 -42.93 17.13
N GLY D 22 -42.83 -43.88 17.98
CA GLY D 22 -41.49 -44.46 17.95
C GLY D 22 -41.29 -45.40 16.78
N ASN D 23 -40.31 -45.07 15.93
CA ASN D 23 -39.96 -45.88 14.76
C ASN D 23 -38.89 -46.91 15.15
N LYS D 24 -39.16 -47.66 16.24
CA LYS D 24 -38.23 -48.66 16.78
C LYS D 24 -38.10 -49.85 15.84
N ALA D 25 -36.84 -50.29 15.59
CA ALA D 25 -36.56 -51.44 14.73
C ALA D 25 -35.63 -52.44 15.41
N ALA D 26 -35.87 -53.73 15.16
CA ALA D 26 -35.08 -54.84 15.71
C ALA D 26 -34.18 -55.37 14.62
N VAL D 27 -32.86 -55.33 14.84
CA VAL D 27 -31.87 -55.77 13.84
C VAL D 27 -30.97 -56.87 14.39
N VAL D 28 -30.90 -58.03 13.70
CA VAL D 28 -30.01 -59.11 14.07
C VAL D 28 -28.91 -59.23 13.03
N LEU D 29 -27.67 -58.97 13.46
CA LEU D 29 -26.52 -59.08 12.58
C LEU D 29 -26.00 -60.51 12.72
N CYS D 30 -26.05 -61.25 11.61
CA CYS D 30 -25.65 -62.66 11.54
C CYS D 30 -24.31 -62.77 10.81
N MET D 31 -23.22 -62.82 11.58
CA MET D 31 -21.87 -62.85 11.02
C MET D 31 -21.23 -64.24 10.93
N ASP D 32 -20.58 -64.53 9.79
CA ASP D 32 -19.83 -65.76 9.56
C ASP D 32 -18.40 -65.51 10.02
N VAL D 33 -17.96 -66.26 11.04
CA VAL D 33 -16.61 -66.14 11.57
C VAL D 33 -15.80 -67.42 11.31
N GLY D 34 -16.36 -68.32 10.49
CA GLY D 34 -15.76 -69.60 10.13
C GLY D 34 -14.36 -69.53 9.54
N PHE D 35 -13.64 -70.66 9.58
CA PHE D 35 -12.27 -70.79 9.08
C PHE D 35 -12.02 -70.11 7.73
N THR D 36 -12.88 -70.36 6.72
CA THR D 36 -12.77 -69.81 5.36
C THR D 36 -12.87 -68.29 5.28
N MET D 37 -13.60 -67.66 6.24
CA MET D 37 -13.75 -66.21 6.29
C MET D 37 -12.41 -65.50 6.48
N SER D 38 -11.40 -66.24 6.97
CA SER D 38 -10.06 -65.72 7.20
C SER D 38 -9.14 -65.86 5.97
N ASN D 39 -9.46 -66.82 5.06
CA ASN D 39 -8.71 -67.07 3.83
C ASN D 39 -8.92 -65.89 2.87
N SER D 40 -7.81 -65.30 2.39
CA SER D 40 -7.86 -64.14 1.50
C SER D 40 -6.91 -64.23 0.32
N ILE D 41 -7.27 -63.48 -0.75
CA ILE D 41 -6.49 -63.34 -1.98
C ILE D 41 -5.45 -62.22 -1.73
N PRO D 42 -4.16 -62.44 -2.09
CA PRO D 42 -3.11 -61.43 -1.83
C PRO D 42 -3.48 -59.93 -1.89
N GLY D 43 -4.18 -59.51 -2.95
CA GLY D 43 -4.56 -58.12 -3.17
C GLY D 43 -5.67 -57.56 -2.30
N ILE D 44 -6.59 -58.41 -1.80
CA ILE D 44 -7.73 -57.95 -1.00
C ILE D 44 -7.79 -58.52 0.42
N GLU D 45 -8.41 -57.74 1.33
CA GLU D 45 -8.66 -58.06 2.74
C GLU D 45 -9.55 -59.30 2.87
N SER D 46 -9.42 -60.04 3.98
CA SER D 46 -10.22 -61.24 4.20
C SER D 46 -11.69 -60.90 4.43
N PRO D 47 -12.63 -61.79 4.00
CA PRO D 47 -14.07 -61.50 4.22
C PRO D 47 -14.39 -61.20 5.68
N PHE D 48 -13.74 -61.92 6.63
CA PHE D 48 -13.89 -61.72 8.08
C PHE D 48 -13.59 -60.27 8.46
N GLU D 49 -12.44 -59.72 8.02
CA GLU D 49 -12.02 -58.36 8.32
C GLU D 49 -12.91 -57.34 7.64
N GLN D 50 -13.36 -57.64 6.41
CA GLN D 50 -14.26 -56.77 5.64
C GLN D 50 -15.62 -56.66 6.34
N ALA D 51 -16.22 -57.81 6.69
CA ALA D 51 -17.50 -57.90 7.37
C ALA D 51 -17.42 -57.26 8.76
N LYS D 52 -16.28 -57.42 9.45
CA LYS D 52 -16.04 -56.85 10.78
C LYS D 52 -16.10 -55.33 10.73
N LYS D 53 -15.54 -54.73 9.66
CA LYS D 53 -15.50 -53.29 9.46
C LYS D 53 -16.89 -52.75 9.15
N VAL D 54 -17.69 -53.50 8.37
CA VAL D 54 -19.05 -53.14 7.98
C VAL D 54 -19.92 -53.06 9.23
N ILE D 55 -19.84 -54.10 10.08
CA ILE D 55 -20.57 -54.22 11.34
C ILE D 55 -20.19 -53.08 12.29
N THR D 56 -18.87 -52.77 12.39
CA THR D 56 -18.38 -51.69 13.24
C THR D 56 -18.97 -50.37 12.77
N MET D 57 -18.89 -50.11 11.44
CA MET D 57 -19.43 -48.89 10.82
C MET D 57 -20.90 -48.76 11.14
N PHE D 58 -21.67 -49.85 10.99
CA PHE D 58 -23.10 -49.89 11.27
C PHE D 58 -23.41 -49.54 12.72
N VAL D 59 -22.79 -50.26 13.67
CA VAL D 59 -22.99 -50.04 15.10
C VAL D 59 -22.60 -48.61 15.52
N GLN D 60 -21.44 -48.09 15.06
CA GLN D 60 -20.97 -46.73 15.35
C GLN D 60 -22.01 -45.68 14.97
N ARG D 61 -22.56 -45.79 13.74
CA ARG D 61 -23.62 -44.94 13.18
C ARG D 61 -24.83 -44.99 14.09
N GLN D 62 -25.24 -46.21 14.51
CA GLN D 62 -26.43 -46.41 15.36
C GLN D 62 -26.28 -45.83 16.75
N VAL D 63 -25.06 -45.89 17.33
CA VAL D 63 -24.79 -45.39 18.69
C VAL D 63 -25.05 -43.87 18.79
N PHE D 64 -24.59 -43.09 17.79
CA PHE D 64 -24.78 -41.65 17.75
C PHE D 64 -26.12 -41.21 17.17
N ALA D 65 -26.78 -42.10 16.39
CA ALA D 65 -28.09 -41.85 15.78
C ALA D 65 -29.19 -41.78 16.85
N GLU D 66 -30.18 -40.91 16.61
CA GLU D 66 -31.32 -40.67 17.49
C GLU D 66 -32.17 -41.91 17.76
N ASN D 67 -32.34 -42.79 16.74
CA ASN D 67 -33.16 -44.02 16.78
C ASN D 67 -32.93 -44.91 18.00
N LYS D 68 -34.03 -45.46 18.51
CA LYS D 68 -34.07 -46.38 19.65
C LYS D 68 -34.02 -47.86 19.16
N ASP D 69 -33.51 -48.05 17.92
CA ASP D 69 -33.38 -49.34 17.26
C ASP D 69 -32.47 -50.28 18.05
N GLU D 70 -32.94 -51.52 18.26
CA GLU D 70 -32.21 -52.52 19.05
C GLU D 70 -31.47 -53.51 18.17
N ILE D 71 -30.27 -53.92 18.63
CA ILE D 71 -29.37 -54.77 17.88
C ILE D 71 -28.88 -56.03 18.64
N ALA D 72 -28.89 -57.17 17.94
CA ALA D 72 -28.41 -58.45 18.45
C ALA D 72 -27.34 -58.98 17.50
N LEU D 73 -26.37 -59.75 18.03
CA LEU D 73 -25.30 -60.27 17.19
C LEU D 73 -25.11 -61.79 17.32
N VAL D 74 -25.34 -62.50 16.21
CA VAL D 74 -25.18 -63.94 16.10
C VAL D 74 -23.93 -64.25 15.27
N LEU D 75 -23.06 -65.12 15.78
CA LEU D 75 -21.83 -65.52 15.11
C LEU D 75 -21.87 -66.99 14.76
N PHE D 76 -21.41 -67.37 13.57
CA PHE D 76 -21.40 -68.78 13.20
C PHE D 76 -20.07 -69.19 12.57
N GLY D 77 -19.60 -70.36 12.97
CA GLY D 77 -18.31 -70.90 12.58
C GLY D 77 -17.34 -70.78 13.74
N THR D 78 -17.88 -70.49 14.94
CA THR D 78 -17.15 -70.35 16.20
C THR D 78 -16.73 -71.72 16.71
N ASP D 79 -15.69 -71.76 17.56
CA ASP D 79 -15.20 -73.00 18.15
C ASP D 79 -16.22 -73.62 19.11
N GLY D 80 -16.76 -72.81 20.02
CA GLY D 80 -17.77 -73.23 20.98
C GLY D 80 -19.19 -73.02 20.47
N THR D 81 -20.19 -73.55 21.21
CA THR D 81 -21.61 -73.41 20.86
C THR D 81 -22.38 -72.83 22.07
N ASP D 82 -23.12 -71.73 21.81
CA ASP D 82 -23.93 -71.05 22.83
C ASP D 82 -25.11 -70.30 22.19
N ASN D 83 -26.25 -71.00 22.05
CA ASN D 83 -27.47 -70.45 21.47
C ASN D 83 -28.71 -71.11 22.12
N PRO D 84 -29.91 -70.46 22.11
CA PRO D 84 -31.09 -71.09 22.74
C PRO D 84 -31.59 -72.39 22.09
N LEU D 85 -31.30 -72.60 20.80
CA LEU D 85 -31.73 -73.78 20.05
C LEU D 85 -30.70 -74.92 20.07
N SER D 86 -29.69 -74.82 20.94
CA SER D 86 -28.60 -75.78 21.07
C SER D 86 -29.04 -77.17 21.51
N GLY D 87 -28.70 -78.13 20.66
CA GLY D 87 -28.91 -79.55 20.87
C GLY D 87 -27.56 -80.23 20.77
N GLY D 88 -27.46 -81.49 21.23
CA GLY D 88 -26.22 -82.25 21.19
C GLY D 88 -25.59 -82.40 19.82
N ASP D 89 -26.45 -82.52 18.78
CA ASP D 89 -26.04 -82.66 17.38
C ASP D 89 -26.71 -81.58 16.51
N GLN D 90 -27.43 -80.61 17.12
CA GLN D 90 -28.13 -79.54 16.39
C GLN D 90 -27.61 -78.13 16.69
N TYR D 91 -27.67 -77.26 15.66
CA TYR D 91 -27.25 -75.85 15.66
C TYR D 91 -25.90 -75.63 16.34
N GLN D 92 -24.91 -76.47 15.96
CA GLN D 92 -23.56 -76.48 16.49
C GLN D 92 -22.72 -75.38 15.83
N ASN D 93 -21.73 -74.84 16.59
CA ASN D 93 -20.77 -73.79 16.20
C ASN D 93 -21.46 -72.44 15.89
N ILE D 94 -22.60 -72.18 16.56
CA ILE D 94 -23.37 -70.95 16.43
C ILE D 94 -23.46 -70.30 17.81
N THR D 95 -23.02 -69.04 17.93
CA THR D 95 -22.99 -68.31 19.19
C THR D 95 -23.79 -66.99 19.14
N VAL D 96 -24.64 -66.77 20.14
CA VAL D 96 -25.39 -65.52 20.28
C VAL D 96 -24.51 -64.65 21.17
N HIS D 97 -23.67 -63.83 20.54
CA HIS D 97 -22.73 -62.94 21.22
C HIS D 97 -23.46 -61.86 22.01
N ARG D 98 -24.51 -61.27 21.39
CA ARG D 98 -25.29 -60.18 21.97
C ARG D 98 -26.79 -60.40 21.72
N HIS D 99 -27.60 -60.19 22.76
CA HIS D 99 -29.05 -60.28 22.64
C HIS D 99 -29.62 -58.91 22.30
N LEU D 100 -30.86 -58.85 21.80
CA LEU D 100 -31.51 -57.60 21.39
C LEU D 100 -31.52 -56.54 22.51
N MET D 101 -30.63 -55.55 22.38
CA MET D 101 -30.40 -54.44 23.31
C MET D 101 -29.96 -53.21 22.53
N LEU D 102 -30.15 -52.01 23.10
CA LEU D 102 -29.71 -50.76 22.49
C LEU D 102 -28.18 -50.82 22.32
N PRO D 103 -27.64 -50.39 21.15
CA PRO D 103 -26.17 -50.47 20.98
C PRO D 103 -25.41 -49.60 21.96
N ASP D 104 -24.25 -50.08 22.40
CA ASP D 104 -23.43 -49.35 23.36
C ASP D 104 -21.94 -49.47 23.05
N PHE D 105 -21.09 -48.77 23.82
CA PHE D 105 -19.64 -48.79 23.64
C PHE D 105 -19.03 -50.13 24.06
N ASP D 106 -19.77 -50.94 24.84
CA ASP D 106 -19.32 -52.27 25.23
C ASP D 106 -19.43 -53.21 24.03
N LEU D 107 -20.45 -53.00 23.17
CA LEU D 107 -20.64 -53.81 21.96
C LEU D 107 -19.49 -53.55 21.01
N LEU D 108 -19.22 -52.27 20.72
CA LEU D 108 -18.16 -51.82 19.84
C LEU D 108 -16.78 -52.33 20.26
N GLU D 109 -16.52 -52.31 21.57
CA GLU D 109 -15.27 -52.79 22.15
C GLU D 109 -15.08 -54.30 21.91
N ASP D 110 -16.17 -55.08 22.03
CA ASP D 110 -16.15 -56.53 21.78
C ASP D 110 -15.87 -56.81 20.31
N ILE D 111 -16.58 -56.11 19.41
CA ILE D 111 -16.42 -56.22 17.96
C ILE D 111 -14.97 -55.93 17.55
N GLU D 112 -14.37 -54.93 18.20
CA GLU D 112 -13.00 -54.53 17.89
C GLU D 112 -11.94 -55.39 18.57
N SER D 113 -12.22 -55.94 19.78
CA SER D 113 -11.20 -56.69 20.50
C SER D 113 -11.57 -58.12 20.90
N LYS D 114 -12.75 -58.34 21.53
CA LYS D 114 -13.13 -59.68 22.01
C LYS D 114 -13.39 -60.70 20.88
N ILE D 115 -14.16 -60.34 19.83
CA ILE D 115 -14.46 -61.23 18.71
C ILE D 115 -13.19 -61.67 17.96
N GLN D 116 -13.04 -62.98 17.78
CA GLN D 116 -11.89 -63.56 17.09
C GLN D 116 -12.35 -64.52 15.99
N PRO D 117 -11.58 -64.69 14.89
CA PRO D 117 -12.00 -65.63 13.83
C PRO D 117 -11.99 -67.07 14.34
N GLY D 118 -13.05 -67.80 13.99
CA GLY D 118 -13.23 -69.19 14.37
C GLY D 118 -12.38 -70.15 13.57
N SER D 119 -12.28 -71.39 14.06
CA SER D 119 -11.51 -72.45 13.42
C SER D 119 -12.43 -73.49 12.78
N GLN D 120 -13.75 -73.37 13.02
CA GLN D 120 -14.77 -74.29 12.51
C GLN D 120 -15.60 -73.71 11.37
N GLN D 121 -16.71 -74.39 11.00
CA GLN D 121 -17.64 -73.99 9.95
C GLN D 121 -19.07 -74.35 10.37
N ALA D 122 -20.02 -73.44 10.13
CA ALA D 122 -21.43 -73.67 10.46
C ALA D 122 -22.34 -73.48 9.24
N ASP D 123 -23.55 -74.03 9.33
CA ASP D 123 -24.58 -73.94 8.30
C ASP D 123 -25.17 -72.54 8.41
N PHE D 124 -25.09 -71.75 7.31
CA PHE D 124 -25.59 -70.37 7.34
C PHE D 124 -27.11 -70.30 7.46
N LEU D 125 -27.82 -71.32 6.95
CA LEU D 125 -29.27 -71.37 7.07
C LEU D 125 -29.67 -71.69 8.50
N ASP D 126 -28.81 -72.45 9.24
CA ASP D 126 -29.03 -72.77 10.65
C ASP D 126 -28.83 -71.50 11.48
N ALA D 127 -27.82 -70.70 11.10
CA ALA D 127 -27.51 -69.42 11.74
C ALA D 127 -28.68 -68.44 11.58
N LEU D 128 -29.35 -68.48 10.41
CA LEU D 128 -30.51 -67.67 10.10
C LEU D 128 -31.69 -68.10 10.98
N ILE D 129 -31.82 -69.42 11.24
CA ILE D 129 -32.87 -69.97 12.10
C ILE D 129 -32.67 -69.44 13.53
N VAL D 130 -31.42 -69.49 14.02
CA VAL D 130 -31.05 -69.00 15.35
C VAL D 130 -31.35 -67.48 15.43
N SER D 131 -31.04 -66.74 14.35
CA SER D 131 -31.28 -65.30 14.24
C SER D 131 -32.77 -65.00 14.30
N MET D 132 -33.58 -65.82 13.61
CA MET D 132 -35.04 -65.68 13.61
C MET D 132 -35.60 -65.94 14.99
N ASP D 133 -35.01 -66.91 15.72
CA ASP D 133 -35.41 -67.26 17.08
C ASP D 133 -35.25 -66.05 18.01
N VAL D 134 -34.12 -65.33 17.86
CA VAL D 134 -33.77 -64.12 18.62
C VAL D 134 -34.89 -63.07 18.46
N ILE D 135 -35.32 -62.81 17.20
CA ILE D 135 -36.40 -61.87 16.92
C ILE D 135 -37.72 -62.39 17.48
N GLN D 136 -38.04 -63.67 17.22
CA GLN D 136 -39.29 -64.29 17.68
C GLN D 136 -39.48 -64.30 19.19
N HIS D 137 -38.41 -64.50 19.95
CA HIS D 137 -38.47 -64.57 21.41
C HIS D 137 -38.24 -63.22 22.11
N GLU D 138 -37.75 -62.20 21.40
CA GLU D 138 -37.43 -60.91 22.04
C GLU D 138 -38.29 -59.72 21.56
N THR D 139 -38.99 -59.83 20.42
CA THR D 139 -39.86 -58.75 19.95
C THR D 139 -41.21 -58.75 20.67
N ILE D 140 -41.56 -59.87 21.36
CA ILE D 140 -42.83 -60.00 22.11
C ILE D 140 -42.94 -58.94 23.24
N GLY D 141 -41.85 -58.77 23.99
CA GLY D 141 -41.79 -57.84 25.11
C GLY D 141 -41.92 -56.36 24.77
N LYS D 142 -41.30 -55.93 23.65
CA LYS D 142 -41.27 -54.53 23.22
C LYS D 142 -42.00 -54.27 21.90
N LYS D 143 -42.26 -52.99 21.57
CA LYS D 143 -42.94 -52.64 20.32
C LYS D 143 -41.95 -52.24 19.24
N PHE D 144 -41.84 -53.08 18.19
CA PHE D 144 -40.97 -52.84 17.04
C PHE D 144 -41.78 -52.71 15.76
N GLU D 145 -41.57 -51.59 15.06
CA GLU D 145 -42.20 -51.27 13.80
C GLU D 145 -41.61 -52.14 12.69
N LYS D 146 -40.30 -52.45 12.77
CA LYS D 146 -39.58 -53.24 11.77
C LYS D 146 -38.63 -54.27 12.37
N ARG D 147 -38.47 -55.42 11.68
CA ARG D 147 -37.59 -56.52 12.09
C ARG D 147 -36.69 -56.87 10.90
N HIS D 148 -35.35 -56.79 11.08
CA HIS D 148 -34.35 -57.09 10.03
C HIS D 148 -33.32 -58.10 10.45
N ILE D 149 -32.83 -58.88 9.48
CA ILE D 149 -31.72 -59.84 9.67
C ILE D 149 -30.71 -59.62 8.54
N GLU D 150 -29.48 -59.24 8.93
CA GLU D 150 -28.38 -58.99 7.99
C GLU D 150 -27.36 -60.10 8.09
N ILE D 151 -27.16 -60.86 6.99
CA ILE D 151 -26.22 -61.98 6.96
C ILE D 151 -24.95 -61.62 6.22
N PHE D 152 -23.81 -61.84 6.88
CA PHE D 152 -22.47 -61.58 6.36
C PHE D 152 -21.76 -62.91 6.26
N THR D 153 -21.58 -63.41 5.02
CA THR D 153 -20.96 -64.70 4.75
C THR D 153 -20.20 -64.70 3.43
N ASP D 154 -19.38 -65.75 3.21
CA ASP D 154 -18.63 -65.93 1.96
C ASP D 154 -19.27 -67.03 1.12
N LEU D 155 -20.28 -67.73 1.68
CA LEU D 155 -21.02 -68.85 1.06
C LEU D 155 -20.09 -69.99 0.65
N SER D 156 -18.99 -70.18 1.39
CA SER D 156 -17.97 -71.18 1.12
C SER D 156 -18.31 -72.58 1.62
N SER D 157 -19.08 -72.69 2.72
CA SER D 157 -19.39 -73.96 3.37
C SER D 157 -20.67 -74.66 2.90
N ARG D 158 -20.75 -75.98 3.18
CA ARG D 158 -21.92 -76.81 2.89
C ARG D 158 -23.02 -76.44 3.86
N PHE D 159 -24.27 -76.58 3.41
CA PHE D 159 -25.48 -76.26 4.15
C PHE D 159 -26.58 -77.25 3.78
N SER D 160 -27.56 -77.42 4.68
CA SER D 160 -28.72 -78.27 4.49
C SER D 160 -29.83 -77.43 3.86
N LYS D 161 -30.46 -77.95 2.78
CA LYS D 161 -31.53 -77.27 2.05
C LYS D 161 -32.91 -77.70 2.57
N SER D 162 -32.92 -78.56 3.60
CA SER D 162 -34.12 -79.13 4.21
C SER D 162 -35.03 -78.12 4.93
N GLN D 163 -34.45 -77.03 5.48
CA GLN D 163 -35.21 -76.06 6.27
C GLN D 163 -35.62 -74.80 5.51
N LEU D 164 -35.41 -74.78 4.19
CA LEU D 164 -35.77 -73.64 3.34
C LEU D 164 -37.21 -73.18 3.52
N ASP D 165 -38.16 -74.12 3.46
CA ASP D 165 -39.59 -73.86 3.59
C ASP D 165 -39.97 -73.28 4.94
N ILE D 166 -39.40 -73.80 6.05
CA ILE D 166 -39.72 -73.23 7.37
C ILE D 166 -39.11 -71.85 7.49
N ILE D 167 -37.90 -71.64 6.94
CA ILE D 167 -37.22 -70.34 6.96
C ILE D 167 -38.08 -69.27 6.31
N ILE D 168 -38.51 -69.52 5.06
CA ILE D 168 -39.32 -68.62 4.27
C ILE D 168 -40.68 -68.37 4.92
N HIS D 169 -41.33 -69.42 5.42
CA HIS D 169 -42.63 -69.30 6.09
C HIS D 169 -42.57 -68.43 7.34
N SER D 170 -41.53 -68.59 8.17
CA SER D 170 -41.38 -67.81 9.40
C SER D 170 -41.02 -66.36 9.13
N LEU D 171 -40.23 -66.10 8.08
CA LEU D 171 -39.85 -64.74 7.71
C LEU D 171 -41.07 -63.96 7.24
N LYS D 172 -41.92 -64.62 6.43
CA LYS D 172 -43.15 -64.04 5.90
C LYS D 172 -44.18 -63.78 7.00
N LYS D 173 -44.44 -64.79 7.85
CA LYS D 173 -45.40 -64.69 8.95
C LYS D 173 -44.99 -63.67 10.01
N CYS D 174 -43.69 -63.60 10.33
CA CYS D 174 -43.17 -62.67 11.32
C CYS D 174 -42.83 -61.29 10.76
N ASP D 175 -42.96 -61.11 9.44
CA ASP D 175 -42.63 -59.88 8.72
C ASP D 175 -41.19 -59.45 9.03
N ILE D 176 -40.26 -60.36 8.74
CA ILE D 176 -38.82 -60.14 8.93
C ILE D 176 -38.20 -59.99 7.56
N SER D 177 -37.56 -58.85 7.30
CA SER D 177 -36.92 -58.63 6.02
C SER D 177 -35.47 -59.07 6.08
N LEU D 178 -34.95 -59.54 4.94
CA LEU D 178 -33.60 -60.08 4.85
C LEU D 178 -32.69 -59.29 3.92
N GLN D 179 -31.36 -59.36 4.18
CA GLN D 179 -30.30 -58.75 3.38
C GLN D 179 -29.04 -59.59 3.50
N PHE D 180 -28.34 -59.77 2.36
CA PHE D 180 -27.11 -60.55 2.30
C PHE D 180 -25.93 -59.68 1.93
N PHE D 181 -24.79 -59.95 2.58
CA PHE D 181 -23.54 -59.22 2.38
C PHE D 181 -22.46 -60.23 2.12
N LEU D 182 -21.90 -60.17 0.91
CA LEU D 182 -20.93 -61.12 0.44
C LEU D 182 -19.59 -60.47 0.05
N PRO D 183 -18.50 -61.25 -0.13
CA PRO D 183 -17.22 -60.65 -0.53
C PRO D 183 -17.19 -60.21 -1.99
N PHE D 184 -18.21 -60.59 -2.77
CA PHE D 184 -18.32 -60.29 -4.19
C PHE D 184 -19.64 -59.61 -4.56
N SER D 185 -19.62 -58.78 -5.61
CA SER D 185 -20.80 -58.09 -6.13
C SER D 185 -21.67 -59.08 -6.91
N LEU D 186 -22.99 -58.83 -6.99
CA LEU D 186 -23.92 -59.70 -7.72
C LEU D 186 -23.99 -59.38 -9.22
N GLY D 187 -23.78 -58.11 -9.59
CA GLY D 187 -23.81 -57.67 -10.98
C GLY D 187 -22.63 -56.80 -11.36
N GLY D 213 -14.62 -65.37 -10.10
CA GLY D 213 -13.87 -66.60 -9.88
C GLY D 213 -14.23 -67.34 -8.62
N ILE D 214 -15.52 -67.36 -8.28
CA ILE D 214 -16.05 -68.02 -7.08
C ILE D 214 -16.03 -69.54 -7.23
N THR D 215 -15.94 -70.26 -6.11
CA THR D 215 -15.92 -71.73 -6.07
C THR D 215 -17.26 -72.30 -6.49
N GLU D 216 -17.35 -73.64 -6.66
CA GLU D 216 -18.58 -74.31 -7.03
C GLU D 216 -19.57 -74.28 -5.87
N GLN D 217 -19.05 -74.40 -4.62
CA GLN D 217 -19.87 -74.35 -3.40
C GLN D 217 -20.51 -72.96 -3.29
N GLN D 218 -19.75 -71.93 -3.65
CA GLN D 218 -20.21 -70.53 -3.62
C GLN D 218 -21.32 -70.32 -4.65
N LYS D 219 -21.24 -70.99 -5.82
CA LYS D 219 -22.24 -70.89 -6.88
C LYS D 219 -23.56 -71.52 -6.43
N GLU D 220 -23.48 -72.64 -5.68
CA GLU D 220 -24.62 -73.38 -5.14
C GLU D 220 -25.32 -72.52 -4.09
N GLY D 221 -24.53 -72.05 -3.11
CA GLY D 221 -24.99 -71.18 -2.04
C GLY D 221 -25.64 -69.92 -2.56
N LEU D 222 -25.06 -69.33 -3.61
CA LEU D 222 -25.60 -68.11 -4.22
C LEU D 222 -26.97 -68.32 -4.85
N GLU D 223 -27.17 -69.47 -5.51
CA GLU D 223 -28.45 -69.81 -6.13
C GLU D 223 -29.57 -69.91 -5.12
N ILE D 224 -29.28 -70.49 -3.95
CA ILE D 224 -30.20 -70.63 -2.83
C ILE D 224 -30.52 -69.26 -2.25
N VAL D 225 -29.49 -68.40 -2.05
CA VAL D 225 -29.64 -67.03 -1.56
C VAL D 225 -30.56 -66.25 -2.50
N LYS D 226 -30.34 -66.40 -3.83
CA LYS D 226 -31.15 -65.77 -4.86
C LYS D 226 -32.62 -66.21 -4.74
N MET D 227 -32.84 -67.54 -4.63
CA MET D 227 -34.17 -68.15 -4.49
C MET D 227 -34.88 -67.61 -3.25
N VAL D 228 -34.19 -67.58 -2.10
CA VAL D 228 -34.71 -67.08 -0.83
C VAL D 228 -35.19 -65.64 -1.01
N MET D 229 -34.31 -64.77 -1.53
CA MET D 229 -34.63 -63.36 -1.73
C MET D 229 -35.79 -63.12 -2.69
N ILE D 230 -35.89 -63.93 -3.75
CA ILE D 230 -36.98 -63.84 -4.73
C ILE D 230 -38.29 -64.28 -4.11
N SER D 231 -38.25 -65.34 -3.28
CA SER D 231 -39.44 -65.85 -2.58
C SER D 231 -40.00 -64.80 -1.63
N LEU D 232 -39.11 -64.09 -0.90
CA LEU D 232 -39.48 -63.07 0.06
C LEU D 232 -39.88 -61.73 -0.55
N GLU D 233 -39.03 -61.18 -1.42
CA GLU D 233 -39.21 -59.84 -1.99
C GLU D 233 -39.68 -59.81 -3.43
N GLY D 234 -39.51 -60.90 -4.16
CA GLY D 234 -39.87 -60.97 -5.57
C GLY D 234 -38.71 -60.57 -6.44
N GLU D 235 -39.01 -59.98 -7.62
CA GLU D 235 -38.01 -59.51 -8.57
C GLU D 235 -36.97 -58.60 -7.91
N ASP D 236 -37.44 -57.70 -7.00
CA ASP D 236 -36.62 -56.75 -6.25
C ASP D 236 -35.67 -57.39 -5.24
N GLY D 237 -35.90 -58.67 -4.91
CA GLY D 237 -35.09 -59.43 -3.97
C GLY D 237 -33.60 -59.40 -4.26
N LEU D 238 -33.26 -59.48 -5.56
CA LEU D 238 -31.89 -59.48 -6.08
C LEU D 238 -31.12 -58.21 -5.72
N ASP D 239 -31.85 -57.09 -5.56
CA ASP D 239 -31.28 -55.79 -5.18
C ASP D 239 -30.82 -55.77 -3.72
N GLU D 240 -31.27 -56.74 -2.91
CA GLU D 240 -30.93 -56.82 -1.49
C GLU D 240 -29.69 -57.71 -1.22
N ILE D 241 -28.93 -58.01 -2.27
CA ILE D 241 -27.69 -58.80 -2.17
C ILE D 241 -26.55 -57.81 -2.47
N TYR D 242 -25.67 -57.57 -1.48
CA TYR D 242 -24.58 -56.61 -1.59
C TYR D 242 -23.19 -57.20 -1.35
N SER D 243 -22.16 -56.44 -1.76
CA SER D 243 -20.75 -56.76 -1.55
C SER D 243 -20.32 -56.00 -0.31
N PHE D 244 -19.36 -56.53 0.46
CA PHE D 244 -18.88 -55.80 1.65
C PHE D 244 -18.29 -54.47 1.20
N SER D 245 -17.61 -54.48 0.03
CA SER D 245 -16.96 -53.34 -0.61
C SER D 245 -17.91 -52.14 -0.74
N GLU D 246 -19.11 -52.36 -1.31
CA GLU D 246 -20.11 -51.28 -1.48
C GLU D 246 -20.73 -50.85 -0.16
N SER D 247 -20.84 -51.78 0.79
CA SER D 247 -21.41 -51.54 2.12
C SER D 247 -20.51 -50.62 2.93
N LEU D 248 -19.17 -50.82 2.82
CA LEU D 248 -18.14 -50.03 3.50
C LEU D 248 -18.13 -48.60 2.99
N ARG D 249 -18.36 -48.43 1.68
CA ARG D 249 -18.41 -47.17 0.95
C ARG D 249 -19.55 -46.30 1.45
N LYS D 250 -20.74 -46.89 1.65
CA LYS D 250 -21.94 -46.19 2.08
C LYS D 250 -21.93 -45.81 3.55
N LEU D 251 -21.42 -46.71 4.41
CA LEU D 251 -21.42 -46.58 5.87
C LEU D 251 -20.19 -45.89 6.48
N CYS D 252 -19.24 -45.40 5.66
CA CYS D 252 -18.03 -44.74 6.18
C CYS D 252 -18.33 -43.42 6.97
N VAL D 253 -19.38 -42.68 6.57
CA VAL D 253 -19.81 -41.44 7.22
C VAL D 253 -20.90 -41.68 8.28
N PHE D 254 -20.98 -40.80 9.30
CA PHE D 254 -22.02 -40.84 10.33
C PHE D 254 -23.35 -40.47 9.72
N LYS D 255 -24.45 -40.88 10.37
CA LYS D 255 -25.80 -40.62 9.90
C LYS D 255 -26.09 -39.13 9.71
N LYS D 256 -26.51 -38.78 8.47
CA LYS D 256 -26.93 -37.44 8.03
C LYS D 256 -28.22 -37.18 8.81
N ILE D 257 -28.36 -35.99 9.41
CA ILE D 257 -29.55 -35.70 10.22
C ILE D 257 -30.79 -35.56 9.32
N GLU D 258 -31.74 -36.46 9.52
CA GLU D 258 -33.03 -36.51 8.81
C GLU D 258 -34.13 -36.46 9.86
N ARG D 259 -35.07 -35.52 9.69
CA ARG D 259 -36.22 -35.33 10.56
C ARG D 259 -37.45 -35.19 9.67
N HIS D 260 -38.62 -35.66 10.12
CA HIS D 260 -39.81 -35.52 9.28
C HIS D 260 -40.47 -34.17 9.61
N SER D 261 -40.70 -33.33 8.59
CA SER D 261 -41.34 -32.02 8.80
C SER D 261 -42.83 -32.23 9.09
N ILE D 262 -43.37 -31.54 10.10
CA ILE D 262 -44.79 -31.65 10.46
C ILE D 262 -45.61 -31.00 9.33
N HIS D 263 -46.71 -31.65 8.91
CA HIS D 263 -47.61 -31.09 7.90
C HIS D 263 -48.39 -29.97 8.56
N TRP D 264 -48.48 -28.84 7.86
CA TRP D 264 -49.14 -27.66 8.38
C TRP D 264 -50.41 -27.39 7.60
N PRO D 265 -51.58 -27.71 8.20
CA PRO D 265 -52.86 -27.48 7.49
C PRO D 265 -53.30 -26.03 7.59
N CYS D 266 -53.87 -25.52 6.49
CA CYS D 266 -54.36 -24.15 6.37
C CYS D 266 -55.08 -23.92 5.05
N ARG D 267 -55.59 -22.70 4.87
CA ARG D 267 -56.31 -22.31 3.66
C ARG D 267 -55.65 -21.09 3.05
N LEU D 268 -55.24 -21.21 1.77
CA LEU D 268 -54.66 -20.12 1.00
C LEU D 268 -55.86 -19.31 0.55
N THR D 269 -55.99 -18.08 1.07
CA THR D 269 -57.14 -17.25 0.75
C THR D 269 -56.81 -16.09 -0.16
N ILE D 270 -57.67 -15.91 -1.18
CA ILE D 270 -57.61 -14.83 -2.15
C ILE D 270 -58.93 -14.10 -1.93
N GLY D 271 -58.88 -13.05 -1.11
CA GLY D 271 -60.05 -12.29 -0.69
C GLY D 271 -60.72 -13.01 0.47
N SER D 272 -62.06 -13.04 0.48
CA SER D 272 -62.83 -13.73 1.52
C SER D 272 -63.79 -14.76 0.94
N ASN D 273 -63.86 -14.84 -0.40
CA ASN D 273 -64.74 -15.77 -1.07
C ASN D 273 -64.01 -16.94 -1.72
N LEU D 274 -62.70 -16.79 -2.02
CA LEU D 274 -61.89 -17.86 -2.61
C LEU D 274 -60.91 -18.44 -1.60
N SER D 275 -61.07 -19.73 -1.33
CA SER D 275 -60.22 -20.46 -0.38
C SER D 275 -59.67 -21.73 -1.03
N ILE D 276 -58.39 -22.03 -0.74
CA ILE D 276 -57.73 -23.23 -1.27
C ILE D 276 -57.09 -23.99 -0.10
N ARG D 277 -57.58 -25.21 0.16
CA ARG D 277 -57.06 -26.06 1.23
C ARG D 277 -55.62 -26.47 0.88
N ILE D 278 -54.67 -26.14 1.76
CA ILE D 278 -53.25 -26.42 1.55
C ILE D 278 -52.60 -27.14 2.74
N ALA D 279 -51.45 -27.80 2.48
CA ALA D 279 -50.65 -28.47 3.49
C ALA D 279 -49.22 -28.06 3.24
N ALA D 280 -48.62 -27.37 4.20
CA ALA D 280 -47.25 -26.86 4.08
C ALA D 280 -46.25 -27.66 4.91
N TYR D 281 -45.00 -27.76 4.43
CA TYR D 281 -43.94 -28.52 5.11
C TYR D 281 -42.62 -27.76 5.00
N LYS D 282 -41.76 -27.85 6.03
CA LYS D 282 -40.43 -27.22 6.03
C LYS D 282 -39.48 -27.96 5.08
N SER D 283 -38.94 -27.26 4.07
CA SER D 283 -38.02 -27.87 3.13
C SER D 283 -36.57 -27.62 3.51
N ILE D 284 -36.25 -26.39 3.98
CA ILE D 284 -34.89 -26.02 4.41
C ILE D 284 -34.90 -25.49 5.85
N LEU D 285 -33.89 -25.89 6.63
CA LEU D 285 -33.68 -25.52 8.03
C LEU D 285 -32.22 -25.51 8.37
N GLN D 286 -31.85 -24.76 9.42
CA GLN D 286 -30.48 -24.87 9.89
C GLN D 286 -30.56 -25.97 10.97
N GLU D 287 -30.32 -27.22 10.54
CA GLU D 287 -30.42 -28.43 11.35
C GLU D 287 -29.36 -28.51 12.42
N ARG D 288 -29.74 -28.98 13.62
CA ARG D 288 -28.83 -29.13 14.75
C ARG D 288 -29.06 -30.44 15.49
N VAL D 289 -28.03 -30.91 16.22
CA VAL D 289 -28.10 -32.08 17.09
C VAL D 289 -28.78 -31.59 18.39
N LYS D 290 -29.79 -32.34 18.87
CA LYS D 290 -30.54 -32.01 20.09
C LYS D 290 -29.70 -32.15 21.36
N LYS D 291 -28.87 -33.22 21.45
CA LYS D 291 -27.99 -33.48 22.60
C LYS D 291 -26.81 -32.51 22.58
N THR D 292 -26.57 -31.81 23.70
CA THR D 292 -25.49 -30.84 23.84
C THR D 292 -24.61 -31.15 25.03
N TRP D 293 -23.68 -30.24 25.34
CA TRP D 293 -22.77 -30.35 26.47
C TRP D 293 -23.41 -30.03 27.82
N THR D 294 -23.33 -30.97 28.76
CA THR D 294 -23.83 -30.80 30.11
C THR D 294 -22.64 -30.39 30.97
N VAL D 295 -22.77 -29.26 31.68
CA VAL D 295 -21.72 -28.76 32.55
C VAL D 295 -21.77 -29.57 33.84
N VAL D 296 -20.67 -30.24 34.18
CA VAL D 296 -20.57 -31.11 35.37
C VAL D 296 -19.34 -30.78 36.22
N ASP D 297 -19.39 -31.13 37.52
CA ASP D 297 -18.28 -30.91 38.44
C ASP D 297 -17.07 -31.72 38.00
N ALA D 298 -15.89 -31.09 37.94
CA ALA D 298 -14.63 -31.72 37.51
C ALA D 298 -14.21 -32.92 38.38
N LYS D 299 -14.81 -33.06 39.58
CA LYS D 299 -14.48 -34.15 40.50
C LYS D 299 -15.52 -35.25 40.50
N THR D 300 -16.78 -34.93 40.82
CA THR D 300 -17.88 -35.91 40.88
C THR D 300 -18.34 -36.32 39.49
N LEU D 301 -18.14 -35.42 38.51
CA LEU D 301 -18.56 -35.57 37.11
C LEU D 301 -20.09 -35.66 37.03
N LYS D 302 -20.77 -35.06 38.03
CA LYS D 302 -22.22 -35.05 38.16
C LYS D 302 -22.79 -33.66 37.91
N LYS D 303 -24.03 -33.61 37.39
CA LYS D 303 -24.74 -32.37 37.06
C LYS D 303 -25.34 -31.71 38.31
N GLU D 304 -25.88 -32.52 39.22
CA GLU D 304 -26.54 -32.12 40.47
C GLU D 304 -25.66 -31.25 41.38
N ASP D 305 -24.32 -31.44 41.31
CA ASP D 305 -23.34 -30.69 42.10
C ASP D 305 -23.21 -29.23 41.66
N ILE D 306 -23.76 -28.88 40.48
CA ILE D 306 -23.70 -27.53 39.92
C ILE D 306 -25.04 -26.82 40.02
N GLN D 307 -25.02 -25.57 40.47
CA GLN D 307 -26.20 -24.73 40.62
C GLN D 307 -25.89 -23.27 40.29
N LYS D 308 -26.76 -22.63 39.50
CA LYS D 308 -26.62 -21.24 39.10
C LYS D 308 -27.61 -20.34 39.82
N GLU D 309 -27.10 -19.28 40.46
CA GLU D 309 -27.91 -18.30 41.16
C GLU D 309 -27.60 -16.91 40.63
N THR D 310 -28.60 -16.29 40.00
CA THR D 310 -28.49 -14.95 39.43
C THR D 310 -28.87 -13.92 40.50
N VAL D 311 -27.88 -13.13 40.95
CA VAL D 311 -28.04 -12.11 42.01
C VAL D 311 -28.25 -10.71 41.38
N TYR D 312 -28.94 -9.81 42.11
CA TYR D 312 -29.24 -8.46 41.66
C TYR D 312 -28.69 -7.41 42.61
N CYS D 313 -28.00 -6.40 42.06
CA CYS D 313 -27.39 -5.29 42.80
C CYS D 313 -27.58 -3.96 42.07
N LEU D 314 -27.63 -2.86 42.83
CA LEU D 314 -27.84 -1.52 42.28
C LEU D 314 -26.61 -0.94 41.59
N ASN D 315 -26.84 -0.17 40.51
CA ASN D 315 -25.81 0.51 39.70
C ASN D 315 -24.97 1.45 40.57
N ASP D 316 -25.59 2.05 41.59
CA ASP D 316 -24.95 2.94 42.56
C ASP D 316 -23.93 2.19 43.40
N ASP D 317 -22.97 2.93 43.98
CA ASP D 317 -21.86 2.47 44.81
C ASP D 317 -22.26 1.55 45.97
N ASP D 318 -21.26 0.78 46.50
CA ASP D 318 -21.32 -0.17 47.61
C ASP D 318 -22.03 -1.50 47.28
N GLU D 319 -22.47 -1.69 46.01
CA GLU D 319 -23.13 -2.91 45.49
C GLU D 319 -24.30 -3.36 46.39
N THR D 320 -25.42 -2.58 46.38
CA THR D 320 -26.59 -2.89 47.21
C THR D 320 -27.45 -3.97 46.57
N GLU D 321 -27.48 -5.15 47.19
CA GLU D 321 -28.25 -6.32 46.75
C GLU D 321 -29.75 -6.04 46.82
N VAL D 322 -30.52 -6.70 45.95
CA VAL D 322 -31.98 -6.58 45.92
C VAL D 322 -32.59 -7.98 45.94
N LEU D 323 -33.68 -8.15 46.70
CA LEU D 323 -34.39 -9.41 46.80
C LEU D 323 -35.45 -9.47 45.70
N LYS D 324 -35.67 -10.68 45.16
CA LYS D 324 -36.65 -10.96 44.09
C LYS D 324 -38.05 -10.41 44.39
N GLU D 325 -38.37 -10.21 45.68
CA GLU D 325 -39.64 -9.66 46.15
C GLU D 325 -39.69 -8.12 46.05
N ASP D 326 -38.69 -7.51 45.38
CA ASP D 326 -38.59 -6.06 45.20
C ASP D 326 -38.31 -5.63 43.75
N ILE D 327 -38.35 -6.59 42.80
CA ILE D 327 -38.10 -6.31 41.39
C ILE D 327 -39.37 -6.45 40.55
N ILE D 328 -39.62 -5.44 39.69
CA ILE D 328 -40.75 -5.38 38.76
C ILE D 328 -40.24 -5.35 37.31
N GLN D 329 -41.12 -5.65 36.35
CA GLN D 329 -40.77 -5.62 34.94
C GLN D 329 -40.97 -4.20 34.37
N GLY D 330 -40.08 -3.84 33.45
CA GLY D 330 -40.11 -2.55 32.76
C GLY D 330 -39.52 -2.62 31.38
N PHE D 331 -39.67 -1.54 30.61
CA PHE D 331 -39.13 -1.44 29.26
C PHE D 331 -38.59 -0.05 29.04
N ARG D 332 -37.63 0.06 28.12
CA ARG D 332 -37.08 1.37 27.79
C ARG D 332 -37.76 1.89 26.55
N TYR D 333 -38.13 3.17 26.57
CA TYR D 333 -38.68 3.90 25.43
C TYR D 333 -37.74 5.08 25.31
N GLY D 334 -36.61 4.85 24.64
CA GLY D 334 -35.55 5.82 24.50
C GLY D 334 -34.95 6.13 25.85
N SER D 335 -35.06 7.39 26.29
CA SER D 335 -34.57 7.85 27.59
C SER D 335 -35.54 7.51 28.72
N ASP D 336 -36.81 7.24 28.38
CA ASP D 336 -37.85 6.89 29.35
C ASP D 336 -37.77 5.44 29.79
N ILE D 337 -38.08 5.21 31.07
CA ILE D 337 -38.13 3.90 31.69
C ILE D 337 -39.60 3.68 32.04
N VAL D 338 -40.21 2.66 31.42
CA VAL D 338 -41.63 2.39 31.54
C VAL D 338 -41.93 1.08 32.29
N PRO D 339 -42.40 1.15 33.56
CA PRO D 339 -42.77 -0.09 34.26
C PRO D 339 -44.00 -0.70 33.60
N PHE D 340 -43.92 -1.99 33.26
CA PHE D 340 -44.99 -2.70 32.56
C PHE D 340 -44.94 -4.17 32.95
N SER D 341 -45.87 -4.59 33.84
CA SER D 341 -45.94 -5.99 34.32
C SER D 341 -46.29 -6.96 33.20
N LYS D 342 -45.96 -8.26 33.38
CA LYS D 342 -46.27 -9.31 32.41
C LYS D 342 -47.77 -9.53 32.25
N VAL D 343 -48.55 -9.18 33.28
CA VAL D 343 -50.01 -9.26 33.32
C VAL D 343 -50.60 -8.19 32.38
N ASP D 344 -50.18 -6.91 32.55
CA ASP D 344 -50.64 -5.79 31.73
C ASP D 344 -50.19 -5.94 30.28
N GLU D 345 -48.94 -6.40 30.10
CA GLU D 345 -48.32 -6.65 28.80
C GLU D 345 -49.07 -7.74 28.04
N GLU D 346 -49.60 -8.74 28.77
CA GLU D 346 -50.36 -9.87 28.23
C GLU D 346 -51.67 -9.44 27.56
N GLN D 347 -52.33 -8.43 28.13
CA GLN D 347 -53.62 -7.92 27.66
C GLN D 347 -53.50 -6.83 26.59
N MET D 348 -52.51 -5.94 26.71
CA MET D 348 -52.28 -4.86 25.73
C MET D 348 -51.50 -5.36 24.51
N LYS D 349 -50.86 -6.55 24.65
CA LYS D 349 -50.07 -7.25 23.63
C LYS D 349 -50.85 -7.39 22.32
N TYR D 350 -50.14 -7.27 21.17
CA TYR D 350 -50.77 -7.46 19.88
C TYR D 350 -51.18 -8.92 19.78
N LYS D 351 -52.44 -9.15 19.42
CA LYS D 351 -53.03 -10.48 19.32
C LYS D 351 -53.46 -10.80 17.89
N SER D 352 -52.83 -11.81 17.29
CA SER D 352 -53.10 -12.26 15.94
C SER D 352 -54.39 -13.06 15.89
N GLU D 353 -55.11 -12.97 14.76
CA GLU D 353 -56.38 -13.67 14.51
C GLU D 353 -56.18 -15.18 14.60
N GLY D 354 -55.00 -15.65 14.17
CA GLY D 354 -54.63 -17.05 14.20
C GLY D 354 -53.92 -17.49 12.94
N LYS D 355 -53.88 -18.82 12.71
CA LYS D 355 -53.28 -19.45 11.54
C LYS D 355 -53.83 -18.82 10.27
N CYS D 356 -52.96 -18.48 9.31
CA CYS D 356 -53.36 -17.88 8.04
C CYS D 356 -52.28 -17.96 6.96
N PHE D 357 -52.72 -17.85 5.70
CA PHE D 357 -51.89 -17.83 4.50
C PHE D 357 -52.71 -17.05 3.49
N SER D 358 -52.82 -15.75 3.74
CA SER D 358 -53.65 -14.83 2.96
C SER D 358 -52.87 -14.04 1.92
N VAL D 359 -53.32 -14.12 0.66
CA VAL D 359 -52.72 -13.41 -0.47
C VAL D 359 -53.08 -11.93 -0.34
N LEU D 360 -52.07 -11.07 -0.44
CA LEU D 360 -52.23 -9.63 -0.35
C LEU D 360 -52.30 -9.05 -1.76
N GLY D 361 -51.59 -9.72 -2.67
CA GLY D 361 -51.51 -9.37 -4.07
C GLY D 361 -50.42 -10.14 -4.78
N PHE D 362 -50.22 -9.81 -6.06
CA PHE D 362 -49.21 -10.45 -6.90
C PHE D 362 -48.37 -9.38 -7.58
N CYS D 363 -47.11 -9.69 -7.84
CA CYS D 363 -46.20 -8.75 -8.48
C CYS D 363 -45.19 -9.49 -9.34
N LYS D 364 -44.43 -8.76 -10.18
CA LYS D 364 -43.36 -9.29 -11.01
C LYS D 364 -42.32 -9.92 -10.09
N SER D 365 -41.77 -11.09 -10.48
CA SER D 365 -40.74 -11.78 -9.70
C SER D 365 -39.50 -10.91 -9.53
N SER D 366 -39.22 -10.05 -10.54
CA SER D 366 -38.10 -9.11 -10.56
C SER D 366 -38.17 -8.09 -9.41
N GLN D 367 -39.40 -7.76 -8.95
CA GLN D 367 -39.64 -6.83 -7.84
C GLN D 367 -39.29 -7.45 -6.49
N VAL D 368 -39.07 -8.78 -6.47
CA VAL D 368 -38.71 -9.51 -5.26
C VAL D 368 -37.29 -10.04 -5.42
N GLN D 369 -36.32 -9.31 -4.82
CA GLN D 369 -34.90 -9.65 -4.89
C GLN D 369 -34.52 -10.64 -3.81
N ARG D 370 -33.72 -11.65 -4.17
CA ARG D 370 -33.32 -12.71 -3.26
C ARG D 370 -32.47 -12.21 -2.07
N ARG D 371 -31.86 -11.02 -2.20
CA ARG D 371 -31.09 -10.41 -1.12
C ARG D 371 -31.97 -9.96 0.06
N PHE D 372 -33.29 -9.90 -0.17
CA PHE D 372 -34.26 -9.48 0.84
C PHE D 372 -34.93 -10.66 1.56
N PHE D 373 -34.61 -11.90 1.17
CA PHE D 373 -35.14 -13.12 1.79
C PHE D 373 -34.80 -13.15 3.27
N MET D 374 -35.80 -13.41 4.11
CA MET D 374 -35.70 -13.40 5.58
C MET D 374 -36.10 -14.72 6.23
N GLY D 375 -35.82 -14.85 7.52
CA GLY D 375 -36.21 -16.02 8.30
C GLY D 375 -35.22 -17.15 8.43
N ASN D 376 -35.68 -18.24 9.05
CA ASN D 376 -34.85 -19.41 9.31
C ASN D 376 -35.36 -20.70 8.62
N GLN D 377 -36.39 -20.57 7.76
CA GLN D 377 -37.02 -21.70 7.07
C GLN D 377 -37.51 -21.38 5.67
N VAL D 378 -37.75 -22.43 4.89
CA VAL D 378 -38.33 -22.40 3.57
C VAL D 378 -39.50 -23.38 3.65
N LEU D 379 -40.67 -22.95 3.20
CA LEU D 379 -41.88 -23.74 3.25
C LEU D 379 -42.30 -24.17 1.88
N LYS D 380 -42.54 -25.46 1.70
CA LYS D 380 -43.08 -25.94 0.44
C LYS D 380 -44.57 -26.15 0.69
N VAL D 381 -45.41 -25.51 -0.14
CA VAL D 381 -46.86 -25.54 0.00
C VAL D 381 -47.49 -26.39 -1.10
N PHE D 382 -48.18 -27.46 -0.68
CA PHE D 382 -48.91 -28.36 -1.57
C PHE D 382 -50.38 -28.25 -1.24
N ALA D 383 -51.24 -28.82 -2.08
CA ALA D 383 -52.67 -28.85 -1.81
C ALA D 383 -52.91 -29.88 -0.71
N ALA D 384 -54.00 -29.70 0.08
CA ALA D 384 -54.36 -30.61 1.18
C ALA D 384 -54.34 -32.06 0.70
N ARG D 385 -53.82 -32.98 1.55
CA ARG D 385 -53.68 -34.40 1.23
C ARG D 385 -54.96 -35.01 0.65
N ASP D 386 -54.80 -35.70 -0.50
CA ASP D 386 -55.82 -36.42 -1.25
C ASP D 386 -57.02 -35.56 -1.73
N ASP D 387 -56.81 -34.24 -1.84
CA ASP D 387 -57.83 -33.31 -2.31
C ASP D 387 -57.54 -32.88 -3.74
N GLU D 388 -58.23 -33.51 -4.72
CA GLU D 388 -58.07 -33.24 -6.14
C GLU D 388 -58.49 -31.81 -6.49
N ALA D 389 -59.63 -31.35 -5.94
CA ALA D 389 -60.17 -30.00 -6.17
C ALA D 389 -59.15 -28.95 -5.79
N ALA D 390 -58.55 -29.10 -4.59
CA ALA D 390 -57.51 -28.19 -4.09
C ALA D 390 -56.26 -28.28 -4.97
N ALA D 391 -55.89 -29.51 -5.42
CA ALA D 391 -54.73 -29.75 -6.28
C ALA D 391 -54.84 -29.01 -7.61
N VAL D 392 -56.02 -29.10 -8.27
CA VAL D 392 -56.30 -28.43 -9.55
C VAL D 392 -56.25 -26.91 -9.35
N ALA D 393 -56.92 -26.42 -8.28
CA ALA D 393 -56.99 -25.00 -7.92
C ALA D 393 -55.60 -24.44 -7.70
N LEU D 394 -54.76 -25.14 -6.92
CA LEU D 394 -53.39 -24.69 -6.65
C LEU D 394 -52.53 -24.77 -7.91
N SER D 395 -52.70 -25.84 -8.73
CA SER D 395 -51.95 -26.00 -9.98
C SER D 395 -52.22 -24.86 -10.93
N SER D 396 -53.45 -24.30 -10.89
CA SER D 396 -53.85 -23.15 -11.70
C SER D 396 -53.01 -21.95 -11.29
N LEU D 397 -52.91 -21.69 -9.97
CA LEU D 397 -52.14 -20.58 -9.40
C LEU D 397 -50.67 -20.68 -9.77
N ILE D 398 -50.06 -21.85 -9.51
CA ILE D 398 -48.65 -22.17 -9.80
C ILE D 398 -48.28 -21.84 -11.25
N HIS D 399 -49.01 -22.44 -12.22
CA HIS D 399 -48.77 -22.25 -13.64
C HIS D 399 -49.05 -20.84 -14.13
N ALA D 400 -50.07 -20.16 -13.58
CA ALA D 400 -50.42 -18.79 -13.96
C ALA D 400 -49.28 -17.86 -13.57
N LEU D 401 -48.75 -18.00 -12.34
CA LEU D 401 -47.64 -17.20 -11.83
C LEU D 401 -46.38 -17.44 -12.64
N ASP D 402 -46.11 -18.72 -12.98
CA ASP D 402 -44.96 -19.12 -13.76
C ASP D 402 -45.04 -18.54 -15.17
N ASP D 403 -46.21 -18.68 -15.84
CA ASP D 403 -46.45 -18.18 -17.19
C ASP D 403 -46.51 -16.66 -17.27
N LEU D 404 -46.74 -15.98 -16.13
CA LEU D 404 -46.78 -14.52 -16.06
C LEU D 404 -45.50 -13.95 -15.48
N ASP D 405 -44.56 -14.83 -15.07
CA ASP D 405 -43.29 -14.46 -14.43
C ASP D 405 -43.59 -13.55 -13.23
N MET D 406 -44.51 -14.02 -12.38
CA MET D 406 -44.98 -13.31 -11.21
C MET D 406 -44.93 -14.16 -9.95
N VAL D 407 -45.10 -13.51 -8.79
CA VAL D 407 -45.07 -14.12 -7.46
C VAL D 407 -46.21 -13.56 -6.59
N ALA D 408 -46.58 -14.30 -5.53
CA ALA D 408 -47.61 -13.86 -4.59
C ALA D 408 -46.97 -13.29 -3.33
N ILE D 409 -47.53 -12.20 -2.80
CA ILE D 409 -47.09 -11.57 -1.55
C ILE D 409 -48.16 -11.92 -0.53
N VAL D 410 -47.79 -12.70 0.49
CA VAL D 410 -48.77 -13.20 1.45
C VAL D 410 -48.47 -12.85 2.92
N ARG D 411 -49.52 -12.95 3.76
CA ARG D 411 -49.46 -12.80 5.20
C ARG D 411 -49.46 -14.22 5.75
N TYR D 412 -48.38 -14.61 6.45
CA TYR D 412 -48.22 -15.94 7.02
C TYR D 412 -48.12 -15.90 8.54
N ALA D 413 -48.93 -16.70 9.21
CA ALA D 413 -48.92 -16.83 10.66
C ALA D 413 -49.06 -18.30 11.01
N TYR D 414 -48.02 -18.86 11.63
CA TYR D 414 -47.97 -20.28 12.01
C TYR D 414 -49.20 -20.68 12.81
N ASP D 415 -49.48 -19.95 13.91
CA ASP D 415 -50.63 -20.15 14.78
C ASP D 415 -51.06 -18.83 15.44
N LYS D 416 -52.06 -18.89 16.34
CA LYS D 416 -52.57 -17.73 17.08
C LYS D 416 -51.52 -17.05 17.98
N ARG D 417 -50.45 -17.79 18.33
CA ARG D 417 -49.37 -17.31 19.19
C ARG D 417 -48.25 -16.64 18.39
N ALA D 418 -47.77 -17.29 17.31
CA ALA D 418 -46.68 -16.81 16.46
C ALA D 418 -46.90 -15.40 15.88
N ASN D 419 -45.80 -14.64 15.76
CA ASN D 419 -45.79 -13.29 15.20
C ASN D 419 -46.09 -13.37 13.69
N PRO D 420 -47.09 -12.61 13.18
CA PRO D 420 -47.39 -12.67 11.74
C PRO D 420 -46.23 -12.18 10.86
N GLN D 421 -46.10 -12.78 9.69
CA GLN D 421 -45.04 -12.49 8.73
C GLN D 421 -45.62 -12.07 7.39
N VAL D 422 -44.83 -11.32 6.63
CA VAL D 422 -45.15 -10.94 5.27
C VAL D 422 -44.11 -11.72 4.48
N GLY D 423 -44.51 -12.39 3.42
CA GLY D 423 -43.58 -13.17 2.63
C GLY D 423 -43.96 -13.36 1.18
N VAL D 424 -43.09 -14.07 0.46
CA VAL D 424 -43.26 -14.39 -0.95
C VAL D 424 -43.61 -15.87 -1.13
N ALA D 425 -44.53 -16.17 -2.05
CA ALA D 425 -44.91 -17.52 -2.41
C ALA D 425 -44.68 -17.60 -3.92
N PHE D 426 -43.64 -18.32 -4.35
CA PHE D 426 -43.32 -18.39 -5.76
C PHE D 426 -43.49 -19.80 -6.37
N PRO D 427 -43.81 -19.89 -7.68
CA PRO D 427 -44.01 -21.21 -8.31
C PRO D 427 -42.78 -22.10 -8.37
N HIS D 428 -43.00 -23.40 -8.19
CA HIS D 428 -41.97 -24.43 -8.23
C HIS D 428 -42.52 -25.65 -9.00
N ILE D 429 -42.24 -25.70 -10.31
CA ILE D 429 -42.70 -26.78 -11.18
C ILE D 429 -41.54 -27.69 -11.53
N LYS D 430 -41.62 -28.94 -11.06
CA LYS D 430 -40.61 -29.96 -11.35
C LYS D 430 -41.31 -31.20 -11.88
N HIS D 431 -40.55 -32.22 -12.27
CA HIS D 431 -41.11 -33.48 -12.75
C HIS D 431 -41.57 -34.26 -11.52
N ASN D 432 -42.83 -34.76 -11.57
CA ASN D 432 -43.59 -35.55 -10.58
C ASN D 432 -44.21 -34.68 -9.43
N TYR D 433 -43.86 -33.38 -9.32
CA TYR D 433 -44.45 -32.52 -8.28
C TYR D 433 -44.44 -31.03 -8.63
N GLU D 434 -45.50 -30.32 -8.21
CA GLU D 434 -45.66 -28.86 -8.36
C GLU D 434 -46.08 -28.31 -7.01
N CYS D 435 -45.53 -27.14 -6.64
CA CYS D 435 -45.83 -26.47 -5.38
C CYS D 435 -45.45 -25.00 -5.38
N LEU D 436 -45.82 -24.29 -4.32
CA LEU D 436 -45.44 -22.91 -4.10
C LEU D 436 -44.36 -22.95 -3.04
N VAL D 437 -43.34 -22.12 -3.19
CA VAL D 437 -42.26 -22.03 -2.21
C VAL D 437 -42.49 -20.76 -1.42
N TYR D 438 -42.58 -20.87 -0.10
CA TYR D 438 -42.76 -19.73 0.77
C TYR D 438 -41.47 -19.38 1.46
N VAL D 439 -41.14 -18.08 1.46
CA VAL D 439 -40.00 -17.50 2.18
C VAL D 439 -40.42 -16.14 2.70
N GLN D 440 -40.07 -15.83 3.96
CA GLN D 440 -40.41 -14.58 4.62
C GLN D 440 -39.68 -13.41 3.97
N LEU D 441 -40.37 -12.27 3.86
CA LEU D 441 -39.81 -11.03 3.34
C LEU D 441 -39.62 -10.05 4.49
N PRO D 442 -38.87 -8.94 4.31
CA PRO D 442 -38.66 -8.03 5.42
C PRO D 442 -39.76 -6.99 5.68
N PHE D 443 -39.72 -6.44 6.89
CA PHE D 443 -40.59 -5.37 7.36
C PHE D 443 -39.86 -4.05 7.19
N MET D 444 -40.60 -2.94 7.21
CA MET D 444 -40.07 -1.60 7.11
C MET D 444 -38.98 -1.37 8.16
N GLU D 445 -39.15 -1.93 9.36
CA GLU D 445 -38.24 -1.79 10.50
C GLU D 445 -36.88 -2.47 10.32
N ASP D 446 -36.69 -3.23 9.22
CA ASP D 446 -35.41 -3.89 8.93
C ASP D 446 -34.64 -3.19 7.80
N LEU D 447 -34.88 -1.86 7.61
CA LEU D 447 -34.32 -0.93 6.60
C LEU D 447 -32.80 -0.53 6.65
N ARG D 448 -31.84 -1.49 6.63
CA ARG D 448 -30.44 -1.02 6.60
C ARG D 448 -29.83 -1.10 5.20
N GLN D 449 -30.00 -0.09 4.32
CA GLN D 449 -29.37 -0.22 3.01
C GLN D 449 -27.96 0.41 3.00
N TYR D 450 -27.57 1.07 4.13
CA TYR D 450 -26.27 1.66 4.51
C TYR D 450 -25.61 2.64 3.51
N MET D 451 -25.85 2.50 2.20
CA MET D 451 -25.31 3.36 1.12
C MET D 451 -23.76 3.29 1.06
N PHE D 452 -23.25 2.35 0.26
CA PHE D 452 -21.83 2.07 0.06
C PHE D 452 -21.22 2.89 -1.06
N SER D 453 -19.92 3.19 -0.92
CA SER D 453 -19.14 3.95 -1.89
C SER D 453 -19.12 3.28 -3.26
N SER D 454 -19.17 4.08 -4.32
CA SER D 454 -19.14 3.59 -5.69
C SER D 454 -17.77 3.00 -6.04
N LEU D 455 -17.79 1.89 -6.80
CA LEU D 455 -16.59 1.22 -7.31
C LEU D 455 -16.57 1.30 -8.83
N LYS D 456 -17.69 1.72 -9.44
CA LYS D 456 -17.80 1.92 -10.90
C LYS D 456 -16.99 3.17 -11.28
N ASN D 457 -17.10 4.26 -10.49
CA ASN D 457 -16.38 5.51 -10.68
C ASN D 457 -14.88 5.31 -10.53
N SER D 458 -14.49 4.39 -9.60
CA SER D 458 -13.13 4.03 -9.15
C SER D 458 -11.97 4.74 -9.84
N LYS D 459 -11.59 5.96 -9.43
CA LYS D 459 -10.44 6.55 -10.12
C LYS D 459 -9.12 5.97 -9.56
N LYS D 460 -9.14 5.59 -8.26
CA LYS D 460 -7.97 5.05 -7.56
C LYS D 460 -7.78 3.54 -7.69
N TYR D 461 -8.87 2.78 -7.67
CA TYR D 461 -8.86 1.31 -7.69
C TYR D 461 -9.21 0.69 -9.04
N ALA D 462 -9.14 1.45 -10.14
CA ALA D 462 -9.50 0.96 -11.47
C ALA D 462 -8.50 -0.09 -11.94
N PRO D 463 -8.97 -1.30 -12.30
CA PRO D 463 -8.02 -2.33 -12.76
C PRO D 463 -7.59 -2.11 -14.21
N THR D 464 -6.35 -2.51 -14.52
CA THR D 464 -5.81 -2.39 -15.87
C THR D 464 -6.42 -3.49 -16.75
N GLU D 465 -6.17 -3.43 -18.07
CA GLU D 465 -6.63 -4.42 -19.04
C GLU D 465 -6.08 -5.81 -18.71
N ALA D 466 -4.77 -5.87 -18.38
CA ALA D 466 -4.04 -7.09 -18.02
C ALA D 466 -4.58 -7.73 -16.76
N GLN D 467 -4.90 -6.90 -15.74
CA GLN D 467 -5.45 -7.33 -14.46
C GLN D 467 -6.82 -7.98 -14.67
N LEU D 468 -7.67 -7.35 -15.52
CA LEU D 468 -8.99 -7.86 -15.85
C LEU D 468 -8.94 -9.19 -16.61
N ASN D 469 -7.95 -9.33 -17.51
CA ASN D 469 -7.74 -10.55 -18.28
C ASN D 469 -7.24 -11.70 -17.40
N ALA D 470 -6.44 -11.38 -16.36
CA ALA D 470 -5.91 -12.36 -15.40
C ALA D 470 -7.04 -12.94 -14.57
N VAL D 471 -8.01 -12.11 -14.16
CA VAL D 471 -9.18 -12.52 -13.38
C VAL D 471 -10.09 -13.35 -14.29
N ASP D 472 -10.21 -12.93 -15.57
CA ASP D 472 -11.00 -13.64 -16.58
C ASP D 472 -10.46 -15.07 -16.77
N ALA D 473 -9.13 -15.22 -16.82
CA ALA D 473 -8.46 -16.51 -16.97
C ALA D 473 -8.64 -17.36 -15.71
N LEU D 474 -8.60 -16.71 -14.52
CA LEU D 474 -8.77 -17.37 -13.23
C LEU D 474 -10.16 -17.99 -13.12
N ILE D 475 -11.21 -17.22 -13.48
CA ILE D 475 -12.60 -17.65 -13.43
C ILE D 475 -12.85 -18.86 -14.34
N ASP D 476 -12.23 -18.88 -15.54
CA ASP D 476 -12.36 -19.98 -16.48
C ASP D 476 -11.67 -21.25 -15.98
N SER D 477 -10.46 -21.11 -15.41
CA SER D 477 -9.69 -22.25 -14.88
C SER D 477 -10.38 -22.85 -13.65
N MET D 478 -10.90 -21.98 -12.75
CA MET D 478 -11.59 -22.38 -11.53
C MET D 478 -13.08 -22.68 -11.69
N SER D 479 -13.54 -22.99 -12.92
CA SER D 479 -14.95 -23.31 -13.16
C SER D 479 -15.35 -24.60 -12.45
N LEU D 480 -16.46 -24.54 -11.72
CA LEU D 480 -16.98 -25.68 -10.97
C LEU D 480 -18.12 -26.39 -11.72
N ALA D 481 -18.19 -26.16 -13.04
CA ALA D 481 -19.19 -26.76 -13.92
C ALA D 481 -18.59 -27.23 -15.25
N LYS D 482 -19.26 -28.18 -15.92
CA LYS D 482 -18.85 -28.75 -17.20
C LYS D 482 -20.02 -28.85 -18.16
N LYS D 483 -19.85 -28.26 -19.36
CA LYS D 483 -20.86 -28.22 -20.42
C LYS D 483 -20.71 -29.46 -21.33
N ASP D 484 -21.25 -29.38 -22.58
CA ASP D 484 -21.24 -30.40 -23.65
C ASP D 484 -21.46 -31.84 -23.16
N GLU D 485 -22.56 -32.05 -22.41
CA GLU D 485 -22.97 -33.34 -21.90
C GLU D 485 -23.89 -34.07 -22.94
N LYS D 486 -24.13 -33.40 -24.09
CA LYS D 486 -24.96 -33.83 -25.24
C LYS D 486 -26.48 -33.78 -24.95
N THR D 487 -26.85 -33.23 -23.78
CA THR D 487 -28.24 -33.05 -23.33
C THR D 487 -28.51 -31.56 -23.12
N ASP D 488 -27.51 -30.70 -23.47
CA ASP D 488 -27.51 -29.24 -23.33
C ASP D 488 -27.67 -28.83 -21.85
N THR D 489 -27.29 -29.76 -20.95
CA THR D 489 -27.36 -29.62 -19.50
C THR D 489 -25.94 -29.49 -18.93
N LEU D 490 -25.78 -28.57 -17.97
CA LEU D 490 -24.53 -28.27 -17.27
C LEU D 490 -24.36 -29.26 -16.12
N GLU D 491 -23.17 -29.84 -16.00
CA GLU D 491 -22.87 -30.79 -14.93
C GLU D 491 -22.04 -30.12 -13.84
N ASP D 492 -22.59 -30.08 -12.61
CA ASP D 492 -21.94 -29.47 -11.46
C ASP D 492 -20.84 -30.38 -10.93
N LEU D 493 -19.59 -29.86 -10.92
CA LEU D 493 -18.41 -30.59 -10.46
C LEU D 493 -18.26 -30.56 -8.93
N PHE D 494 -18.93 -29.63 -8.24
CA PHE D 494 -18.84 -29.51 -6.80
C PHE D 494 -20.22 -29.24 -6.15
N PRO D 495 -21.02 -30.30 -5.94
CA PRO D 495 -22.37 -30.11 -5.37
C PRO D 495 -22.37 -30.09 -3.84
N THR D 496 -22.37 -28.87 -3.28
CA THR D 496 -22.33 -28.57 -1.85
C THR D 496 -23.53 -29.10 -1.05
N THR D 497 -24.74 -29.05 -1.64
CA THR D 497 -25.99 -29.48 -1.00
C THR D 497 -26.08 -31.00 -0.77
N LYS D 498 -25.14 -31.78 -1.33
CA LYS D 498 -25.07 -33.23 -1.17
C LYS D 498 -24.16 -33.60 0.00
N ILE D 499 -23.28 -32.67 0.40
CA ILE D 499 -22.32 -32.84 1.49
C ILE D 499 -23.00 -32.72 2.86
N PRO D 500 -22.78 -33.66 3.79
CA PRO D 500 -23.33 -33.48 5.14
C PRO D 500 -22.49 -32.49 5.96
N ASN D 501 -23.13 -31.72 6.85
CA ASN D 501 -22.47 -30.73 7.71
C ASN D 501 -21.32 -31.38 8.50
N PRO D 502 -20.07 -30.94 8.23
CA PRO D 502 -18.91 -31.55 8.87
C PRO D 502 -18.85 -31.45 10.39
N ARG D 503 -19.56 -30.50 11.02
CA ARG D 503 -19.51 -30.36 12.49
C ARG D 503 -20.03 -31.57 13.23
N PHE D 504 -21.06 -32.23 12.69
CA PHE D 504 -21.68 -33.40 13.30
C PHE D 504 -20.76 -34.60 13.17
N GLN D 505 -20.23 -34.81 11.95
CA GLN D 505 -19.28 -35.85 11.58
C GLN D 505 -18.06 -35.78 12.48
N ARG D 506 -17.59 -34.54 12.70
CA ARG D 506 -16.43 -34.25 13.52
C ARG D 506 -16.72 -34.48 14.98
N LEU D 507 -17.86 -33.98 15.47
CA LEU D 507 -18.29 -34.15 16.86
C LEU D 507 -18.38 -35.63 17.22
N PHE D 508 -19.06 -36.41 16.36
CA PHE D 508 -19.23 -37.85 16.59
C PHE D 508 -17.92 -38.59 16.58
N GLN D 509 -17.00 -38.25 15.64
CA GLN D 509 -15.68 -38.85 15.57
C GLN D 509 -14.96 -38.67 16.92
N CYS D 510 -15.04 -37.45 17.48
CA CYS D 510 -14.42 -37.09 18.75
C CYS D 510 -15.09 -37.77 19.93
N LEU D 511 -16.44 -37.73 19.99
CA LEU D 511 -17.22 -38.37 21.05
C LEU D 511 -16.92 -39.87 21.12
N LEU D 512 -16.77 -40.52 19.93
CA LEU D 512 -16.42 -41.92 19.82
C LEU D 512 -15.01 -42.14 20.31
N HIS D 513 -14.06 -41.29 19.86
CA HIS D 513 -12.67 -41.41 20.25
C HIS D 513 -12.49 -41.30 21.76
N ARG D 514 -13.17 -40.34 22.41
CA ARG D 514 -13.08 -40.19 23.87
C ARG D 514 -13.71 -41.39 24.60
N ALA D 515 -14.74 -42.00 24.02
CA ALA D 515 -15.41 -43.14 24.63
C ALA D 515 -14.54 -44.40 24.62
N LEU D 516 -13.92 -44.71 23.47
CA LEU D 516 -13.07 -45.89 23.33
C LEU D 516 -11.65 -45.68 23.86
N HIS D 517 -11.17 -44.42 23.91
CA HIS D 517 -9.82 -44.07 24.38
C HIS D 517 -9.86 -42.84 25.29
N PRO D 518 -10.27 -43.00 26.57
CA PRO D 518 -10.37 -41.83 27.47
C PRO D 518 -9.08 -41.12 27.82
N ARG D 519 -7.94 -41.83 27.82
CA ARG D 519 -6.64 -41.25 28.15
C ARG D 519 -6.04 -40.45 27.00
N GLU D 520 -6.37 -40.84 25.75
CA GLU D 520 -5.84 -40.21 24.53
C GLU D 520 -6.45 -38.85 24.23
N PRO D 521 -5.64 -37.89 23.70
CA PRO D 521 -6.21 -36.59 23.31
C PRO D 521 -7.10 -36.74 22.06
N LEU D 522 -7.80 -35.68 21.67
CA LEU D 522 -8.70 -35.70 20.52
C LEU D 522 -7.98 -35.97 19.20
N PRO D 523 -8.59 -36.77 18.30
CA PRO D 523 -7.92 -37.11 17.04
C PRO D 523 -7.97 -35.95 16.04
N PRO D 524 -7.09 -35.92 15.02
CA PRO D 524 -7.20 -34.85 14.02
C PRO D 524 -8.34 -35.14 13.06
N ILE D 525 -8.82 -34.11 12.34
CA ILE D 525 -9.91 -34.24 11.37
C ILE D 525 -9.57 -35.31 10.34
N GLN D 526 -10.52 -36.24 10.10
CA GLN D 526 -10.36 -37.33 9.13
C GLN D 526 -10.19 -36.77 7.73
N GLN D 527 -9.27 -37.37 6.94
CA GLN D 527 -8.96 -36.93 5.59
C GLN D 527 -10.15 -36.89 4.65
N HIS D 528 -11.03 -37.90 4.68
CA HIS D 528 -12.21 -37.92 3.82
C HIS D 528 -13.11 -36.70 4.03
N ILE D 529 -13.17 -36.19 5.29
CA ILE D 529 -13.93 -34.99 5.65
C ILE D 529 -13.33 -33.81 4.89
N TRP D 530 -12.00 -33.62 5.00
CA TRP D 530 -11.31 -32.55 4.28
C TRP D 530 -11.50 -32.73 2.78
N ASN D 531 -11.42 -33.98 2.29
CA ASN D 531 -11.60 -34.31 0.87
C ASN D 531 -12.96 -33.91 0.33
N MET D 532 -14.03 -34.04 1.14
CA MET D 532 -15.38 -33.69 0.69
C MET D 532 -15.64 -32.17 0.77
N LEU D 533 -14.85 -31.44 1.58
CA LEU D 533 -14.97 -29.99 1.73
C LEU D 533 -14.16 -29.20 0.70
N ASN D 534 -13.24 -29.88 -0.01
CA ASN D 534 -12.37 -29.26 -1.01
C ASN D 534 -12.84 -29.54 -2.44
N PRO D 535 -12.64 -28.57 -3.37
CA PRO D 535 -13.06 -28.79 -4.76
C PRO D 535 -12.23 -29.87 -5.48
N PRO D 536 -12.69 -30.39 -6.65
CA PRO D 536 -11.90 -31.41 -7.36
C PRO D 536 -10.45 -31.01 -7.58
N ALA D 537 -9.52 -31.99 -7.46
CA ALA D 537 -8.08 -31.77 -7.64
C ALA D 537 -7.78 -31.14 -9.00
N GLU D 538 -8.67 -31.38 -9.99
CA GLU D 538 -8.57 -30.84 -11.34
C GLU D 538 -8.67 -29.31 -11.29
N VAL D 539 -9.66 -28.78 -10.54
CA VAL D 539 -9.91 -27.34 -10.36
C VAL D 539 -8.66 -26.66 -9.76
N THR D 540 -8.11 -27.25 -8.67
CA THR D 540 -6.93 -26.76 -7.97
C THR D 540 -5.70 -26.72 -8.88
N THR D 541 -5.48 -27.76 -9.70
CA THR D 541 -4.36 -27.85 -10.62
C THR D 541 -4.44 -26.77 -11.71
N LYS D 542 -5.60 -26.64 -12.37
CA LYS D 542 -5.85 -25.66 -13.45
C LYS D 542 -5.57 -24.22 -13.04
N SER D 543 -5.98 -23.85 -11.82
CA SER D 543 -5.88 -22.50 -11.28
C SER D 543 -4.46 -22.01 -10.94
N GLN D 544 -3.51 -22.92 -10.69
CA GLN D 544 -2.13 -22.60 -10.30
C GLN D 544 -1.47 -21.51 -11.15
N ILE D 545 -1.37 -21.72 -12.48
CA ILE D 545 -0.79 -20.75 -13.42
C ILE D 545 -1.58 -19.41 -13.33
N PRO D 546 -2.93 -19.40 -13.55
CA PRO D 546 -3.68 -18.13 -13.42
C PRO D 546 -3.52 -17.42 -12.08
N LEU D 547 -3.46 -18.18 -10.96
CA LEU D 547 -3.26 -17.62 -9.62
C LEU D 547 -1.90 -16.94 -9.54
N SER D 548 -0.86 -17.58 -10.12
CA SER D 548 0.50 -17.03 -10.15
C SER D 548 0.53 -15.68 -10.87
N LYS D 549 -0.20 -15.57 -12.01
CA LYS D 549 -0.29 -14.34 -12.81
C LYS D 549 -0.97 -13.22 -12.02
N ILE D 550 -1.97 -13.59 -11.20
CA ILE D 550 -2.73 -12.65 -10.37
C ILE D 550 -1.85 -12.09 -9.25
N LYS D 551 -1.02 -12.94 -8.61
CA LYS D 551 -0.12 -12.53 -7.52
C LYS D 551 0.87 -11.45 -7.94
N THR D 552 1.32 -11.50 -9.20
CA THR D 552 2.28 -10.56 -9.77
C THR D 552 1.59 -9.27 -10.24
N LEU D 553 0.39 -9.41 -10.84
CA LEU D 553 -0.37 -8.28 -11.37
C LEU D 553 -1.06 -7.43 -10.31
N PHE D 554 -1.49 -8.05 -9.20
CA PHE D 554 -2.18 -7.35 -8.13
C PHE D 554 -1.33 -7.17 -6.87
N PRO D 555 -0.74 -5.97 -6.66
CA PRO D 555 0.02 -5.74 -5.42
C PRO D 555 -0.90 -5.78 -4.18
N LEU D 556 -0.50 -6.60 -3.20
CA LEU D 556 -1.22 -6.84 -1.95
C LEU D 556 -0.24 -6.71 -0.79
N ILE D 557 -0.56 -5.83 0.19
CA ILE D 557 0.27 -5.61 1.38
C ILE D 557 -0.58 -5.13 2.57
N GLU D 558 -0.34 -5.72 3.76
CA GLU D 558 -1.07 -5.35 4.97
C GLU D 558 -0.61 -4.01 5.53
N ALA D 559 -1.58 -3.15 5.91
CA ALA D 559 -1.33 -1.82 6.48
C ALA D 559 -0.71 -1.93 7.87
N LYS D 560 0.33 -1.10 8.12
CA LYS D 560 1.07 -1.03 9.39
C LYS D 560 1.22 0.41 9.88
N LYS G 13 32.71 48.90 -10.07
CA LYS G 13 32.51 47.77 -9.16
C LYS G 13 32.21 48.28 -7.74
N PRO G 14 31.27 47.65 -6.96
CA PRO G 14 31.00 48.14 -5.58
C PRO G 14 32.25 48.53 -4.80
N ARG G 15 32.20 49.73 -4.22
CA ARG G 15 33.33 50.33 -3.50
C ARG G 15 33.00 50.64 -2.04
N GLY G 16 34.06 50.78 -1.23
CA GLY G 16 34.05 51.15 0.17
C GLY G 16 33.31 50.25 1.14
N LEU G 17 32.23 50.79 1.72
CA LEU G 17 31.37 50.15 2.70
C LEU G 17 30.71 48.90 2.12
N PHE G 18 30.41 48.95 0.82
CA PHE G 18 29.76 47.84 0.15
C PHE G 18 30.73 46.72 -0.28
N SER G 19 31.97 47.08 -0.65
CA SER G 19 33.03 46.14 -1.05
C SER G 19 33.33 45.07 0.02
N PRO J 14 -33.93 -46.76 0.95
CA PRO J 14 -32.93 -47.58 1.63
C PRO J 14 -33.50 -48.35 2.83
N ARG J 15 -33.19 -49.66 2.87
CA ARG J 15 -33.68 -50.58 3.88
C ARG J 15 -32.55 -51.25 4.70
N GLY J 16 -32.92 -51.73 5.88
CA GLY J 16 -32.09 -52.49 6.81
C GLY J 16 -30.86 -51.82 7.36
N LEU J 17 -29.70 -52.38 6.98
CA LEU J 17 -28.36 -51.93 7.39
C LEU J 17 -28.10 -50.50 6.94
N PHE J 18 -28.65 -50.13 5.79
CA PHE J 18 -28.45 -48.80 5.22
C PHE J 18 -29.38 -47.75 5.84
N SER J 19 -30.63 -48.13 6.20
CA SER J 19 -31.64 -47.26 6.81
C SER J 19 -31.16 -46.62 8.11
#